data_7HMB
# 
_entry.id   7HMB 
# 
_audit_conform.dict_name       mmcif_pdbx.dic 
_audit_conform.dict_version    5.399 
_audit_conform.dict_location   http://mmcif.pdb.org/dictionaries/ascii/mmcif_pdbx.dic 
# 
loop_
_database_2.database_id 
_database_2.database_code 
_database_2.pdbx_database_accession 
_database_2.pdbx_DOI 
PDB   7HMB         pdb_00007hmb 10.2210/pdb7hmb/pdb 
WWPDB D_1001407653 ?            ?                   
# 
_pdbx_audit_revision_history.ordinal             1 
_pdbx_audit_revision_history.data_content_type   'Structure model' 
_pdbx_audit_revision_history.major_revision      1 
_pdbx_audit_revision_history.minor_revision      0 
_pdbx_audit_revision_history.revision_date       2024-11-27 
# 
_pdbx_audit_revision_details.ordinal             1 
_pdbx_audit_revision_details.revision_ordinal    1 
_pdbx_audit_revision_details.data_content_type   'Structure model' 
_pdbx_audit_revision_details.provider            repository 
_pdbx_audit_revision_details.type                'Initial release' 
_pdbx_audit_revision_details.description         ? 
_pdbx_audit_revision_details.details             ? 
# 
_pdbx_database_status.entry_id                        7HMB 
_pdbx_database_status.status_code                     REL 
_pdbx_database_status.status_code_sf                  REL 
_pdbx_database_status.status_code_mr                  ? 
_pdbx_database_status.status_code_cs                  ? 
_pdbx_database_status.recvd_initial_deposition_date   2024-11-04 
_pdbx_database_status.status_code_nmr_data            ? 
_pdbx_database_status.deposit_site                    RCSB 
_pdbx_database_status.process_site                    RCSB 
_pdbx_database_status.SG_entry                        ? 
_pdbx_database_status.pdb_format_compatible           Y 
_pdbx_database_status.methods_development_category    ? 
# 
_pdbx_contact_author.id                 1 
_pdbx_contact_author.email              knapp@pharmchem.uni-frankfurt.de 
_pdbx_contact_author.name_first         Stefan 
_pdbx_contact_author.name_last          Knapp 
_pdbx_contact_author.role               'principal investigator/group leader' 
_pdbx_contact_author.identifier_ORCID   0000-0001-5995-6494 
_pdbx_contact_author.name_mi            ? 
# 
loop_
_audit_author.name 
_audit_author.pdbx_ordinal 
'Kim, Y.'                              1 
'Marples, P.'                          2 
'Fearon, D.'                           3 
'von Delft, F.'                        4 
'Knapp, S.'                            5 
'Kraemer, A.'                          6 
'Structural Genomics Consortium (SGC)' 7 
# 
_citation.id                        primary 
_citation.title                     'PanDDA analysis group deposition' 
_citation.journal_abbrev            'To Be Published' 
_citation.journal_volume            ? 
_citation.page_first                ? 
_citation.page_last                 ? 
_citation.year                      ? 
_citation.journal_id_ASTM           ? 
_citation.country                   ? 
_citation.journal_id_ISSN           ? 
_citation.journal_id_CSD            0353 
_citation.book_publisher            ? 
_citation.pdbx_database_id_PubMed   ? 
_citation.pdbx_database_id_DOI      ? 
# 
loop_
_citation_author.citation_id 
_citation_author.name 
_citation_author.identifier_ORCID 
_citation_author.ordinal 
primary 'Kim, Y.'                              ? 1 
primary 'Marples, P.'                          ? 2 
primary 'Fearon, D.'                           ? 3 
primary 'von Delft, F.'                        ? 4 
primary 'Knapp, S.'                            ? 5 
primary 'Kraemer, A.'                          ? 6 
primary 'Structural Genomics Consortium (SGC)' ? 7 
# 
loop_
_entity.id 
_entity.type 
_entity.src_method 
_entity.pdbx_description 
_entity.formula_weight 
_entity.pdbx_number_of_molecules 
_entity.pdbx_ec 
_entity.pdbx_mutation 
_entity.pdbx_fragment 
_entity.details 
1 polymer     man 'E3 ubiquitin-protein ligase TRIM21'              21596.361 1  2.3.2.27 ? ? ? 
2 non-polymer syn '[1-(4-chlorophenyl)-1,2,3-triazol-4-yl]methanol' 209.632   1  ?        ? ? ? 
3 non-polymer syn 1,2-ETHANEDIOL                                    62.068    1  ?        ? ? ? 
4 non-polymer syn 'SULFATE ION'                                     96.063    1  ?        ? ? ? 
5 water       nat water                                             18.015    19 ?        ? ? ? 
# 
_entity_name_com.entity_id   1 
_entity_name_com.name        
;52 kDa Ro protein,52 kDa ribonucleoprotein autoantigen Ro/SS-A,Ro(SS-A),Sjoegren syndrome type A antigen,SS-A,Tripartite motif-containing protein 21
;
# 
_entity_poly.entity_id                      1 
_entity_poly.type                           'polypeptide(L)' 
_entity_poly.nstd_linkage                   no 
_entity_poly.nstd_monomer                   no 
_entity_poly.pdbx_seq_one_letter_code       
;MHHHHHHMVHITLDRNTANSWLIISKDRRQVRMGDTHQNVSDNKERFSNYPMVLGAQRFSSGKMYWEVDVTQKEAWDLGV
CRDSVQRKGQFSLSPENGFWTIWLWQDSYEAGTSPQTTLHIQVPPCQIGIFVDYEAGVVSFYNITDHGSLIYTFSECVFA
GPLRPFFNVGFNYSGGNAAPLKLCPLKM
;
_entity_poly.pdbx_seq_one_letter_code_can   
;MHHHHHHMVHITLDRNTANSWLIISKDRRQVRMGDTHQNVSDNKERFSNYPMVLGAQRFSSGKMYWEVDVTQKEAWDLGV
CRDSVQRKGQFSLSPENGFWTIWLWQDSYEAGTSPQTTLHIQVPPCQIGIFVDYEAGVVSFYNITDHGSLIYTFSECVFA
GPLRPFFNVGFNYSGGNAAPLKLCPLKM
;
_entity_poly.pdbx_strand_id                 B 
_entity_poly.pdbx_target_identifier         ? 
# 
loop_
_pdbx_entity_nonpoly.entity_id 
_pdbx_entity_nonpoly.name 
_pdbx_entity_nonpoly.comp_id 
2 '[1-(4-chlorophenyl)-1,2,3-triazol-4-yl]methanol' B1J 
3 1,2-ETHANEDIOL                                    EDO 
4 'SULFATE ION'                                     SO4 
5 water                                             HOH 
# 
loop_
_entity_poly_seq.entity_id 
_entity_poly_seq.num 
_entity_poly_seq.mon_id 
_entity_poly_seq.hetero 
1 1   MET n 
1 2   HIS n 
1 3   HIS n 
1 4   HIS n 
1 5   HIS n 
1 6   HIS n 
1 7   HIS n 
1 8   MET n 
1 9   VAL n 
1 10  HIS n 
1 11  ILE n 
1 12  THR n 
1 13  LEU n 
1 14  ASP n 
1 15  ARG n 
1 16  ASN n 
1 17  THR n 
1 18  ALA n 
1 19  ASN n 
1 20  SER n 
1 21  TRP n 
1 22  LEU n 
1 23  ILE n 
1 24  ILE n 
1 25  SER n 
1 26  LYS n 
1 27  ASP n 
1 28  ARG n 
1 29  ARG n 
1 30  GLN n 
1 31  VAL n 
1 32  ARG n 
1 33  MET n 
1 34  GLY n 
1 35  ASP n 
1 36  THR n 
1 37  HIS n 
1 38  GLN n 
1 39  ASN n 
1 40  VAL n 
1 41  SER n 
1 42  ASP n 
1 43  ASN n 
1 44  LYS n 
1 45  GLU n 
1 46  ARG n 
1 47  PHE n 
1 48  SER n 
1 49  ASN n 
1 50  TYR n 
1 51  PRO n 
1 52  MET n 
1 53  VAL n 
1 54  LEU n 
1 55  GLY n 
1 56  ALA n 
1 57  GLN n 
1 58  ARG n 
1 59  PHE n 
1 60  SER n 
1 61  SER n 
1 62  GLY n 
1 63  LYS n 
1 64  MET n 
1 65  TYR n 
1 66  TRP n 
1 67  GLU n 
1 68  VAL n 
1 69  ASP n 
1 70  VAL n 
1 71  THR n 
1 72  GLN n 
1 73  LYS n 
1 74  GLU n 
1 75  ALA n 
1 76  TRP n 
1 77  ASP n 
1 78  LEU n 
1 79  GLY n 
1 80  VAL n 
1 81  CYS n 
1 82  ARG n 
1 83  ASP n 
1 84  SER n 
1 85  VAL n 
1 86  GLN n 
1 87  ARG n 
1 88  LYS n 
1 89  GLY n 
1 90  GLN n 
1 91  PHE n 
1 92  SER n 
1 93  LEU n 
1 94  SER n 
1 95  PRO n 
1 96  GLU n 
1 97  ASN n 
1 98  GLY n 
1 99  PHE n 
1 100 TRP n 
1 101 THR n 
1 102 ILE n 
1 103 TRP n 
1 104 LEU n 
1 105 TRP n 
1 106 GLN n 
1 107 ASP n 
1 108 SER n 
1 109 TYR n 
1 110 GLU n 
1 111 ALA n 
1 112 GLY n 
1 113 THR n 
1 114 SER n 
1 115 PRO n 
1 116 GLN n 
1 117 THR n 
1 118 THR n 
1 119 LEU n 
1 120 HIS n 
1 121 ILE n 
1 122 GLN n 
1 123 VAL n 
1 124 PRO n 
1 125 PRO n 
1 126 CYS n 
1 127 GLN n 
1 128 ILE n 
1 129 GLY n 
1 130 ILE n 
1 131 PHE n 
1 132 VAL n 
1 133 ASP n 
1 134 TYR n 
1 135 GLU n 
1 136 ALA n 
1 137 GLY n 
1 138 VAL n 
1 139 VAL n 
1 140 SER n 
1 141 PHE n 
1 142 TYR n 
1 143 ASN n 
1 144 ILE n 
1 145 THR n 
1 146 ASP n 
1 147 HIS n 
1 148 GLY n 
1 149 SER n 
1 150 LEU n 
1 151 ILE n 
1 152 TYR n 
1 153 THR n 
1 154 PHE n 
1 155 SER n 
1 156 GLU n 
1 157 CYS n 
1 158 VAL n 
1 159 PHE n 
1 160 ALA n 
1 161 GLY n 
1 162 PRO n 
1 163 LEU n 
1 164 ARG n 
1 165 PRO n 
1 166 PHE n 
1 167 PHE n 
1 168 ASN n 
1 169 VAL n 
1 170 GLY n 
1 171 PHE n 
1 172 ASN n 
1 173 TYR n 
1 174 SER n 
1 175 GLY n 
1 176 GLY n 
1 177 ASN n 
1 178 ALA n 
1 179 ALA n 
1 180 PRO n 
1 181 LEU n 
1 182 LYS n 
1 183 LEU n 
1 184 CYS n 
1 185 PRO n 
1 186 LEU n 
1 187 LYS n 
1 188 MET n 
# 
_entity_src_gen.entity_id                          1 
_entity_src_gen.pdbx_src_id                        1 
_entity_src_gen.pdbx_alt_source_flag               sample 
_entity_src_gen.pdbx_seq_type                      'Biological sequence' 
_entity_src_gen.pdbx_beg_seq_num                   1 
_entity_src_gen.pdbx_end_seq_num                   188 
_entity_src_gen.gene_src_common_name               'house mouse' 
_entity_src_gen.gene_src_genus                     ? 
_entity_src_gen.pdbx_gene_src_gene                 'Trim21, Ro52, Ssa1' 
_entity_src_gen.gene_src_species                   ? 
_entity_src_gen.gene_src_strain                    ? 
_entity_src_gen.gene_src_tissue                    ? 
_entity_src_gen.gene_src_tissue_fraction           ? 
_entity_src_gen.gene_src_details                   ? 
_entity_src_gen.pdbx_gene_src_fragment             ? 
_entity_src_gen.pdbx_gene_src_scientific_name      'Mus musculus' 
_entity_src_gen.pdbx_gene_src_ncbi_taxonomy_id     10090 
_entity_src_gen.pdbx_gene_src_variant              ? 
_entity_src_gen.pdbx_gene_src_cell_line            ? 
_entity_src_gen.pdbx_gene_src_atcc                 ? 
_entity_src_gen.pdbx_gene_src_organ                ? 
_entity_src_gen.pdbx_gene_src_organelle            ? 
_entity_src_gen.pdbx_gene_src_cell                 ? 
_entity_src_gen.pdbx_gene_src_cellular_location    ? 
_entity_src_gen.host_org_common_name               ? 
_entity_src_gen.pdbx_host_org_scientific_name      'Escherichia coli' 
_entity_src_gen.pdbx_host_org_ncbi_taxonomy_id     562 
_entity_src_gen.host_org_genus                     ? 
_entity_src_gen.pdbx_host_org_gene                 ? 
_entity_src_gen.pdbx_host_org_organ                ? 
_entity_src_gen.host_org_species                   ? 
_entity_src_gen.pdbx_host_org_tissue               ? 
_entity_src_gen.pdbx_host_org_tissue_fraction      ? 
_entity_src_gen.pdbx_host_org_strain               ? 
_entity_src_gen.pdbx_host_org_variant              ? 
_entity_src_gen.pdbx_host_org_cell_line            ? 
_entity_src_gen.pdbx_host_org_atcc                 ? 
_entity_src_gen.pdbx_host_org_culture_collection   ? 
_entity_src_gen.pdbx_host_org_cell                 ? 
_entity_src_gen.pdbx_host_org_organelle            ? 
_entity_src_gen.pdbx_host_org_cellular_location    ? 
_entity_src_gen.pdbx_host_org_vector_type          ? 
_entity_src_gen.pdbx_host_org_vector               ? 
_entity_src_gen.host_org_details                   ? 
_entity_src_gen.expression_system_id               ? 
_entity_src_gen.plasmid_name                       ? 
_entity_src_gen.plasmid_details                    ? 
_entity_src_gen.pdbx_description                   ? 
# 
loop_
_chem_comp.id 
_chem_comp.type 
_chem_comp.mon_nstd_flag 
_chem_comp.name 
_chem_comp.pdbx_synonyms 
_chem_comp.formula 
_chem_comp.formula_weight 
ALA 'L-peptide linking' y ALANINE                                           ?                 'C3 H7 N O2'     89.093  
ARG 'L-peptide linking' y ARGININE                                          ?                 'C6 H15 N4 O2 1' 175.209 
ASN 'L-peptide linking' y ASPARAGINE                                        ?                 'C4 H8 N2 O3'    132.118 
ASP 'L-peptide linking' y 'ASPARTIC ACID'                                   ?                 'C4 H7 N O4'     133.103 
B1J non-polymer         . '[1-(4-chlorophenyl)-1,2,3-triazol-4-yl]methanol' ?                 'C9 H8 Cl N3 O'  209.632 
CYS 'L-peptide linking' y CYSTEINE                                          ?                 'C3 H7 N O2 S'   121.158 
EDO non-polymer         . 1,2-ETHANEDIOL                                    'ETHYLENE GLYCOL' 'C2 H6 O2'       62.068  
GLN 'L-peptide linking' y GLUTAMINE                                         ?                 'C5 H10 N2 O3'   146.144 
GLU 'L-peptide linking' y 'GLUTAMIC ACID'                                   ?                 'C5 H9 N O4'     147.129 
GLY 'peptide linking'   y GLYCINE                                           ?                 'C2 H5 N O2'     75.067  
HIS 'L-peptide linking' y HISTIDINE                                         ?                 'C6 H10 N3 O2 1' 156.162 
HOH non-polymer         . WATER                                             ?                 'H2 O'           18.015  
ILE 'L-peptide linking' y ISOLEUCINE                                        ?                 'C6 H13 N O2'    131.173 
LEU 'L-peptide linking' y LEUCINE                                           ?                 'C6 H13 N O2'    131.173 
LYS 'L-peptide linking' y LYSINE                                            ?                 'C6 H15 N2 O2 1' 147.195 
MET 'L-peptide linking' y METHIONINE                                        ?                 'C5 H11 N O2 S'  149.211 
PHE 'L-peptide linking' y PHENYLALANINE                                     ?                 'C9 H11 N O2'    165.189 
PRO 'L-peptide linking' y PROLINE                                           ?                 'C5 H9 N O2'     115.130 
SER 'L-peptide linking' y SERINE                                            ?                 'C3 H7 N O3'     105.093 
SO4 non-polymer         . 'SULFATE ION'                                     ?                 'O4 S -2'        96.063  
THR 'L-peptide linking' y THREONINE                                         ?                 'C4 H9 N O3'     119.119 
TRP 'L-peptide linking' y TRYPTOPHAN                                        ?                 'C11 H12 N2 O2'  204.225 
TYR 'L-peptide linking' y TYROSINE                                          ?                 'C9 H11 N O3'    181.189 
VAL 'L-peptide linking' y VALINE                                            ?                 'C5 H11 N O2'    117.146 
# 
loop_
_pdbx_poly_seq_scheme.asym_id 
_pdbx_poly_seq_scheme.entity_id 
_pdbx_poly_seq_scheme.seq_id 
_pdbx_poly_seq_scheme.mon_id 
_pdbx_poly_seq_scheme.ndb_seq_num 
_pdbx_poly_seq_scheme.pdb_seq_num 
_pdbx_poly_seq_scheme.auth_seq_num 
_pdbx_poly_seq_scheme.pdb_mon_id 
_pdbx_poly_seq_scheme.auth_mon_id 
_pdbx_poly_seq_scheme.pdb_strand_id 
_pdbx_poly_seq_scheme.pdb_ins_code 
_pdbx_poly_seq_scheme.hetero 
A 1 1   MET 1   7   ?   ?   ?   B . n 
A 1 2   HIS 2   8   8   HIS HIS B . n 
A 1 3   HIS 3   9   9   HIS HIS B . n 
A 1 4   HIS 4   10  10  HIS HIS B . n 
A 1 5   HIS 5   11  11  HIS HIS B . n 
A 1 6   HIS 6   12  12  HIS HIS B . n 
A 1 7   HIS 7   13  13  HIS HIS B . n 
A 1 8   MET 8   14  14  MET MET B . n 
A 1 9   VAL 9   15  15  VAL VAL B . n 
A 1 10  HIS 10  16  16  HIS HIS B . n 
A 1 11  ILE 11  17  17  ILE ILE B . n 
A 1 12  THR 12  18  18  THR THR B . n 
A 1 13  LEU 13  19  19  LEU LEU B . n 
A 1 14  ASP 14  20  20  ASP ASP B . n 
A 1 15  ARG 15  21  21  ARG ARG B . n 
A 1 16  ASN 16  22  22  ASN ASN B . n 
A 1 17  THR 17  23  23  THR THR B . n 
A 1 18  ALA 18  24  24  ALA ALA B . n 
A 1 19  ASN 19  25  25  ASN ASN B . n 
A 1 20  SER 20  26  26  SER SER B . n 
A 1 21  TRP 21  27  27  TRP TRP B . n 
A 1 22  LEU 22  28  28  LEU LEU B . n 
A 1 23  ILE 23  29  29  ILE ILE B . n 
A 1 24  ILE 24  30  30  ILE ILE B . n 
A 1 25  SER 25  31  31  SER SER B . n 
A 1 26  LYS 26  32  32  LYS LYS B . n 
A 1 27  ASP 27  33  33  ASP ASP B . n 
A 1 28  ARG 28  34  34  ARG ARG B . n 
A 1 29  ARG 29  35  35  ARG ARG B . n 
A 1 30  GLN 30  36  36  GLN GLN B . n 
A 1 31  VAL 31  37  37  VAL VAL B . n 
A 1 32  ARG 32  38  38  ARG ARG B . n 
A 1 33  MET 33  39  39  MET MET B . n 
A 1 34  GLY 34  40  40  GLY GLY B . n 
A 1 35  ASP 35  41  41  ASP ASP B . n 
A 1 36  THR 36  42  42  THR THR B . n 
A 1 37  HIS 37  43  43  HIS HIS B . n 
A 1 38  GLN 38  44  44  GLN GLN B . n 
A 1 39  ASN 39  45  45  ASN ASN B . n 
A 1 40  VAL 40  46  46  VAL VAL B . n 
A 1 41  SER 41  47  47  SER SER B . n 
A 1 42  ASP 42  48  48  ASP ASP B . n 
A 1 43  ASN 43  49  49  ASN ASN B . n 
A 1 44  LYS 44  50  50  LYS LYS B . n 
A 1 45  GLU 45  51  51  GLU GLU B . n 
A 1 46  ARG 46  52  52  ARG ARG B . n 
A 1 47  PHE 47  53  53  PHE PHE B . n 
A 1 48  SER 48  54  54  SER SER B . n 
A 1 49  ASN 49  55  55  ASN ASN B . n 
A 1 50  TYR 50  56  56  TYR TYR B . n 
A 1 51  PRO 51  57  57  PRO PRO B . n 
A 1 52  MET 52  58  58  MET MET B . n 
A 1 53  VAL 53  59  59  VAL VAL B . n 
A 1 54  LEU 54  60  60  LEU LEU B . n 
A 1 55  GLY 55  61  61  GLY GLY B . n 
A 1 56  ALA 56  62  62  ALA ALA B . n 
A 1 57  GLN 57  63  63  GLN GLN B . n 
A 1 58  ARG 58  64  64  ARG ARG B . n 
A 1 59  PHE 59  65  65  PHE PHE B . n 
A 1 60  SER 60  66  66  SER SER B . n 
A 1 61  SER 61  67  67  SER SER B . n 
A 1 62  GLY 62  68  68  GLY GLY B . n 
A 1 63  LYS 63  69  69  LYS LYS B . n 
A 1 64  MET 64  70  70  MET MET B . n 
A 1 65  TYR 65  71  71  TYR TYR B . n 
A 1 66  TRP 66  72  72  TRP TRP B . n 
A 1 67  GLU 67  73  73  GLU GLU B . n 
A 1 68  VAL 68  74  74  VAL VAL B . n 
A 1 69  ASP 69  75  75  ASP ASP B . n 
A 1 70  VAL 70  76  76  VAL VAL B . n 
A 1 71  THR 71  77  77  THR THR B . n 
A 1 72  GLN 72  78  78  GLN GLN B . n 
A 1 73  LYS 73  79  79  LYS LYS B . n 
A 1 74  GLU 74  80  80  GLU GLU B . n 
A 1 75  ALA 75  81  81  ALA ALA B . n 
A 1 76  TRP 76  82  82  TRP TRP B . n 
A 1 77  ASP 77  83  83  ASP ASP B . n 
A 1 78  LEU 78  84  84  LEU LEU B . n 
A 1 79  GLY 79  85  85  GLY GLY B . n 
A 1 80  VAL 80  86  86  VAL VAL B . n 
A 1 81  CYS 81  87  87  CYS CYS B . n 
A 1 82  ARG 82  88  88  ARG ARG B . n 
A 1 83  ASP 83  89  89  ASP ASP B . n 
A 1 84  SER 84  90  90  SER SER B . n 
A 1 85  VAL 85  91  91  VAL VAL B . n 
A 1 86  GLN 86  92  92  GLN GLN B . n 
A 1 87  ARG 87  93  93  ARG ARG B . n 
A 1 88  LYS 88  94  94  LYS LYS B . n 
A 1 89  GLY 89  95  95  GLY GLY B . n 
A 1 90  GLN 90  96  96  GLN GLN B . n 
A 1 91  PHE 91  97  97  PHE PHE B . n 
A 1 92  SER 92  98  98  SER SER B . n 
A 1 93  LEU 93  99  99  LEU LEU B . n 
A 1 94  SER 94  100 100 SER SER B . n 
A 1 95  PRO 95  101 101 PRO PRO B . n 
A 1 96  GLU 96  102 102 GLU GLU B . n 
A 1 97  ASN 97  103 103 ASN ASN B . n 
A 1 98  GLY 98  104 104 GLY GLY B . n 
A 1 99  PHE 99  105 105 PHE PHE B . n 
A 1 100 TRP 100 106 106 TRP TRP B . n 
A 1 101 THR 101 107 107 THR THR B . n 
A 1 102 ILE 102 108 108 ILE ILE B . n 
A 1 103 TRP 103 109 109 TRP TRP B . n 
A 1 104 LEU 104 110 110 LEU LEU B . n 
A 1 105 TRP 105 111 111 TRP TRP B . n 
A 1 106 GLN 106 112 112 GLN GLN B . n 
A 1 107 ASP 107 113 113 ASP ASP B . n 
A 1 108 SER 108 114 114 SER SER B . n 
A 1 109 TYR 109 115 115 TYR TYR B . n 
A 1 110 GLU 110 116 116 GLU GLU B . n 
A 1 111 ALA 111 117 117 ALA ALA B . n 
A 1 112 GLY 112 118 118 GLY GLY B . n 
A 1 113 THR 113 119 119 THR THR B . n 
A 1 114 SER 114 120 120 SER SER B . n 
A 1 115 PRO 115 121 121 PRO PRO B . n 
A 1 116 GLN 116 122 122 GLN GLN B . n 
A 1 117 THR 117 123 123 THR THR B . n 
A 1 118 THR 118 124 124 THR THR B . n 
A 1 119 LEU 119 125 125 LEU LEU B . n 
A 1 120 HIS 120 126 126 HIS HIS B . n 
A 1 121 ILE 121 127 127 ILE ILE B . n 
A 1 122 GLN 122 128 128 GLN GLN B . n 
A 1 123 VAL 123 129 129 VAL VAL B . n 
A 1 124 PRO 124 130 130 PRO PRO B . n 
A 1 125 PRO 125 131 131 PRO PRO B . n 
A 1 126 CYS 126 132 132 CYS CYS B . n 
A 1 127 GLN 127 133 133 GLN GLN B . n 
A 1 128 ILE 128 134 134 ILE ILE B . n 
A 1 129 GLY 129 135 135 GLY GLY B . n 
A 1 130 ILE 130 136 136 ILE ILE B . n 
A 1 131 PHE 131 137 137 PHE PHE B . n 
A 1 132 VAL 132 138 138 VAL VAL B . n 
A 1 133 ASP 133 139 139 ASP ASP B . n 
A 1 134 TYR 134 140 140 TYR TYR B . n 
A 1 135 GLU 135 141 141 GLU GLU B . n 
A 1 136 ALA 136 142 142 ALA ALA B . n 
A 1 137 GLY 137 143 143 GLY GLY B . n 
A 1 138 VAL 138 144 144 VAL VAL B . n 
A 1 139 VAL 139 145 145 VAL VAL B . n 
A 1 140 SER 140 146 146 SER SER B . n 
A 1 141 PHE 141 147 147 PHE PHE B . n 
A 1 142 TYR 142 148 148 TYR TYR B . n 
A 1 143 ASN 143 149 149 ASN ASN B . n 
A 1 144 ILE 144 150 150 ILE ILE B . n 
A 1 145 THR 145 151 151 THR THR B . n 
A 1 146 ASP 146 152 152 ASP ASP B . n 
A 1 147 HIS 147 153 153 HIS HIS B . n 
A 1 148 GLY 148 154 154 GLY GLY B . n 
A 1 149 SER 149 155 155 SER SER B . n 
A 1 150 LEU 150 156 156 LEU LEU B . n 
A 1 151 ILE 151 157 157 ILE ILE B . n 
A 1 152 TYR 152 158 158 TYR TYR B . n 
A 1 153 THR 153 159 159 THR THR B . n 
A 1 154 PHE 154 160 160 PHE PHE B . n 
A 1 155 SER 155 161 161 SER SER B . n 
A 1 156 GLU 156 162 162 GLU GLU B . n 
A 1 157 CYS 157 163 163 CYS CYS B . n 
A 1 158 VAL 158 164 164 VAL VAL B . n 
A 1 159 PHE 159 165 165 PHE PHE B . n 
A 1 160 ALA 160 166 166 ALA ALA B . n 
A 1 161 GLY 161 167 167 GLY GLY B . n 
A 1 162 PRO 162 168 168 PRO PRO B . n 
A 1 163 LEU 163 169 169 LEU LEU B . n 
A 1 164 ARG 164 170 170 ARG ARG B . n 
A 1 165 PRO 165 171 171 PRO PRO B . n 
A 1 166 PHE 166 172 172 PHE PHE B . n 
A 1 167 PHE 167 173 173 PHE PHE B . n 
A 1 168 ASN 168 174 174 ASN ASN B . n 
A 1 169 VAL 169 175 175 VAL VAL B . n 
A 1 170 GLY 170 176 176 GLY GLY B . n 
A 1 171 PHE 171 177 177 PHE PHE B . n 
A 1 172 ASN 172 178 178 ASN ASN B . n 
A 1 173 TYR 173 179 179 TYR TYR B . n 
A 1 174 SER 174 180 180 SER SER B . n 
A 1 175 GLY 175 181 181 GLY GLY B . n 
A 1 176 GLY 176 182 182 GLY GLY B . n 
A 1 177 ASN 177 183 183 ASN ASN B . n 
A 1 178 ALA 178 184 184 ALA ALA B . n 
A 1 179 ALA 179 185 185 ALA ALA B . n 
A 1 180 PRO 180 186 186 PRO PRO B . n 
A 1 181 LEU 181 187 187 LEU LEU B . n 
A 1 182 LYS 182 188 188 LYS LYS B . n 
A 1 183 LEU 183 189 189 LEU LEU B . n 
A 1 184 CYS 184 190 190 CYS CYS B . n 
A 1 185 PRO 185 191 191 PRO PRO B . n 
A 1 186 LEU 186 192 192 LEU LEU B . n 
A 1 187 LYS 187 193 ?   ?   ?   B . n 
A 1 188 MET 188 194 ?   ?   ?   B . n 
# 
_pdbx_entity_instance_feature.ordinal        1 
_pdbx_entity_instance_feature.comp_id        B1J 
_pdbx_entity_instance_feature.asym_id        ? 
_pdbx_entity_instance_feature.seq_num        ? 
_pdbx_entity_instance_feature.auth_comp_id   B1J 
_pdbx_entity_instance_feature.auth_asym_id   ? 
_pdbx_entity_instance_feature.auth_seq_num   ? 
_pdbx_entity_instance_feature.feature_type   'SUBJECT OF INVESTIGATION' 
_pdbx_entity_instance_feature.details        ? 
# 
loop_
_pdbx_nonpoly_scheme.asym_id 
_pdbx_nonpoly_scheme.entity_id 
_pdbx_nonpoly_scheme.mon_id 
_pdbx_nonpoly_scheme.ndb_seq_num 
_pdbx_nonpoly_scheme.pdb_seq_num 
_pdbx_nonpoly_scheme.auth_seq_num 
_pdbx_nonpoly_scheme.pdb_mon_id 
_pdbx_nonpoly_scheme.auth_mon_id 
_pdbx_nonpoly_scheme.pdb_strand_id 
_pdbx_nonpoly_scheme.pdb_ins_code 
B 2 B1J 1  201 201 B1J LIG B . 
C 3 EDO 1  202 305 EDO EDO B . 
D 4 SO4 1  203 1   SO4 SO4 B . 
E 5 HOH 1  301 29  HOH HOH B . 
E 5 HOH 2  302 63  HOH HOH B . 
E 5 HOH 3  303 4   HOH HOH B . 
E 5 HOH 4  304 68  HOH HOH B . 
E 5 HOH 5  305 20  HOH HOH B . 
E 5 HOH 6  306 129 HOH HOH B . 
E 5 HOH 7  307 22  HOH HOH B . 
E 5 HOH 8  308 15  HOH HOH B . 
E 5 HOH 9  309 6   HOH HOH B . 
E 5 HOH 10 310 1   HOH HOH B . 
E 5 HOH 11 311 304 HOH HOH B . 
E 5 HOH 12 312 3   HOH HOH B . 
E 5 HOH 13 313 24  HOH HOH B . 
E 5 HOH 14 314 23  HOH HOH B . 
E 5 HOH 15 315 8   HOH HOH B . 
E 5 HOH 16 316 30  HOH HOH B . 
E 5 HOH 17 317 120 HOH HOH B . 
E 5 HOH 18 318 22  HOH HOH B . 
E 5 HOH 19 319 69  HOH HOH B . 
# 
loop_
_pdbx_unobs_or_zero_occ_atoms.id 
_pdbx_unobs_or_zero_occ_atoms.PDB_model_num 
_pdbx_unobs_or_zero_occ_atoms.polymer_flag 
_pdbx_unobs_or_zero_occ_atoms.occupancy_flag 
_pdbx_unobs_or_zero_occ_atoms.auth_asym_id 
_pdbx_unobs_or_zero_occ_atoms.auth_comp_id 
_pdbx_unobs_or_zero_occ_atoms.auth_seq_id 
_pdbx_unobs_or_zero_occ_atoms.PDB_ins_code 
_pdbx_unobs_or_zero_occ_atoms.auth_atom_id 
_pdbx_unobs_or_zero_occ_atoms.label_alt_id 
_pdbx_unobs_or_zero_occ_atoms.label_asym_id 
_pdbx_unobs_or_zero_occ_atoms.label_comp_id 
_pdbx_unobs_or_zero_occ_atoms.label_seq_id 
_pdbx_unobs_or_zero_occ_atoms.label_atom_id 
1 1 Y 1 B LEU 192 ? CG  ? A LEU 186 CG  
2 1 Y 1 B LEU 192 ? CD1 ? A LEU 186 CD1 
3 1 Y 1 B LEU 192 ? CD2 ? A LEU 186 CD2 
# 
loop_
_software.pdbx_ordinal 
_software.name 
_software.version 
_software.date 
_software.type 
_software.contact_author 
_software.contact_author_email 
_software.classification 
_software.location 
_software.language 
_software.citation_id 
1 REFMAC      5.8.0267 ?               program 'Garib N. Murshudov' garib@ysbl.york.ac.uk    refinement        
http://www.ccp4.ac.uk/dist/html/refmac5.html        Fortran_77 ? 
2 Aimless     0.7.7    23/04/21        program 'Phil Evans'         ?                        'data scaling'    
http://www.mrc-lmb.cam.ac.uk/harry/pre/aimless.html ?          ? 
3 PDB_EXTRACT 3.23     'SEP. 23, 2016' package PDB                  deposit@deposit.rcsb.org 'data extraction' 
http://sw-tools.pdb.org/apps/PDB_EXTRACT/           C++        ? 
4 XDS         .        ?               program ?                    ?                        'data reduction'  ? ?          ? 
5 REFMAC      .        ?               program ?                    ?                        phasing           ? ?          ? 
# 
_cell.entry_id           7HMB 
_cell.length_a           95.409 
_cell.length_b           95.409 
_cell.length_c           45.847 
_cell.angle_alpha        90.000 
_cell.angle_beta         90.000 
_cell.angle_gamma        90.000 
_cell.Z_PDB              8 
_cell.pdbx_unique_axis   ? 
# 
_symmetry.entry_id                         7HMB 
_symmetry.space_group_name_H-M             'I 4' 
_symmetry.pdbx_full_space_group_name_H-M   ? 
_symmetry.cell_setting                     ? 
_symmetry.Int_Tables_number                79 
# 
_exptl.crystals_number   1 
_exptl.entry_id          7HMB 
_exptl.method            'X-RAY DIFFRACTION' 
# 
_exptl_crystal.id                    1 
_exptl_crystal.pdbx_mosaicity        0.000 
_exptl_crystal.pdbx_mosaicity_esd    ? 
_exptl_crystal.density_Matthews      2.42 
_exptl_crystal.density_diffrn        ? 
_exptl_crystal.density_meas          ? 
_exptl_crystal.density_meas_temp     ? 
_exptl_crystal.density_percent_sol   49.08 
_exptl_crystal.size_max              ? 
_exptl_crystal.size_mid              ? 
_exptl_crystal.size_min              ? 
_exptl_crystal.size_rad              ? 
_exptl_crystal.description           ? 
# 
_exptl_crystal_grow.crystal_id      1 
_exptl_crystal_grow.method          'VAPOR DIFFUSION, SITTING DROP' 
_exptl_crystal_grow.pH              8 
_exptl_crystal_grow.temp            293 
_exptl_crystal_grow.pdbx_details    '4 % PEG 400, 2 M AmmSO4, 0.1 M HEPES pH 8' 
_exptl_crystal_grow.temp_details    ? 
_exptl_crystal_grow.pdbx_pH_range   ? 
# 
_diffrn.id                     1 
_diffrn.ambient_temp           100 
_diffrn.crystal_id             1 
_diffrn.ambient_temp_details   ? 
# 
_diffrn_detector.detector               PIXEL 
_diffrn_detector.type                   'DECTRIS EIGER2 XE 9M' 
_diffrn_detector.pdbx_collection_date   2024-05-23 
_diffrn_detector.diffrn_id              1 
_diffrn_detector.details                ? 
# 
_diffrn_radiation.diffrn_id                        1 
_diffrn_radiation.wavelength_id                    1 
_diffrn_radiation.pdbx_diffrn_protocol             'SINGLE WAVELENGTH' 
_diffrn_radiation.pdbx_monochromatic_or_laue_m_l   ? 
_diffrn_radiation.monochromator                    ? 
_diffrn_radiation.pdbx_scattering_type             x-ray 
# 
_diffrn_radiation_wavelength.id           1 
_diffrn_radiation_wavelength.wavelength   0.92124 
_diffrn_radiation_wavelength.wt           1.0 
# 
_diffrn_source.diffrn_id                   1 
_diffrn_source.source                      SYNCHROTRON 
_diffrn_source.type                        'DIAMOND BEAMLINE I04-1' 
_diffrn_source.pdbx_wavelength_list        0.92124 
_diffrn_source.pdbx_synchrotron_site       Diamond 
_diffrn_source.pdbx_synchrotron_beamline   I04-1 
_diffrn_source.pdbx_wavelength             ? 
# 
_reflns.entry_id                     7HMB 
_reflns.pdbx_diffrn_id               1 
_reflns.pdbx_ordinal                 1 
_reflns.observed_criterion_sigma_I   ? 
_reflns.observed_criterion_sigma_F   ? 
_reflns.d_resolution_low             67.450 
_reflns.d_resolution_high            1.360 
_reflns.number_obs                   44412 
_reflns.number_all                   ? 
_reflns.percent_possible_obs         100.000 
_reflns.pdbx_Rmerge_I_obs            0.104 
_reflns.pdbx_Rsym_value              ? 
_reflns.pdbx_netI_over_sigmaI        11.800 
_reflns.B_iso_Wilson_estimate        ? 
_reflns.pdbx_redundancy              12.000 
_reflns.pdbx_Rrim_I_all              0.109 
_reflns.pdbx_Rpim_I_all              0.030 
_reflns.pdbx_CC_half                 0.999 
_reflns.pdbx_netI_over_av_sigmaI     ? 
_reflns.pdbx_number_measured_all     534013 
_reflns.pdbx_scaling_rejects         0 
_reflns.pdbx_chi_squared             ? 
_reflns.Rmerge_F_all                 ? 
_reflns.Rmerge_F_obs                 ? 
_reflns.observed_criterion_F_max     ? 
_reflns.observed_criterion_F_min     ? 
_reflns.observed_criterion_I_max     ? 
_reflns.observed_criterion_I_min     ? 
_reflns.pdbx_d_res_high_opt          ? 
_reflns.pdbx_d_res_low_opt           ? 
_reflns.details                      ? 
# 
loop_
_reflns_shell.pdbx_diffrn_id 
_reflns_shell.pdbx_ordinal 
_reflns_shell.d_res_high 
_reflns_shell.d_res_low 
_reflns_shell.number_measured_obs 
_reflns_shell.number_measured_all 
_reflns_shell.number_unique_obs 
_reflns_shell.pdbx_rejects 
_reflns_shell.Rmerge_I_obs 
_reflns_shell.meanI_over_sigI_obs 
_reflns_shell.pdbx_Rsym_value 
_reflns_shell.pdbx_chi_squared 
_reflns_shell.pdbx_redundancy 
_reflns_shell.percent_possible_obs 
_reflns_shell.pdbx_netI_over_sigmaI_obs 
_reflns_shell.number_possible 
_reflns_shell.number_unique_all 
_reflns_shell.Rmerge_F_all 
_reflns_shell.Rmerge_F_obs 
_reflns_shell.Rmerge_I_all 
_reflns_shell.meanI_over_sigI_all 
_reflns_shell.percent_possible_all 
_reflns_shell.pdbx_Rrim_I_all 
_reflns_shell.pdbx_Rpim_I_all 
_reflns_shell.pdbx_CC_half 
1 1 1.360 1.380  ? 13723 2164 ? 2.478 ? ? ? 6.300  ? 0.400  ? ? ? ? ? ? 99.800 2.708 1.076 0.322 
1 2 7.450 67.450 ? 3653  303  ? 0.048 ? ? ? 12.100 ? 62.800 ? ? ? ? ? ? 99.900 0.050 0.015 1.000 
# 
_refine.entry_id                                 7HMB 
_refine.pdbx_refine_id                           'X-RAY DIFFRACTION' 
_refine.ls_d_res_high                            1.3600 
_refine.ls_d_res_low                             67.4600 
_refine.pdbx_ls_sigma_F                          0.000 
_refine.pdbx_data_cutoff_high_absF               ? 
_refine.pdbx_data_cutoff_low_absF                ? 
_refine.ls_percent_reflns_obs                    99.4600 
_refine.ls_number_reflns_obs                     42041 
_refine.ls_number_reflns_all                     ? 
_refine.pdbx_ls_cross_valid_method               THROUGHOUT 
_refine.ls_matrix_type                           ? 
_refine.pdbx_R_Free_selection_details            RANDOM 
_refine.details                                  
'HYDROGENS HAVE BEEN ADDED IN THE RIDING POSITIONS U VALUES      : REFINED INDIVIDUALLY' 
_refine.ls_R_factor_all                          ? 
_refine.ls_R_factor_obs                          0.1830 
_refine.ls_R_factor_R_work                       0.1818 
_refine.ls_wR_factor_R_work                      ? 
_refine.ls_R_factor_R_free                       0.2068 
_refine.ls_wR_factor_R_free                      ? 
_refine.ls_percent_reflns_R_free                 4.8000 
_refine.ls_number_reflns_R_free                  2139 
_refine.ls_number_reflns_R_work                  ? 
_refine.ls_R_factor_R_free_error                 ? 
_refine.B_iso_mean                               18.7550 
_refine.solvent_model_param_bsol                 ? 
_refine.solvent_model_param_ksol                 ? 
_refine.pdbx_isotropic_thermal_model             ? 
_refine.aniso_B[1][1]                            -0.0800 
_refine.aniso_B[2][2]                            -0.0800 
_refine.aniso_B[3][3]                            0.1600 
_refine.aniso_B[1][2]                            0.0000 
_refine.aniso_B[1][3]                            -0.0000 
_refine.aniso_B[2][3]                            -0.0000 
_refine.correlation_coeff_Fo_to_Fc               0.9690 
_refine.correlation_coeff_Fo_to_Fc_free          0.9570 
_refine.overall_SU_R_Cruickshank_DPI             ? 
_refine.pdbx_overall_SU_R_free_Cruickshank_DPI   ? 
_refine.pdbx_overall_SU_R_Blow_DPI               ? 
_refine.pdbx_overall_SU_R_free_Blow_DPI          ? 
_refine.overall_SU_R_free                        ? 
_refine.pdbx_overall_ESU_R                       0.0620 
_refine.pdbx_overall_ESU_R_Free                  0.0640 
_refine.overall_SU_ML                            0.0570 
_refine.overall_SU_B                             1.5570 
_refine.solvent_model_details                    MASK 
_refine.pdbx_solvent_vdw_probe_radii             1.2000 
_refine.pdbx_solvent_ion_probe_radii             0.8000 
_refine.pdbx_solvent_shrinkage_radii             0.8000 
_refine.ls_number_parameters                     ? 
_refine.ls_number_restraints                     ? 
_refine.pdbx_starting_model                      ? 
_refine.pdbx_method_to_determine_struct          'FOURIER SYNTHESIS' 
_refine.pdbx_stereochemistry_target_values       'MAXIMUM LIKELIHOOD' 
_refine.pdbx_stereochem_target_val_spec_case     ? 
_refine.overall_FOM_work_R_set                   ? 
_refine.B_iso_max                                83.380 
_refine.B_iso_min                                9.920 
_refine.pdbx_overall_phase_error                 ? 
_refine.occupancy_max                            ? 
_refine.occupancy_min                            ? 
_refine.pdbx_diffrn_id                           1 
_refine.pdbx_TLS_residual_ADP_flag               ? 
_refine.pdbx_ls_sigma_I                          ? 
_refine.pdbx_data_cutoff_high_rms_absF           ? 
_refine.ls_R_factor_R_free_error_details         ? 
# 
_refine_hist.cycle_id                         final 
_refine_hist.pdbx_refine_id                   'X-RAY DIFFRACTION' 
_refine_hist.d_res_high                       1.3600 
_refine_hist.d_res_low                        67.4600 
_refine_hist.pdbx_number_atoms_ligand         23 
_refine_hist.number_atoms_solvent             19 
_refine_hist.number_atoms_total               1535 
_refine_hist.pdbx_number_residues_total       185 
_refine_hist.pdbx_B_iso_mean_ligand           36.95 
_refine_hist.pdbx_B_iso_mean_solvent          23.79 
_refine_hist.pdbx_number_atoms_protein        1493 
_refine_hist.pdbx_number_atoms_nucleic_acid   0 
# 
loop_
_refine_ls_restr.pdbx_refine_id 
_refine_ls_restr.type 
_refine_ls_restr.number 
_refine_ls_restr.dev_ideal 
_refine_ls_restr.dev_ideal_target 
_refine_ls_restr.weight 
_refine_ls_restr.pdbx_restraint_function 
'X-RAY DIFFRACTION' r_bond_refined_d       2174 0.011  0.014  ? ? 
'X-RAY DIFFRACTION' r_bond_other_d         1626 0.001  0.015  ? ? 
'X-RAY DIFFRACTION' r_angle_refined_deg    2565 1.690  1.635  ? ? 
'X-RAY DIFFRACTION' r_angle_other_deg      3753 1.428  1.579  ? ? 
'X-RAY DIFFRACTION' r_dihedral_angle_1_deg 241  7.032  5.000  ? ? 
'X-RAY DIFFRACTION' r_dihedral_angle_2_deg 110  27.353 21.182 ? ? 
'X-RAY DIFFRACTION' r_dihedral_angle_3_deg 288  12.501 15.000 ? ? 
'X-RAY DIFFRACTION' r_dihedral_angle_4_deg 15   22.413 15.000 ? ? 
'X-RAY DIFFRACTION' r_chiral_restr         220  0.084  0.200  ? ? 
'X-RAY DIFFRACTION' r_gen_planes_refined   2293 0.011  0.020  ? ? 
'X-RAY DIFFRACTION' r_gen_planes_other     517  0.002  0.020  ? ? 
'X-RAY DIFFRACTION' r_mcbond_it            1092 1.423  1.821  ? ? 
'X-RAY DIFFRACTION' r_mcbond_other         961  1.496  1.648  ? ? 
'X-RAY DIFFRACTION' r_mcangle_it           1153 2.389  2.479  ? ? 
# 
_refine_ls_shell.d_res_high                       1.3600 
_refine_ls_shell.d_res_low                        1.3950 
_refine_ls_shell.pdbx_total_number_of_bins_used   20 
_refine_ls_shell.percent_reflns_obs               92.8900 
_refine_ls_shell.number_reflns_R_work             2899 
_refine_ls_shell.R_factor_all                     ? 
_refine_ls_shell.R_factor_R_work                  0.3530 
_refine_ls_shell.R_factor_R_free                  0.3340 
_refine_ls_shell.percent_reflns_R_free            ? 
_refine_ls_shell.number_reflns_R_free             131 
_refine_ls_shell.R_factor_R_free_error            ? 
_refine_ls_shell.number_reflns_all                3030 
_refine_ls_shell.number_reflns_obs                ? 
_refine_ls_shell.pdbx_refine_id                   'X-RAY DIFFRACTION' 
# 
_struct.entry_id                  7HMB 
_struct.title                     'PanDDA analysis group deposition -- Crystal Structure of TRIM21 in complex with Z1374778753' 
_struct.pdbx_model_details        ? 
_struct.pdbx_CASP_flag            ? 
_struct.pdbx_model_type_details   ? 
# 
_struct_keywords.entry_id        7HMB 
_struct_keywords.text            'SGC - Diamond I04-1 fragment screening, PanDDA, XChemExplorer, TRIM21, LIGASE' 
_struct_keywords.pdbx_keywords   LIGASE 
# 
loop_
_struct_asym.id 
_struct_asym.pdbx_blank_PDB_chainid_flag 
_struct_asym.pdbx_modified 
_struct_asym.entity_id 
_struct_asym.details 
A N N 1 ? 
B N N 2 ? 
C N N 3 ? 
D N N 4 ? 
E N N 5 ? 
# 
_struct_ref.id                         1 
_struct_ref.db_name                    UNP 
_struct_ref.db_code                    RO52_MOUSE 
_struct_ref.pdbx_db_accession          Q62191 
_struct_ref.pdbx_db_isoform            ? 
_struct_ref.entity_id                  1 
_struct_ref.pdbx_seq_one_letter_code   
;VHITLDRNTANSWLIISKDRRQVRMGDTHQNVSDNKERFSNYPMVLGAQRFSSGKMYWEVDVTQKEAWDLGVCRDSVQRK
GQFSLSPENGFWTIWLWQDSYEAGTSPQTTLHIQVPPCQIGIFVDYEAGVVSFYNITDHGSLIYTFSECVFAGPLRPFFN
VGFNYSGGNAAPLKLCPLKM
;
_struct_ref.pdbx_align_begin           291 
# 
_struct_ref_seq.align_id                      1 
_struct_ref_seq.ref_id                        1 
_struct_ref_seq.pdbx_PDB_id_code              7HMB 
_struct_ref_seq.pdbx_strand_id                B 
_struct_ref_seq.seq_align_beg                 9 
_struct_ref_seq.pdbx_seq_align_beg_ins_code   ? 
_struct_ref_seq.seq_align_end                 188 
_struct_ref_seq.pdbx_seq_align_end_ins_code   ? 
_struct_ref_seq.pdbx_db_accession             Q62191 
_struct_ref_seq.db_align_beg                  291 
_struct_ref_seq.pdbx_db_align_beg_ins_code    ? 
_struct_ref_seq.db_align_end                  470 
_struct_ref_seq.pdbx_db_align_end_ins_code    ? 
_struct_ref_seq.pdbx_auth_seq_align_beg       15 
_struct_ref_seq.pdbx_auth_seq_align_end       194 
# 
loop_
_struct_ref_seq_dif.align_id 
_struct_ref_seq_dif.pdbx_pdb_id_code 
_struct_ref_seq_dif.mon_id 
_struct_ref_seq_dif.pdbx_pdb_strand_id 
_struct_ref_seq_dif.seq_num 
_struct_ref_seq_dif.pdbx_pdb_ins_code 
_struct_ref_seq_dif.pdbx_seq_db_name 
_struct_ref_seq_dif.pdbx_seq_db_accession_code 
_struct_ref_seq_dif.db_mon_id 
_struct_ref_seq_dif.pdbx_seq_db_seq_num 
_struct_ref_seq_dif.details 
_struct_ref_seq_dif.pdbx_auth_seq_num 
_struct_ref_seq_dif.pdbx_ordinal 
1 7HMB MET B 1 ? UNP Q62191 ? ? 'initiating methionine' 7  1 
1 7HMB HIS B 2 ? UNP Q62191 ? ? 'expression tag'        8  2 
1 7HMB HIS B 3 ? UNP Q62191 ? ? 'expression tag'        9  3 
1 7HMB HIS B 4 ? UNP Q62191 ? ? 'expression tag'        10 4 
1 7HMB HIS B 5 ? UNP Q62191 ? ? 'expression tag'        11 5 
1 7HMB HIS B 6 ? UNP Q62191 ? ? 'expression tag'        12 6 
1 7HMB HIS B 7 ? UNP Q62191 ? ? 'expression tag'        13 7 
1 7HMB MET B 8 ? UNP Q62191 ? ? 'expression tag'        14 8 
# 
_pdbx_struct_assembly.id                   1 
_pdbx_struct_assembly.details              author_defined_assembly 
_pdbx_struct_assembly.method_details       ? 
_pdbx_struct_assembly.oligomeric_details   monomeric 
_pdbx_struct_assembly.oligomeric_count     1 
# 
_pdbx_struct_assembly_gen.assembly_id       1 
_pdbx_struct_assembly_gen.oper_expression   1 
_pdbx_struct_assembly_gen.asym_id_list      A,B,C,D,E 
# 
_pdbx_struct_oper_list.id                   1 
_pdbx_struct_oper_list.type                 'identity operation' 
_pdbx_struct_oper_list.name                 1_555 
_pdbx_struct_oper_list.symmetry_operation   x,y,z 
_pdbx_struct_oper_list.matrix[1][1]         1.0000000000 
_pdbx_struct_oper_list.matrix[1][2]         0.0000000000 
_pdbx_struct_oper_list.matrix[1][3]         0.0000000000 
_pdbx_struct_oper_list.vector[1]            0.0000000000 
_pdbx_struct_oper_list.matrix[2][1]         0.0000000000 
_pdbx_struct_oper_list.matrix[2][2]         1.0000000000 
_pdbx_struct_oper_list.matrix[2][3]         0.0000000000 
_pdbx_struct_oper_list.vector[2]            0.0000000000 
_pdbx_struct_oper_list.matrix[3][1]         0.0000000000 
_pdbx_struct_oper_list.matrix[3][2]         0.0000000000 
_pdbx_struct_oper_list.matrix[3][3]         1.0000000000 
_pdbx_struct_oper_list.vector[3]            0.0000000000 
# 
loop_
_struct_conf.conf_type_id 
_struct_conf.id 
_struct_conf.pdbx_PDB_helix_id 
_struct_conf.beg_label_comp_id 
_struct_conf.beg_label_asym_id 
_struct_conf.beg_label_seq_id 
_struct_conf.pdbx_beg_PDB_ins_code 
_struct_conf.end_label_comp_id 
_struct_conf.end_label_asym_id 
_struct_conf.end_label_seq_id 
_struct_conf.pdbx_end_PDB_ins_code 
_struct_conf.beg_auth_comp_id 
_struct_conf.beg_auth_asym_id 
_struct_conf.beg_auth_seq_id 
_struct_conf.end_auth_comp_id 
_struct_conf.end_auth_asym_id 
_struct_conf.end_auth_seq_id 
_struct_conf.pdbx_PDB_helix_class 
_struct_conf.details 
_struct_conf.pdbx_PDB_helix_length 
HELX_P HELX_P1 AA1 HIS A 4  ? MET A 8  ? HIS B 10  MET B 14  5 ? 5 
HELX_P HELX_P2 AA2 ASP A 14 ? ALA A 18 ? ASP B 20  ALA B 24  5 ? 5 
HELX_P HELX_P3 AA3 SER A 94 ? ASN A 97 ? SER B 100 ASN B 103 5 ? 4 
# 
_struct_conf_type.id          HELX_P 
_struct_conf_type.criteria    ? 
_struct_conf_type.reference   ? 
# 
_struct_mon_prot_cis.pdbx_id                1 
_struct_mon_prot_cis.label_comp_id          SER 
_struct_mon_prot_cis.label_seq_id           114 
_struct_mon_prot_cis.label_asym_id          A 
_struct_mon_prot_cis.label_alt_id           . 
_struct_mon_prot_cis.pdbx_PDB_ins_code      ? 
_struct_mon_prot_cis.auth_comp_id           SER 
_struct_mon_prot_cis.auth_seq_id            120 
_struct_mon_prot_cis.auth_asym_id           B 
_struct_mon_prot_cis.pdbx_label_comp_id_2   PRO 
_struct_mon_prot_cis.pdbx_label_seq_id_2    115 
_struct_mon_prot_cis.pdbx_label_asym_id_2   A 
_struct_mon_prot_cis.pdbx_PDB_ins_code_2    ? 
_struct_mon_prot_cis.pdbx_auth_comp_id_2    PRO 
_struct_mon_prot_cis.pdbx_auth_seq_id_2     121 
_struct_mon_prot_cis.pdbx_auth_asym_id_2    B 
_struct_mon_prot_cis.pdbx_PDB_model_num     1 
_struct_mon_prot_cis.pdbx_omega_angle       -0.51 
# 
loop_
_struct_sheet.id 
_struct_sheet.type 
_struct_sheet.number_strands 
_struct_sheet.details 
AA1 ? 7 ? 
AA2 ? 6 ? 
# 
loop_
_struct_sheet_order.sheet_id 
_struct_sheet_order.range_id_1 
_struct_sheet_order.range_id_2 
_struct_sheet_order.offset 
_struct_sheet_order.sense 
AA1 1 2 ? anti-parallel 
AA1 2 3 ? anti-parallel 
AA1 3 4 ? anti-parallel 
AA1 4 5 ? anti-parallel 
AA1 5 6 ? anti-parallel 
AA1 6 7 ? anti-parallel 
AA2 1 2 ? anti-parallel 
AA2 2 3 ? anti-parallel 
AA2 3 4 ? anti-parallel 
AA2 4 5 ? anti-parallel 
AA2 5 6 ? anti-parallel 
# 
loop_
_struct_sheet_range.sheet_id 
_struct_sheet_range.id 
_struct_sheet_range.beg_label_comp_id 
_struct_sheet_range.beg_label_asym_id 
_struct_sheet_range.beg_label_seq_id 
_struct_sheet_range.pdbx_beg_PDB_ins_code 
_struct_sheet_range.end_label_comp_id 
_struct_sheet_range.end_label_asym_id 
_struct_sheet_range.end_label_seq_id 
_struct_sheet_range.pdbx_end_PDB_ins_code 
_struct_sheet_range.beg_auth_comp_id 
_struct_sheet_range.beg_auth_asym_id 
_struct_sheet_range.beg_auth_seq_id 
_struct_sheet_range.end_auth_comp_id 
_struct_sheet_range.end_auth_asym_id 
_struct_sheet_range.end_auth_seq_id 
AA1 1 LEU A 22  ? ILE A 24  ? LEU B 28  ILE B 30  
AA1 2 GLN A 30  ? MET A 33  ? GLN B 36  MET B 39  
AA1 3 LEU A 181 ? LEU A 183 ? LEU B 187 LEU B 189 
AA1 4 LYS A 63  ? ASP A 69  ? LYS B 69  ASP B 75  
AA1 5 GLN A 127 ? ASP A 133 ? GLN B 133 ASP B 139 
AA1 6 VAL A 138 ? ASN A 143 ? VAL B 144 ASN B 149 
AA1 7 SER A 149 ? PHE A 154 ? SER B 155 PHE B 160 
AA2 1 MET A 52  ? LEU A 54  ? MET B 58  LEU B 60  
AA2 2 LEU A 163 ? ASN A 168 ? LEU B 169 ASN B 174 
AA2 3 TRP A 76  ? ARG A 82  ? TRP B 82  ARG B 88  
AA2 4 PHE A 99  ? TRP A 105 ? PHE B 105 TRP B 111 
AA2 5 SER A 108 ? ALA A 111 ? SER B 114 ALA B 117 
AA2 6 THR A 117 ? THR A 118 ? THR B 123 THR B 124 
# 
loop_
_pdbx_struct_sheet_hbond.sheet_id 
_pdbx_struct_sheet_hbond.range_id_1 
_pdbx_struct_sheet_hbond.range_id_2 
_pdbx_struct_sheet_hbond.range_1_label_atom_id 
_pdbx_struct_sheet_hbond.range_1_label_comp_id 
_pdbx_struct_sheet_hbond.range_1_label_asym_id 
_pdbx_struct_sheet_hbond.range_1_label_seq_id 
_pdbx_struct_sheet_hbond.range_1_PDB_ins_code 
_pdbx_struct_sheet_hbond.range_1_auth_atom_id 
_pdbx_struct_sheet_hbond.range_1_auth_comp_id 
_pdbx_struct_sheet_hbond.range_1_auth_asym_id 
_pdbx_struct_sheet_hbond.range_1_auth_seq_id 
_pdbx_struct_sheet_hbond.range_2_label_atom_id 
_pdbx_struct_sheet_hbond.range_2_label_comp_id 
_pdbx_struct_sheet_hbond.range_2_label_asym_id 
_pdbx_struct_sheet_hbond.range_2_label_seq_id 
_pdbx_struct_sheet_hbond.range_2_PDB_ins_code 
_pdbx_struct_sheet_hbond.range_2_auth_atom_id 
_pdbx_struct_sheet_hbond.range_2_auth_comp_id 
_pdbx_struct_sheet_hbond.range_2_auth_asym_id 
_pdbx_struct_sheet_hbond.range_2_auth_seq_id 
AA1 1 2 N ILE A 23  ? N ILE B 29  O ARG A 32  ? O ARG B 38  
AA1 2 3 N VAL A 31  ? N VAL B 37  O LEU A 181 ? O LEU B 187 
AA1 3 4 O LYS A 182 ? O LYS B 188 N ASP A 69  ? N ASP B 75  
AA1 4 5 N TRP A 66  ? N TRP B 72  O ILE A 130 ? O ILE B 136 
AA1 5 6 N PHE A 131 ? N PHE B 137 O SER A 140 ? O SER B 146 
AA1 6 7 N PHE A 141 ? N PHE B 147 O ILE A 151 ? O ILE B 157 
AA2 1 2 N VAL A 53  ? N VAL B 59  O PHE A 167 ? O PHE B 173 
AA2 2 3 O ARG A 164 ? O ARG B 170 N CYS A 81  ? N CYS B 87  
AA2 3 4 N VAL A 80  ? N VAL B 86  O TRP A 100 ? O TRP B 106 
AA2 4 5 N TRP A 105 ? N TRP B 111 O SER A 108 ? O SER B 114 
AA2 5 6 N ALA A 111 ? N ALA B 117 O THR A 117 ? O THR B 123 
# 
_pdbx_entry_details.entry_id                   7HMB 
_pdbx_entry_details.compound_details           ? 
_pdbx_entry_details.source_details             ? 
_pdbx_entry_details.nonpolymer_details         ? 
_pdbx_entry_details.sequence_details           ? 
_pdbx_entry_details.has_ligand_of_interest     Y 
_pdbx_entry_details.has_protein_modification   N 
# 
_pdbx_validate_rmsd_angle.id                         1 
_pdbx_validate_rmsd_angle.PDB_model_num              1 
_pdbx_validate_rmsd_angle.auth_atom_id_1             CG 
_pdbx_validate_rmsd_angle.auth_asym_id_1             B 
_pdbx_validate_rmsd_angle.auth_comp_id_1             ARG 
_pdbx_validate_rmsd_angle.auth_seq_id_1              64 
_pdbx_validate_rmsd_angle.PDB_ins_code_1             ? 
_pdbx_validate_rmsd_angle.label_alt_id_1             ? 
_pdbx_validate_rmsd_angle.auth_atom_id_2             CD 
_pdbx_validate_rmsd_angle.auth_asym_id_2             B 
_pdbx_validate_rmsd_angle.auth_comp_id_2             ARG 
_pdbx_validate_rmsd_angle.auth_seq_id_2              64 
_pdbx_validate_rmsd_angle.PDB_ins_code_2             ? 
_pdbx_validate_rmsd_angle.label_alt_id_2             ? 
_pdbx_validate_rmsd_angle.auth_atom_id_3             NE 
_pdbx_validate_rmsd_angle.auth_asym_id_3             B 
_pdbx_validate_rmsd_angle.auth_comp_id_3             ARG 
_pdbx_validate_rmsd_angle.auth_seq_id_3              64 
_pdbx_validate_rmsd_angle.PDB_ins_code_3             ? 
_pdbx_validate_rmsd_angle.label_alt_id_3             ? 
_pdbx_validate_rmsd_angle.angle_value                125.36 
_pdbx_validate_rmsd_angle.angle_target_value         111.80 
_pdbx_validate_rmsd_angle.angle_deviation            13.56 
_pdbx_validate_rmsd_angle.angle_standard_deviation   2.10 
_pdbx_validate_rmsd_angle.linker_flag                N 
# 
loop_
_pdbx_validate_torsion.id 
_pdbx_validate_torsion.PDB_model_num 
_pdbx_validate_torsion.auth_comp_id 
_pdbx_validate_torsion.auth_asym_id 
_pdbx_validate_torsion.auth_seq_id 
_pdbx_validate_torsion.PDB_ins_code 
_pdbx_validate_torsion.label_alt_id 
_pdbx_validate_torsion.phi 
_pdbx_validate_torsion.psi 
1 1 SER B 67  ? B 176.79  157.26 
2 1 ASP B 152 ? ? -103.79 53.00  
# 
_phasing.method   MR 
# 
loop_
_pdbx_unobs_or_zero_occ_residues.id 
_pdbx_unobs_or_zero_occ_residues.PDB_model_num 
_pdbx_unobs_or_zero_occ_residues.polymer_flag 
_pdbx_unobs_or_zero_occ_residues.occupancy_flag 
_pdbx_unobs_or_zero_occ_residues.auth_asym_id 
_pdbx_unobs_or_zero_occ_residues.auth_comp_id 
_pdbx_unobs_or_zero_occ_residues.auth_seq_id 
_pdbx_unobs_or_zero_occ_residues.PDB_ins_code 
_pdbx_unobs_or_zero_occ_residues.label_asym_id 
_pdbx_unobs_or_zero_occ_residues.label_comp_id 
_pdbx_unobs_or_zero_occ_residues.label_seq_id 
1 1 Y 1 B MET 7   ? A MET 1   
2 1 Y 1 B LYS 193 ? A LYS 187 
3 1 Y 1 B MET 194 ? A MET 188 
# 
loop_
_chem_comp_atom.comp_id 
_chem_comp_atom.atom_id 
_chem_comp_atom.type_symbol 
_chem_comp_atom.pdbx_aromatic_flag 
_chem_comp_atom.pdbx_stereo_config 
_chem_comp_atom.pdbx_ordinal 
ALA N    N  N N 1   
ALA CA   C  N S 2   
ALA C    C  N N 3   
ALA O    O  N N 4   
ALA CB   C  N N 5   
ALA OXT  O  N N 6   
ALA H    H  N N 7   
ALA H2   H  N N 8   
ALA HA   H  N N 9   
ALA HB1  H  N N 10  
ALA HB2  H  N N 11  
ALA HB3  H  N N 12  
ALA HXT  H  N N 13  
ARG N    N  N N 14  
ARG CA   C  N S 15  
ARG C    C  N N 16  
ARG O    O  N N 17  
ARG CB   C  N N 18  
ARG CG   C  N N 19  
ARG CD   C  N N 20  
ARG NE   N  N N 21  
ARG CZ   C  N N 22  
ARG NH1  N  N N 23  
ARG NH2  N  N N 24  
ARG OXT  O  N N 25  
ARG H    H  N N 26  
ARG H2   H  N N 27  
ARG HA   H  N N 28  
ARG HB2  H  N N 29  
ARG HB3  H  N N 30  
ARG HG2  H  N N 31  
ARG HG3  H  N N 32  
ARG HD2  H  N N 33  
ARG HD3  H  N N 34  
ARG HE   H  N N 35  
ARG HH11 H  N N 36  
ARG HH12 H  N N 37  
ARG HH21 H  N N 38  
ARG HH22 H  N N 39  
ARG HXT  H  N N 40  
ASN N    N  N N 41  
ASN CA   C  N S 42  
ASN C    C  N N 43  
ASN O    O  N N 44  
ASN CB   C  N N 45  
ASN CG   C  N N 46  
ASN OD1  O  N N 47  
ASN ND2  N  N N 48  
ASN OXT  O  N N 49  
ASN H    H  N N 50  
ASN H2   H  N N 51  
ASN HA   H  N N 52  
ASN HB2  H  N N 53  
ASN HB3  H  N N 54  
ASN HD21 H  N N 55  
ASN HD22 H  N N 56  
ASN HXT  H  N N 57  
ASP N    N  N N 58  
ASP CA   C  N S 59  
ASP C    C  N N 60  
ASP O    O  N N 61  
ASP CB   C  N N 62  
ASP CG   C  N N 63  
ASP OD1  O  N N 64  
ASP OD2  O  N N 65  
ASP OXT  O  N N 66  
ASP H    H  N N 67  
ASP H2   H  N N 68  
ASP HA   H  N N 69  
ASP HB2  H  N N 70  
ASP HB3  H  N N 71  
ASP HD2  H  N N 72  
ASP HXT  H  N N 73  
B1J N1   N  Y N 74  
B1J N3   N  Y N 75  
B1J C4   C  Y N 76  
B1J C5   C  Y N 77  
B1J C6   C  Y N 78  
B1J C7   C  Y N 79  
B1J C8   C  Y N 80  
B1J C1   C  Y N 81  
B1J C2   C  Y N 82  
B1J C3   C  Y N 83  
B1J N2   N  Y N 84  
B1J C9   C  N N 85  
B1J O1   O  N N 86  
B1J CL1  CL N N 87  
B1J H1   H  N N 88  
B1J H2   H  N N 89  
B1J H3   H  N N 90  
B1J H4   H  N N 91  
B1J H5   H  N N 92  
B1J H6   H  N N 93  
B1J H7   H  N N 94  
B1J H8   H  N N 95  
CYS N    N  N N 96  
CYS CA   C  N R 97  
CYS C    C  N N 98  
CYS O    O  N N 99  
CYS CB   C  N N 100 
CYS SG   S  N N 101 
CYS OXT  O  N N 102 
CYS H    H  N N 103 
CYS H2   H  N N 104 
CYS HA   H  N N 105 
CYS HB2  H  N N 106 
CYS HB3  H  N N 107 
CYS HG   H  N N 108 
CYS HXT  H  N N 109 
EDO C1   C  N N 110 
EDO O1   O  N N 111 
EDO C2   C  N N 112 
EDO O2   O  N N 113 
EDO H11  H  N N 114 
EDO H12  H  N N 115 
EDO HO1  H  N N 116 
EDO H21  H  N N 117 
EDO H22  H  N N 118 
EDO HO2  H  N N 119 
GLN N    N  N N 120 
GLN CA   C  N S 121 
GLN C    C  N N 122 
GLN O    O  N N 123 
GLN CB   C  N N 124 
GLN CG   C  N N 125 
GLN CD   C  N N 126 
GLN OE1  O  N N 127 
GLN NE2  N  N N 128 
GLN OXT  O  N N 129 
GLN H    H  N N 130 
GLN H2   H  N N 131 
GLN HA   H  N N 132 
GLN HB2  H  N N 133 
GLN HB3  H  N N 134 
GLN HG2  H  N N 135 
GLN HG3  H  N N 136 
GLN HE21 H  N N 137 
GLN HE22 H  N N 138 
GLN HXT  H  N N 139 
GLU N    N  N N 140 
GLU CA   C  N S 141 
GLU C    C  N N 142 
GLU O    O  N N 143 
GLU CB   C  N N 144 
GLU CG   C  N N 145 
GLU CD   C  N N 146 
GLU OE1  O  N N 147 
GLU OE2  O  N N 148 
GLU OXT  O  N N 149 
GLU H    H  N N 150 
GLU H2   H  N N 151 
GLU HA   H  N N 152 
GLU HB2  H  N N 153 
GLU HB3  H  N N 154 
GLU HG2  H  N N 155 
GLU HG3  H  N N 156 
GLU HE2  H  N N 157 
GLU HXT  H  N N 158 
GLY N    N  N N 159 
GLY CA   C  N N 160 
GLY C    C  N N 161 
GLY O    O  N N 162 
GLY OXT  O  N N 163 
GLY H    H  N N 164 
GLY H2   H  N N 165 
GLY HA2  H  N N 166 
GLY HA3  H  N N 167 
GLY HXT  H  N N 168 
HIS N    N  N N 169 
HIS CA   C  N S 170 
HIS C    C  N N 171 
HIS O    O  N N 172 
HIS CB   C  N N 173 
HIS CG   C  Y N 174 
HIS ND1  N  Y N 175 
HIS CD2  C  Y N 176 
HIS CE1  C  Y N 177 
HIS NE2  N  Y N 178 
HIS OXT  O  N N 179 
HIS H    H  N N 180 
HIS H2   H  N N 181 
HIS HA   H  N N 182 
HIS HB2  H  N N 183 
HIS HB3  H  N N 184 
HIS HD1  H  N N 185 
HIS HD2  H  N N 186 
HIS HE1  H  N N 187 
HIS HE2  H  N N 188 
HIS HXT  H  N N 189 
HOH O    O  N N 190 
HOH H1   H  N N 191 
HOH H2   H  N N 192 
ILE N    N  N N 193 
ILE CA   C  N S 194 
ILE C    C  N N 195 
ILE O    O  N N 196 
ILE CB   C  N S 197 
ILE CG1  C  N N 198 
ILE CG2  C  N N 199 
ILE CD1  C  N N 200 
ILE OXT  O  N N 201 
ILE H    H  N N 202 
ILE H2   H  N N 203 
ILE HA   H  N N 204 
ILE HB   H  N N 205 
ILE HG12 H  N N 206 
ILE HG13 H  N N 207 
ILE HG21 H  N N 208 
ILE HG22 H  N N 209 
ILE HG23 H  N N 210 
ILE HD11 H  N N 211 
ILE HD12 H  N N 212 
ILE HD13 H  N N 213 
ILE HXT  H  N N 214 
LEU N    N  N N 215 
LEU CA   C  N S 216 
LEU C    C  N N 217 
LEU O    O  N N 218 
LEU CB   C  N N 219 
LEU CG   C  N N 220 
LEU CD1  C  N N 221 
LEU CD2  C  N N 222 
LEU OXT  O  N N 223 
LEU H    H  N N 224 
LEU H2   H  N N 225 
LEU HA   H  N N 226 
LEU HB2  H  N N 227 
LEU HB3  H  N N 228 
LEU HG   H  N N 229 
LEU HD11 H  N N 230 
LEU HD12 H  N N 231 
LEU HD13 H  N N 232 
LEU HD21 H  N N 233 
LEU HD22 H  N N 234 
LEU HD23 H  N N 235 
LEU HXT  H  N N 236 
LYS N    N  N N 237 
LYS CA   C  N S 238 
LYS C    C  N N 239 
LYS O    O  N N 240 
LYS CB   C  N N 241 
LYS CG   C  N N 242 
LYS CD   C  N N 243 
LYS CE   C  N N 244 
LYS NZ   N  N N 245 
LYS OXT  O  N N 246 
LYS H    H  N N 247 
LYS H2   H  N N 248 
LYS HA   H  N N 249 
LYS HB2  H  N N 250 
LYS HB3  H  N N 251 
LYS HG2  H  N N 252 
LYS HG3  H  N N 253 
LYS HD2  H  N N 254 
LYS HD3  H  N N 255 
LYS HE2  H  N N 256 
LYS HE3  H  N N 257 
LYS HZ1  H  N N 258 
LYS HZ2  H  N N 259 
LYS HZ3  H  N N 260 
LYS HXT  H  N N 261 
MET N    N  N N 262 
MET CA   C  N S 263 
MET C    C  N N 264 
MET O    O  N N 265 
MET CB   C  N N 266 
MET CG   C  N N 267 
MET SD   S  N N 268 
MET CE   C  N N 269 
MET OXT  O  N N 270 
MET H    H  N N 271 
MET H2   H  N N 272 
MET HA   H  N N 273 
MET HB2  H  N N 274 
MET HB3  H  N N 275 
MET HG2  H  N N 276 
MET HG3  H  N N 277 
MET HE1  H  N N 278 
MET HE2  H  N N 279 
MET HE3  H  N N 280 
MET HXT  H  N N 281 
PHE N    N  N N 282 
PHE CA   C  N S 283 
PHE C    C  N N 284 
PHE O    O  N N 285 
PHE CB   C  N N 286 
PHE CG   C  Y N 287 
PHE CD1  C  Y N 288 
PHE CD2  C  Y N 289 
PHE CE1  C  Y N 290 
PHE CE2  C  Y N 291 
PHE CZ   C  Y N 292 
PHE OXT  O  N N 293 
PHE H    H  N N 294 
PHE H2   H  N N 295 
PHE HA   H  N N 296 
PHE HB2  H  N N 297 
PHE HB3  H  N N 298 
PHE HD1  H  N N 299 
PHE HD2  H  N N 300 
PHE HE1  H  N N 301 
PHE HE2  H  N N 302 
PHE HZ   H  N N 303 
PHE HXT  H  N N 304 
PRO N    N  N N 305 
PRO CA   C  N S 306 
PRO C    C  N N 307 
PRO O    O  N N 308 
PRO CB   C  N N 309 
PRO CG   C  N N 310 
PRO CD   C  N N 311 
PRO OXT  O  N N 312 
PRO H    H  N N 313 
PRO HA   H  N N 314 
PRO HB2  H  N N 315 
PRO HB3  H  N N 316 
PRO HG2  H  N N 317 
PRO HG3  H  N N 318 
PRO HD2  H  N N 319 
PRO HD3  H  N N 320 
PRO HXT  H  N N 321 
SER N    N  N N 322 
SER CA   C  N S 323 
SER C    C  N N 324 
SER O    O  N N 325 
SER CB   C  N N 326 
SER OG   O  N N 327 
SER OXT  O  N N 328 
SER H    H  N N 329 
SER H2   H  N N 330 
SER HA   H  N N 331 
SER HB2  H  N N 332 
SER HB3  H  N N 333 
SER HG   H  N N 334 
SER HXT  H  N N 335 
SO4 S    S  N N 336 
SO4 O1   O  N N 337 
SO4 O2   O  N N 338 
SO4 O3   O  N N 339 
SO4 O4   O  N N 340 
THR N    N  N N 341 
THR CA   C  N S 342 
THR C    C  N N 343 
THR O    O  N N 344 
THR CB   C  N R 345 
THR OG1  O  N N 346 
THR CG2  C  N N 347 
THR OXT  O  N N 348 
THR H    H  N N 349 
THR H2   H  N N 350 
THR HA   H  N N 351 
THR HB   H  N N 352 
THR HG1  H  N N 353 
THR HG21 H  N N 354 
THR HG22 H  N N 355 
THR HG23 H  N N 356 
THR HXT  H  N N 357 
TRP N    N  N N 358 
TRP CA   C  N S 359 
TRP C    C  N N 360 
TRP O    O  N N 361 
TRP CB   C  N N 362 
TRP CG   C  Y N 363 
TRP CD1  C  Y N 364 
TRP CD2  C  Y N 365 
TRP NE1  N  Y N 366 
TRP CE2  C  Y N 367 
TRP CE3  C  Y N 368 
TRP CZ2  C  Y N 369 
TRP CZ3  C  Y N 370 
TRP CH2  C  Y N 371 
TRP OXT  O  N N 372 
TRP H    H  N N 373 
TRP H2   H  N N 374 
TRP HA   H  N N 375 
TRP HB2  H  N N 376 
TRP HB3  H  N N 377 
TRP HD1  H  N N 378 
TRP HE1  H  N N 379 
TRP HE3  H  N N 380 
TRP HZ2  H  N N 381 
TRP HZ3  H  N N 382 
TRP HH2  H  N N 383 
TRP HXT  H  N N 384 
TYR N    N  N N 385 
TYR CA   C  N S 386 
TYR C    C  N N 387 
TYR O    O  N N 388 
TYR CB   C  N N 389 
TYR CG   C  Y N 390 
TYR CD1  C  Y N 391 
TYR CD2  C  Y N 392 
TYR CE1  C  Y N 393 
TYR CE2  C  Y N 394 
TYR CZ   C  Y N 395 
TYR OH   O  N N 396 
TYR OXT  O  N N 397 
TYR H    H  N N 398 
TYR H2   H  N N 399 
TYR HA   H  N N 400 
TYR HB2  H  N N 401 
TYR HB3  H  N N 402 
TYR HD1  H  N N 403 
TYR HD2  H  N N 404 
TYR HE1  H  N N 405 
TYR HE2  H  N N 406 
TYR HH   H  N N 407 
TYR HXT  H  N N 408 
VAL N    N  N N 409 
VAL CA   C  N S 410 
VAL C    C  N N 411 
VAL O    O  N N 412 
VAL CB   C  N N 413 
VAL CG1  C  N N 414 
VAL CG2  C  N N 415 
VAL OXT  O  N N 416 
VAL H    H  N N 417 
VAL H2   H  N N 418 
VAL HA   H  N N 419 
VAL HB   H  N N 420 
VAL HG11 H  N N 421 
VAL HG12 H  N N 422 
VAL HG13 H  N N 423 
VAL HG21 H  N N 424 
VAL HG22 H  N N 425 
VAL HG23 H  N N 426 
VAL HXT  H  N N 427 
# 
loop_
_chem_comp_bond.comp_id 
_chem_comp_bond.atom_id_1 
_chem_comp_bond.atom_id_2 
_chem_comp_bond.value_order 
_chem_comp_bond.pdbx_aromatic_flag 
_chem_comp_bond.pdbx_stereo_config 
_chem_comp_bond.pdbx_ordinal 
ALA N   CA   sing N N 1   
ALA N   H    sing N N 2   
ALA N   H2   sing N N 3   
ALA CA  C    sing N N 4   
ALA CA  CB   sing N N 5   
ALA CA  HA   sing N N 6   
ALA C   O    doub N N 7   
ALA C   OXT  sing N N 8   
ALA CB  HB1  sing N N 9   
ALA CB  HB2  sing N N 10  
ALA CB  HB3  sing N N 11  
ALA OXT HXT  sing N N 12  
ARG N   CA   sing N N 13  
ARG N   H    sing N N 14  
ARG N   H2   sing N N 15  
ARG CA  C    sing N N 16  
ARG CA  CB   sing N N 17  
ARG CA  HA   sing N N 18  
ARG C   O    doub N N 19  
ARG C   OXT  sing N N 20  
ARG CB  CG   sing N N 21  
ARG CB  HB2  sing N N 22  
ARG CB  HB3  sing N N 23  
ARG CG  CD   sing N N 24  
ARG CG  HG2  sing N N 25  
ARG CG  HG3  sing N N 26  
ARG CD  NE   sing N N 27  
ARG CD  HD2  sing N N 28  
ARG CD  HD3  sing N N 29  
ARG NE  CZ   sing N N 30  
ARG NE  HE   sing N N 31  
ARG CZ  NH1  sing N N 32  
ARG CZ  NH2  doub N N 33  
ARG NH1 HH11 sing N N 34  
ARG NH1 HH12 sing N N 35  
ARG NH2 HH21 sing N N 36  
ARG NH2 HH22 sing N N 37  
ARG OXT HXT  sing N N 38  
ASN N   CA   sing N N 39  
ASN N   H    sing N N 40  
ASN N   H2   sing N N 41  
ASN CA  C    sing N N 42  
ASN CA  CB   sing N N 43  
ASN CA  HA   sing N N 44  
ASN C   O    doub N N 45  
ASN C   OXT  sing N N 46  
ASN CB  CG   sing N N 47  
ASN CB  HB2  sing N N 48  
ASN CB  HB3  sing N N 49  
ASN CG  OD1  doub N N 50  
ASN CG  ND2  sing N N 51  
ASN ND2 HD21 sing N N 52  
ASN ND2 HD22 sing N N 53  
ASN OXT HXT  sing N N 54  
ASP N   CA   sing N N 55  
ASP N   H    sing N N 56  
ASP N   H2   sing N N 57  
ASP CA  C    sing N N 58  
ASP CA  CB   sing N N 59  
ASP CA  HA   sing N N 60  
ASP C   O    doub N N 61  
ASP C   OXT  sing N N 62  
ASP CB  CG   sing N N 63  
ASP CB  HB2  sing N N 64  
ASP CB  HB3  sing N N 65  
ASP CG  OD1  doub N N 66  
ASP CG  OD2  sing N N 67  
ASP OD2 HD2  sing N N 68  
ASP OXT HXT  sing N N 69  
B1J C2  C1   doub Y N 70  
B1J C2  C3   sing Y N 71  
B1J CL1 C3   sing N N 72  
B1J C1  C6   sing Y N 73  
B1J C3  C4   doub Y N 74  
B1J N3  N1   sing Y N 75  
B1J N3  N2   doub Y N 76  
B1J C6  N1   sing N N 77  
B1J C6  C5   doub Y N 78  
B1J C4  C5   sing Y N 79  
B1J N1  C7   sing Y N 80  
B1J N2  C8   sing Y N 81  
B1J C7  C8   doub Y N 82  
B1J C8  C9   sing N N 83  
B1J O1  C9   sing N N 84  
B1J C4  H1   sing N N 85  
B1J C5  H2   sing N N 86  
B1J C7  H3   sing N N 87  
B1J C1  H4   sing N N 88  
B1J C2  H5   sing N N 89  
B1J C9  H6   sing N N 90  
B1J C9  H7   sing N N 91  
B1J O1  H8   sing N N 92  
CYS N   CA   sing N N 93  
CYS N   H    sing N N 94  
CYS N   H2   sing N N 95  
CYS CA  C    sing N N 96  
CYS CA  CB   sing N N 97  
CYS CA  HA   sing N N 98  
CYS C   O    doub N N 99  
CYS C   OXT  sing N N 100 
CYS CB  SG   sing N N 101 
CYS CB  HB2  sing N N 102 
CYS CB  HB3  sing N N 103 
CYS SG  HG   sing N N 104 
CYS OXT HXT  sing N N 105 
EDO C1  O1   sing N N 106 
EDO C1  C2   sing N N 107 
EDO C1  H11  sing N N 108 
EDO C1  H12  sing N N 109 
EDO O1  HO1  sing N N 110 
EDO C2  O2   sing N N 111 
EDO C2  H21  sing N N 112 
EDO C2  H22  sing N N 113 
EDO O2  HO2  sing N N 114 
GLN N   CA   sing N N 115 
GLN N   H    sing N N 116 
GLN N   H2   sing N N 117 
GLN CA  C    sing N N 118 
GLN CA  CB   sing N N 119 
GLN CA  HA   sing N N 120 
GLN C   O    doub N N 121 
GLN C   OXT  sing N N 122 
GLN CB  CG   sing N N 123 
GLN CB  HB2  sing N N 124 
GLN CB  HB3  sing N N 125 
GLN CG  CD   sing N N 126 
GLN CG  HG2  sing N N 127 
GLN CG  HG3  sing N N 128 
GLN CD  OE1  doub N N 129 
GLN CD  NE2  sing N N 130 
GLN NE2 HE21 sing N N 131 
GLN NE2 HE22 sing N N 132 
GLN OXT HXT  sing N N 133 
GLU N   CA   sing N N 134 
GLU N   H    sing N N 135 
GLU N   H2   sing N N 136 
GLU CA  C    sing N N 137 
GLU CA  CB   sing N N 138 
GLU CA  HA   sing N N 139 
GLU C   O    doub N N 140 
GLU C   OXT  sing N N 141 
GLU CB  CG   sing N N 142 
GLU CB  HB2  sing N N 143 
GLU CB  HB3  sing N N 144 
GLU CG  CD   sing N N 145 
GLU CG  HG2  sing N N 146 
GLU CG  HG3  sing N N 147 
GLU CD  OE1  doub N N 148 
GLU CD  OE2  sing N N 149 
GLU OE2 HE2  sing N N 150 
GLU OXT HXT  sing N N 151 
GLY N   CA   sing N N 152 
GLY N   H    sing N N 153 
GLY N   H2   sing N N 154 
GLY CA  C    sing N N 155 
GLY CA  HA2  sing N N 156 
GLY CA  HA3  sing N N 157 
GLY C   O    doub N N 158 
GLY C   OXT  sing N N 159 
GLY OXT HXT  sing N N 160 
HIS N   CA   sing N N 161 
HIS N   H    sing N N 162 
HIS N   H2   sing N N 163 
HIS CA  C    sing N N 164 
HIS CA  CB   sing N N 165 
HIS CA  HA   sing N N 166 
HIS C   O    doub N N 167 
HIS C   OXT  sing N N 168 
HIS CB  CG   sing N N 169 
HIS CB  HB2  sing N N 170 
HIS CB  HB3  sing N N 171 
HIS CG  ND1  sing Y N 172 
HIS CG  CD2  doub Y N 173 
HIS ND1 CE1  doub Y N 174 
HIS ND1 HD1  sing N N 175 
HIS CD2 NE2  sing Y N 176 
HIS CD2 HD2  sing N N 177 
HIS CE1 NE2  sing Y N 178 
HIS CE1 HE1  sing N N 179 
HIS NE2 HE2  sing N N 180 
HIS OXT HXT  sing N N 181 
HOH O   H1   sing N N 182 
HOH O   H2   sing N N 183 
ILE N   CA   sing N N 184 
ILE N   H    sing N N 185 
ILE N   H2   sing N N 186 
ILE CA  C    sing N N 187 
ILE CA  CB   sing N N 188 
ILE CA  HA   sing N N 189 
ILE C   O    doub N N 190 
ILE C   OXT  sing N N 191 
ILE CB  CG1  sing N N 192 
ILE CB  CG2  sing N N 193 
ILE CB  HB   sing N N 194 
ILE CG1 CD1  sing N N 195 
ILE CG1 HG12 sing N N 196 
ILE CG1 HG13 sing N N 197 
ILE CG2 HG21 sing N N 198 
ILE CG2 HG22 sing N N 199 
ILE CG2 HG23 sing N N 200 
ILE CD1 HD11 sing N N 201 
ILE CD1 HD12 sing N N 202 
ILE CD1 HD13 sing N N 203 
ILE OXT HXT  sing N N 204 
LEU N   CA   sing N N 205 
LEU N   H    sing N N 206 
LEU N   H2   sing N N 207 
LEU CA  C    sing N N 208 
LEU CA  CB   sing N N 209 
LEU CA  HA   sing N N 210 
LEU C   O    doub N N 211 
LEU C   OXT  sing N N 212 
LEU CB  CG   sing N N 213 
LEU CB  HB2  sing N N 214 
LEU CB  HB3  sing N N 215 
LEU CG  CD1  sing N N 216 
LEU CG  CD2  sing N N 217 
LEU CG  HG   sing N N 218 
LEU CD1 HD11 sing N N 219 
LEU CD1 HD12 sing N N 220 
LEU CD1 HD13 sing N N 221 
LEU CD2 HD21 sing N N 222 
LEU CD2 HD22 sing N N 223 
LEU CD2 HD23 sing N N 224 
LEU OXT HXT  sing N N 225 
LYS N   CA   sing N N 226 
LYS N   H    sing N N 227 
LYS N   H2   sing N N 228 
LYS CA  C    sing N N 229 
LYS CA  CB   sing N N 230 
LYS CA  HA   sing N N 231 
LYS C   O    doub N N 232 
LYS C   OXT  sing N N 233 
LYS CB  CG   sing N N 234 
LYS CB  HB2  sing N N 235 
LYS CB  HB3  sing N N 236 
LYS CG  CD   sing N N 237 
LYS CG  HG2  sing N N 238 
LYS CG  HG3  sing N N 239 
LYS CD  CE   sing N N 240 
LYS CD  HD2  sing N N 241 
LYS CD  HD3  sing N N 242 
LYS CE  NZ   sing N N 243 
LYS CE  HE2  sing N N 244 
LYS CE  HE3  sing N N 245 
LYS NZ  HZ1  sing N N 246 
LYS NZ  HZ2  sing N N 247 
LYS NZ  HZ3  sing N N 248 
LYS OXT HXT  sing N N 249 
MET N   CA   sing N N 250 
MET N   H    sing N N 251 
MET N   H2   sing N N 252 
MET CA  C    sing N N 253 
MET CA  CB   sing N N 254 
MET CA  HA   sing N N 255 
MET C   O    doub N N 256 
MET C   OXT  sing N N 257 
MET CB  CG   sing N N 258 
MET CB  HB2  sing N N 259 
MET CB  HB3  sing N N 260 
MET CG  SD   sing N N 261 
MET CG  HG2  sing N N 262 
MET CG  HG3  sing N N 263 
MET SD  CE   sing N N 264 
MET CE  HE1  sing N N 265 
MET CE  HE2  sing N N 266 
MET CE  HE3  sing N N 267 
MET OXT HXT  sing N N 268 
PHE N   CA   sing N N 269 
PHE N   H    sing N N 270 
PHE N   H2   sing N N 271 
PHE CA  C    sing N N 272 
PHE CA  CB   sing N N 273 
PHE CA  HA   sing N N 274 
PHE C   O    doub N N 275 
PHE C   OXT  sing N N 276 
PHE CB  CG   sing N N 277 
PHE CB  HB2  sing N N 278 
PHE CB  HB3  sing N N 279 
PHE CG  CD1  doub Y N 280 
PHE CG  CD2  sing Y N 281 
PHE CD1 CE1  sing Y N 282 
PHE CD1 HD1  sing N N 283 
PHE CD2 CE2  doub Y N 284 
PHE CD2 HD2  sing N N 285 
PHE CE1 CZ   doub Y N 286 
PHE CE1 HE1  sing N N 287 
PHE CE2 CZ   sing Y N 288 
PHE CE2 HE2  sing N N 289 
PHE CZ  HZ   sing N N 290 
PHE OXT HXT  sing N N 291 
PRO N   CA   sing N N 292 
PRO N   CD   sing N N 293 
PRO N   H    sing N N 294 
PRO CA  C    sing N N 295 
PRO CA  CB   sing N N 296 
PRO CA  HA   sing N N 297 
PRO C   O    doub N N 298 
PRO C   OXT  sing N N 299 
PRO CB  CG   sing N N 300 
PRO CB  HB2  sing N N 301 
PRO CB  HB3  sing N N 302 
PRO CG  CD   sing N N 303 
PRO CG  HG2  sing N N 304 
PRO CG  HG3  sing N N 305 
PRO CD  HD2  sing N N 306 
PRO CD  HD3  sing N N 307 
PRO OXT HXT  sing N N 308 
SER N   CA   sing N N 309 
SER N   H    sing N N 310 
SER N   H2   sing N N 311 
SER CA  C    sing N N 312 
SER CA  CB   sing N N 313 
SER CA  HA   sing N N 314 
SER C   O    doub N N 315 
SER C   OXT  sing N N 316 
SER CB  OG   sing N N 317 
SER CB  HB2  sing N N 318 
SER CB  HB3  sing N N 319 
SER OG  HG   sing N N 320 
SER OXT HXT  sing N N 321 
SO4 S   O1   doub N N 322 
SO4 S   O2   doub N N 323 
SO4 S   O3   sing N N 324 
SO4 S   O4   sing N N 325 
THR N   CA   sing N N 326 
THR N   H    sing N N 327 
THR N   H2   sing N N 328 
THR CA  C    sing N N 329 
THR CA  CB   sing N N 330 
THR CA  HA   sing N N 331 
THR C   O    doub N N 332 
THR C   OXT  sing N N 333 
THR CB  OG1  sing N N 334 
THR CB  CG2  sing N N 335 
THR CB  HB   sing N N 336 
THR OG1 HG1  sing N N 337 
THR CG2 HG21 sing N N 338 
THR CG2 HG22 sing N N 339 
THR CG2 HG23 sing N N 340 
THR OXT HXT  sing N N 341 
TRP N   CA   sing N N 342 
TRP N   H    sing N N 343 
TRP N   H2   sing N N 344 
TRP CA  C    sing N N 345 
TRP CA  CB   sing N N 346 
TRP CA  HA   sing N N 347 
TRP C   O    doub N N 348 
TRP C   OXT  sing N N 349 
TRP CB  CG   sing N N 350 
TRP CB  HB2  sing N N 351 
TRP CB  HB3  sing N N 352 
TRP CG  CD1  doub Y N 353 
TRP CG  CD2  sing Y N 354 
TRP CD1 NE1  sing Y N 355 
TRP CD1 HD1  sing N N 356 
TRP CD2 CE2  doub Y N 357 
TRP CD2 CE3  sing Y N 358 
TRP NE1 CE2  sing Y N 359 
TRP NE1 HE1  sing N N 360 
TRP CE2 CZ2  sing Y N 361 
TRP CE3 CZ3  doub Y N 362 
TRP CE3 HE3  sing N N 363 
TRP CZ2 CH2  doub Y N 364 
TRP CZ2 HZ2  sing N N 365 
TRP CZ3 CH2  sing Y N 366 
TRP CZ3 HZ3  sing N N 367 
TRP CH2 HH2  sing N N 368 
TRP OXT HXT  sing N N 369 
TYR N   CA   sing N N 370 
TYR N   H    sing N N 371 
TYR N   H2   sing N N 372 
TYR CA  C    sing N N 373 
TYR CA  CB   sing N N 374 
TYR CA  HA   sing N N 375 
TYR C   O    doub N N 376 
TYR C   OXT  sing N N 377 
TYR CB  CG   sing N N 378 
TYR CB  HB2  sing N N 379 
TYR CB  HB3  sing N N 380 
TYR CG  CD1  doub Y N 381 
TYR CG  CD2  sing Y N 382 
TYR CD1 CE1  sing Y N 383 
TYR CD1 HD1  sing N N 384 
TYR CD2 CE2  doub Y N 385 
TYR CD2 HD2  sing N N 386 
TYR CE1 CZ   doub Y N 387 
TYR CE1 HE1  sing N N 388 
TYR CE2 CZ   sing Y N 389 
TYR CE2 HE2  sing N N 390 
TYR CZ  OH   sing N N 391 
TYR OH  HH   sing N N 392 
TYR OXT HXT  sing N N 393 
VAL N   CA   sing N N 394 
VAL N   H    sing N N 395 
VAL N   H2   sing N N 396 
VAL CA  C    sing N N 397 
VAL CA  CB   sing N N 398 
VAL CA  HA   sing N N 399 
VAL C   O    doub N N 400 
VAL C   OXT  sing N N 401 
VAL CB  CG1  sing N N 402 
VAL CB  CG2  sing N N 403 
VAL CB  HB   sing N N 404 
VAL CG1 HG11 sing N N 405 
VAL CG1 HG12 sing N N 406 
VAL CG1 HG13 sing N N 407 
VAL CG2 HG21 sing N N 408 
VAL CG2 HG22 sing N N 409 
VAL CG2 HG23 sing N N 410 
VAL OXT HXT  sing N N 411 
# 
_pdbx_audit_support.ordinal                1 
_pdbx_audit_support.funding_organization   'European Union (EU)' 
_pdbx_audit_support.grant_number           875510 
_pdbx_audit_support.country                'European Union' 
# 
_pdbx_deposit_group.group_id            G_1002320 
_pdbx_deposit_group.group_description   
;PRYSPRY domain of murine TRIM21 screened against the DSI-poised Fragment Library by X-ray Crystallography at the XChem facility of Diamon Light Source
;
_pdbx_deposit_group.group_title         'PanDDA analysis group deposition' 
_pdbx_deposit_group.group_type          'changed state' 
# 
_pdbx_initial_refinement_model.id               1 
_pdbx_initial_refinement_model.entity_id_list   ? 
_pdbx_initial_refinement_model.type             'experimental model' 
_pdbx_initial_refinement_model.source_name      PDB 
_pdbx_initial_refinement_model.accession_code   2VOK 
_pdbx_initial_refinement_model.details          ? 
# 
_atom_sites.entry_id                    7HMB 
_atom_sites.fract_transf_matrix[1][1]   -0.00280672 
_atom_sites.fract_transf_matrix[1][2]   -0.00468036 
_atom_sites.fract_transf_matrix[1][3]   0.00894807 
_atom_sites.fract_transf_matrix[2][1]   -0.00688457 
_atom_sites.fract_transf_matrix[2][2]   -0.00590744 
_atom_sites.fract_transf_matrix[2][3]   -0.00524940 
_atom_sites.fract_transf_matrix[3][1]   0.01537429 
_atom_sites.fract_transf_matrix[3][2]   -0.01515746 
_atom_sites.fract_transf_matrix[3][3]   -0.00310581 
_atom_sites.fract_transf_vector[1]      -0.297945 
_atom_sites.fract_transf_vector[2]      -0.117740 
_atom_sites.fract_transf_vector[3]      -0.503302 
# 
loop_
_atom_type.symbol 
C  
CL 
N  
O  
S  
# 
loop_
_atom_site.group_PDB 
_atom_site.id 
_atom_site.type_symbol 
_atom_site.label_atom_id 
_atom_site.label_alt_id 
_atom_site.label_comp_id 
_atom_site.label_asym_id 
_atom_site.label_entity_id 
_atom_site.label_seq_id 
_atom_site.pdbx_PDB_ins_code 
_atom_site.Cartn_x 
_atom_site.Cartn_y 
_atom_site.Cartn_z 
_atom_site.occupancy 
_atom_site.B_iso_or_equiv 
_atom_site.pdbx_formal_charge 
_atom_site.auth_seq_id 
_atom_site.auth_comp_id 
_atom_site.auth_asym_id 
_atom_site.auth_atom_id 
_atom_site.pdbx_PDB_model_num 
ATOM   1    N  N   . HIS A 1 2   ? 6.321   -15.032 12.050  1.00 67.63 ? 8   HIS B N   1 
ATOM   2    C  CA  . HIS A 1 2   ? 5.656   -13.989 12.905  1.00 62.43 ? 8   HIS B CA  1 
ATOM   3    C  C   . HIS A 1 2   ? 4.342   -14.542 13.470  1.00 61.83 ? 8   HIS B C   1 
ATOM   4    O  O   . HIS A 1 2   ? 3.797   -15.514 12.891  1.00 68.01 ? 8   HIS B O   1 
ATOM   5    C  CB  . HIS A 1 2   ? 5.447   -12.675 12.123  1.00 53.90 ? 8   HIS B CB  1 
ATOM   6    C  CG  . HIS A 1 2   ? 4.379   -12.713 11.073  1.00 50.71 ? 8   HIS B CG  1 
ATOM   7    N  ND1 . HIS A 1 2   ? 3.037   -12.543 11.374  1.00 52.05 ? 8   HIS B ND1 1 
ATOM   8    C  CD2 . HIS A 1 2   ? 4.442   -12.855 9.728   1.00 48.67 ? 8   HIS B CD2 1 
ATOM   9    C  CE1 . HIS A 1 2   ? 2.322   -12.611 10.266  1.00 51.35 ? 8   HIS B CE1 1 
ATOM   10   N  NE2 . HIS A 1 2   ? 3.156   -12.797 9.237   1.00 44.33 ? 8   HIS B NE2 1 
ATOM   11   N  N   . HIS A 1 3   ? 3.848   -13.915 14.538  1.00 58.03 ? 9   HIS B N   1 
ATOM   12   C  CA  . HIS A 1 3   ? 2.570   -14.244 15.225  1.00 59.45 ? 9   HIS B CA  1 
ATOM   13   C  C   . HIS A 1 3   ? 1.706   -12.974 15.333  1.00 51.66 ? 9   HIS B C   1 
ATOM   14   O  O   . HIS A 1 3   ? 1.152   -12.727 16.427  1.00 53.02 ? 9   HIS B O   1 
ATOM   15   C  CB  . HIS A 1 3   ? 2.888   -14.936 16.565  1.00 66.99 ? 9   HIS B CB  1 
ATOM   16   C  CG  . HIS A 1 3   ? 3.765   -16.142 16.408  1.00 77.45 ? 9   HIS B CG  1 
ATOM   17   N  ND1 . HIS A 1 3   ? 3.305   -17.336 15.866  1.00 78.47 ? 9   HIS B ND1 1 
ATOM   18   C  CD2 . HIS A 1 3   ? 5.074   -16.341 16.690  1.00 82.39 ? 9   HIS B CD2 1 
ATOM   19   C  CE1 . HIS A 1 3   ? 4.288   -18.215 15.832  1.00 81.35 ? 9   HIS B CE1 1 
ATOM   20   N  NE2 . HIS A 1 3   ? 5.383   -17.632 16.337  1.00 83.38 ? 9   HIS B NE2 1 
ATOM   21   N  N   . HIS A 1 4   ? 1.584   -12.207 14.230  1.00 40.30 ? 10  HIS B N   1 
ATOM   22   C  CA  . HIS A 1 4   ? 0.806   -10.934 14.130  1.00 34.10 ? 10  HIS B CA  1 
ATOM   23   C  C   . HIS A 1 4   ? -0.587  -11.184 13.553  1.00 32.77 ? 10  HIS B C   1 
ATOM   24   O  O   . HIS A 1 4   ? -1.421  -10.260 13.628  1.00 31.07 ? 10  HIS B O   1 
ATOM   25   C  CB  . HIS A 1 4   ? 1.527   -9.901  13.246  1.00 32.25 ? 10  HIS B CB  1 
ATOM   26   C  CG  . HIS A 1 4   ? 2.861   -9.500  13.774  1.00 33.10 ? 10  HIS B CG  1 
ATOM   27   N  ND1 . HIS A 1 4   ? 3.063   -9.165  15.113  1.00 32.25 ? 10  HIS B ND1 1 
ATOM   28   C  CD2 . HIS A 1 4   ? 4.053   -9.362  13.162  1.00 32.41 ? 10  HIS B CD2 1 
ATOM   29   C  CE1 . HIS A 1 4   ? 4.331   -8.839  15.290  1.00 39.09 ? 10  HIS B CE1 1 
ATOM   30   N  NE2 . HIS A 1 4   ? 4.954   -8.951  14.108  1.00 36.82 ? 10  HIS B NE2 1 
ATOM   31   N  N   . HIS A 1 5   ? -0.834  -12.382 13.007  1.00 34.06 ? 11  HIS B N   1 
ATOM   32   C  CA  . HIS A 1 5   ? -2.098  -12.758 12.313  1.00 38.58 ? 11  HIS B CA  1 
ATOM   33   C  C   . HIS A 1 5   ? -3.328  -12.402 13.167  1.00 36.83 ? 11  HIS B C   1 
ATOM   34   O  O   . HIS A 1 5   ? -4.322  -11.925 12.572  1.00 37.48 ? 11  HIS B O   1 
ATOM   35   C  CB  . HIS A 1 5   ? -2.100  -14.245 11.897  1.00 46.78 ? 11  HIS B CB  1 
ATOM   36   C  CG  . HIS A 1 5   ? -0.922  -14.653 11.075  1.00 59.24 ? 11  HIS B CG  1 
ATOM   37   N  ND1 . HIS A 1 5   ? 0.184   -15.295 11.630  1.00 70.75 ? 11  HIS B ND1 1 
ATOM   38   C  CD2 . HIS A 1 5   ? -0.659  -14.520 9.753   1.00 66.11 ? 11  HIS B CD2 1 
ATOM   39   C  CE1 . HIS A 1 5   ? 1.072   -15.540 10.681  1.00 72.21 ? 11  HIS B CE1 1 
ATOM   40   N  NE2 . HIS A 1 5   ? 0.581   -15.069 9.519   1.00 69.19 ? 11  HIS B NE2 1 
ATOM   41   N  N   . HIS A 1 6   ? -3.264  -12.556 14.502  1.00 34.78 ? 12  HIS B N   1 
ATOM   42   C  CA  . HIS A 1 6   ? -4.400  -12.310 15.439  1.00 34.96 ? 12  HIS B CA  1 
ATOM   43   C  C   . HIS A 1 6   ? -4.787  -10.826 15.552  1.00 32.39 ? 12  HIS B C   1 
ATOM   44   O  O   . HIS A 1 6   ? -5.834  -10.565 16.151  1.00 34.76 ? 12  HIS B O   1 
ATOM   45   C  CB  . HIS A 1 6   ? -4.121  -12.891 16.835  1.00 40.50 ? 12  HIS B CB  1 
ATOM   46   C  CG  . HIS A 1 6   ? -2.953  -12.310 17.559  1.00 40.12 ? 12  HIS B CG  1 
ATOM   47   N  ND1 . HIS A 1 6   ? -3.105  -11.495 18.674  1.00 48.05 ? 12  HIS B ND1 1 
ATOM   48   C  CD2 . HIS A 1 6   ? -1.621  -12.472 17.390  1.00 45.01 ? 12  HIS B CD2 1 
ATOM   49   C  CE1 . HIS A 1 6   ? -1.920  -11.151 19.138  1.00 41.86 ? 12  HIS B CE1 1 
ATOM   50   N  NE2 . HIS A 1 6   ? -0.988  -11.736 18.369  1.00 49.70 ? 12  HIS B NE2 1 
ATOM   51   N  N   . HIS A 1 7   ? -3.986  -9.877  15.039  1.00 26.24 ? 13  HIS B N   1 
ATOM   52   C  CA  . HIS A 1 7   ? -4.350  -8.427  14.977  1.00 23.67 ? 13  HIS B CA  1 
ATOM   53   C  C   . HIS A 1 7   ? -4.980  -8.116  13.624  1.00 22.84 ? 13  HIS B C   1 
ATOM   54   O  O   . HIS A 1 7   ? -5.026  -6.928  13.256  1.00 19.10 ? 13  HIS B O   1 
ATOM   55   C  CB  . HIS A 1 7   ? -3.133  -7.535  15.198  1.00 22.18 ? 13  HIS B CB  1 
ATOM   56   C  CG  . HIS A 1 7   ? -2.467  -7.778  16.513  1.00 23.67 ? 13  HIS B CG  1 
ATOM   57   N  ND1 . HIS A 1 7   ? -3.112  -7.467  17.697  1.00 23.71 ? 13  HIS B ND1 1 
ATOM   58   C  CD2 . HIS A 1 7   ? -1.252  -8.285  16.825  1.00 25.21 ? 13  HIS B CD2 1 
ATOM   59   C  CE1 . HIS A 1 7   ? -2.313  -7.787  18.699  1.00 23.42 ? 13  HIS B CE1 1 
ATOM   60   N  NE2 . HIS A 1 7   ? -1.174  -8.308  18.209  1.00 26.40 ? 13  HIS B NE2 1 
ATOM   61   N  N   . MET A 1 8   ? -5.420  -9.145  12.901  1.00 21.74 ? 14  MET B N   1 
ATOM   62   C  CA  . MET A 1 8   ? -6.031  -8.995  11.552  1.00 24.24 ? 14  MET B CA  1 
ATOM   63   C  C   . MET A 1 8   ? -7.193  -7.986  11.601  1.00 23.22 ? 14  MET B C   1 
ATOM   64   O  O   . MET A 1 8   ? -8.049  -8.030  12.523  1.00 25.83 ? 14  MET B O   1 
ATOM   65   C  CB  . MET A 1 8   ? -6.544  -10.348 11.044  1.00 30.44 ? 14  MET B CB  1 
ATOM   66   C  CG  . MET A 1 8   ? -7.169  -10.331 9.650   1.00 36.12 ? 14  MET B CG  1 
ATOM   67   S  SD  . MET A 1 8   ? -5.993  -10.129 8.246   1.00 46.20 ? 14  MET B SD  1 
ATOM   68   C  CE  . MET A 1 8   ? -5.362  -11.794 8.069   1.00 34.44 ? 14  MET B CE  1 
ATOM   69   N  N   . VAL A 1 9   ? -7.253  -7.091  10.626  1.00 18.55 ? 15  VAL B N   1 
ATOM   70   C  CA  . VAL A 1 9   ? -8.327  -6.068  10.485  1.00 20.37 ? 15  VAL B CA  1 
ATOM   71   C  C   . VAL A 1 9   ? -8.899  -6.225  9.058   1.00 21.72 ? 15  VAL B C   1 
ATOM   72   O  O   . VAL A 1 9   ? -8.146  -6.598  8.116   1.00 21.17 ? 15  VAL B O   1 
ATOM   73   C  CB  . VAL A 1 9   ? -7.862  -4.630  10.798  1.00 22.73 ? 15  VAL B CB  1 
ATOM   74   C  CG1 . VAL A 1 9   ? -7.481  -4.490  12.269  1.00 25.42 ? 15  VAL B CG1 1 
ATOM   75   C  CG2 . VAL A 1 9   ? -6.713  -4.181  9.926   1.00 23.56 ? 15  VAL B CG2 1 
ATOM   76   N  N   . HIS A 1 10  ? -10.174 -5.906  8.885   1.00 22.48 ? 16  HIS B N   1 
ATOM   77   C  CA  . HIS A 1 10  ? -10.871 -6.011  7.585   1.00 22.33 ? 16  HIS B CA  1 
ATOM   78   C  C   . HIS A 1 10  ? -10.749 -4.653  6.887   1.00 20.53 ? 16  HIS B C   1 
ATOM   79   O  O   . HIS A 1 10  ? -11.349 -3.661  7.341   1.00 23.42 ? 16  HIS B O   1 
ATOM   80   C  CB  . HIS A 1 10  ? -12.313 -6.459  7.791   1.00 23.90 ? 16  HIS B CB  1 
ATOM   81   C  CG  . HIS A 1 10  ? -13.119 -6.623  6.539   1.00 29.15 ? 16  HIS B CG  1 
ATOM   82   N  ND1 . HIS A 1 10  ? -13.076 -7.777  5.778   1.00 32.02 ? 16  HIS B ND1 1 
ATOM   83   C  CD2 . HIS A 1 10  ? -13.991 -5.785  5.921   1.00 33.49 ? 16  HIS B CD2 1 
ATOM   84   C  CE1 . HIS A 1 10  ? -13.888 -7.652  4.740   1.00 30.36 ? 16  HIS B CE1 1 
ATOM   85   N  NE2 . HIS A 1 10  ? -14.465 -6.427  4.801   1.00 34.42 ? 16  HIS B NE2 1 
ATOM   86   N  N   . ILE A 1 11  ? -9.877  -4.576  5.891   1.00 17.26 ? 17  ILE B N   1 
ATOM   87   C  CA  . ILE A 1 11  ? -9.641  -3.314  5.161   1.00 18.73 ? 17  ILE B CA  1 
ATOM   88   C  C   . ILE A 1 11  ? -10.557 -3.254  3.929   1.00 17.87 ? 17  ILE B C   1 
ATOM   89   O  O   . ILE A 1 11  ? -10.811 -4.275  3.330   1.00 17.16 ? 17  ILE B O   1 
ATOM   90   C  CB  . ILE A 1 11  ? -8.161  -3.200  4.768   1.00 18.33 ? 17  ILE B CB  1 
ATOM   91   C  CG1 . ILE A 1 11  ? -7.219  -3.228  5.989   1.00 19.55 ? 17  ILE B CG1 1 
ATOM   92   C  CG2 . ILE A 1 11  ? -7.971  -1.976  3.884   1.00 16.97 ? 17  ILE B CG2 1 
ATOM   93   C  CD1 . ILE A 1 11  ? -7.558  -2.236  7.107   1.00 20.22 ? 17  ILE B CD1 1 
ATOM   94   N  N   . THR A 1 12  ? -11.109 -2.079  3.681   1.00 16.96 ? 18  THR B N   1 
ATOM   95   C  CA  . THR A 1 12  ? -11.878 -1.801  2.434   1.00 18.17 ? 18  THR B CA  1 
ATOM   96   C  C   . THR A 1 12  ? -11.329 -0.523  1.803   1.00 17.58 ? 18  THR B C   1 
ATOM   97   O  O   . THR A 1 12  ? -10.737 0.332   2.517   1.00 18.52 ? 18  THR B O   1 
ATOM   98   C  CB  . THR A 1 12  ? -13.378 -1.686  2.723   1.00 20.25 ? 18  THR B CB  1 
ATOM   99   O  OG1 . THR A 1 12  ? -13.606 -0.625  3.623   1.00 21.28 ? 18  THR B OG1 1 
ATOM   100  C  CG2 . THR A 1 12  ? -13.984 -2.967  3.261   1.00 23.29 ? 18  THR B CG2 1 
ATOM   101  N  N   . LEU A 1 13  ? -11.426 -0.428  0.478   1.00 16.37 ? 19  LEU B N   1 
ATOM   102  C  CA  . LEU A 1 13  ? -10.887 0.722   -0.246  1.00 16.42 ? 19  LEU B CA  1 
ATOM   103  C  C   . LEU A 1 13  ? -11.880 1.877   -0.263  1.00 16.09 ? 19  LEU B C   1 
ATOM   104  O  O   . LEU A 1 13  ? -13.092 1.608   -0.441  1.00 17.63 ? 19  LEU B O   1 
ATOM   105  C  CB  . LEU A 1 13  ? -10.525 0.266   -1.645  1.00 16.18 ? 19  LEU B CB  1 
ATOM   106  C  CG  . LEU A 1 13  ? -9.501  -0.860  -1.679  1.00 16.38 ? 19  LEU B CG  1 
ATOM   107  C  CD1 . LEU A 1 13  ? -9.329  -1.473  -3.065  1.00 19.02 ? 19  LEU B CD1 1 
ATOM   108  C  CD2 . LEU A 1 13  ? -8.155  -0.372  -1.132  1.00 17.39 ? 19  LEU B CD2 1 
ATOM   109  N  N   . ASP A 1 14  ? -11.369 3.082   -0.227  1.00 15.72 ? 20  ASP B N   1 
ATOM   110  C  CA  . ASP A 1 14  ? -12.166 4.337   -0.258  1.00 14.81 ? 20  ASP B CA  1 
ATOM   111  C  C   . ASP A 1 14  ? -12.146 4.887   -1.705  1.00 16.37 ? 20  ASP B C   1 
ATOM   112  O  O   . ASP A 1 14  ? -11.180 5.523   -2.101  1.00 15.60 ? 20  ASP B O   1 
ATOM   113  C  CB  . ASP A 1 14  ? -11.649 5.358   0.775   1.00 15.36 ? 20  ASP B CB  1 
ATOM   114  C  CG  . ASP A 1 14  ? -12.419 6.675   0.833   1.00 21.44 ? 20  ASP B CG  1 
ATOM   115  O  OD1 . ASP A 1 14  ? -13.242 6.899   -0.073  1.00 20.88 ? 20  ASP B OD1 1 
ATOM   116  O  OD2 . ASP A 1 14  ? -12.133 7.502   1.736   1.00 20.22 ? 20  ASP B OD2 1 
ATOM   117  N  N   A ARG A 1 15  ? -13.234 4.614   -2.443  0.25 17.44 ? 21  ARG B N   1 
ATOM   118  N  N   B ARG A 1 15  ? -13.216 4.630   -2.467  0.25 18.10 ? 21  ARG B N   1 
ATOM   119  C  CA  A ARG A 1 15  ? -13.487 5.055   -3.846  0.25 19.07 ? 21  ARG B CA  1 
ATOM   120  C  CA  B ARG A 1 15  ? -13.339 5.043   -3.893  0.25 19.91 ? 21  ARG B CA  1 
ATOM   121  C  C   A ARG A 1 15  ? -13.145 6.533   -4.036  0.25 18.59 ? 21  ARG B C   1 
ATOM   122  C  C   B ARG A 1 15  ? -13.126 6.553   -4.053  0.25 19.21 ? 21  ARG B C   1 
ATOM   123  O  O   A ARG A 1 15  ? -12.644 6.893   -5.116  0.25 17.36 ? 21  ARG B O   1 
ATOM   124  O  O   B ARG A 1 15  ? -12.667 6.962   -5.132  0.25 17.67 ? 21  ARG B O   1 
ATOM   125  C  CB  A ARG A 1 15  ? -14.977 4.894   -4.191  0.25 19.93 ? 21  ARG B CB  1 
ATOM   126  C  CB  B ARG A 1 15  ? -14.728 4.685   -4.440  0.25 22.65 ? 21  ARG B CB  1 
ATOM   127  C  CG  A ARG A 1 15  ? -15.519 3.487   -3.988  0.25 21.69 ? 21  ARG B CG  1 
ATOM   128  C  CG  B ARG A 1 15  ? -14.941 3.204   -4.708  0.25 24.99 ? 21  ARG B CG  1 
ATOM   129  C  CD  A ARG A 1 15  ? -16.917 3.288   -4.566  0.25 21.70 ? 21  ARG B CD  1 
ATOM   130  C  CD  B ARG A 1 15  ? -15.775 2.528   -3.631  0.25 28.25 ? 21  ARG B CD  1 
ATOM   131  N  NE  A ARG A 1 15  ? -17.173 1.871   -4.771  0.25 21.33 ? 21  ARG B NE  1 
ATOM   132  N  NE  B ARG A 1 15  ? -17.227 2.598   -3.829  0.25 30.03 ? 21  ARG B NE  1 
ATOM   133  C  CZ  A ARG A 1 15  ? -16.683 1.188   -5.788  0.25 21.01 ? 21  ARG B CZ  1 
ATOM   134  C  CZ  B ARG A 1 15  ? -18.065 3.380   -3.145  0.25 32.64 ? 21  ARG B CZ  1 
ATOM   135  N  NH1 A ARG A 1 15  ? -15.965 1.818   -6.697  0.25 21.92 ? 21  ARG B NH1 1 
ATOM   136  N  NH1 B ARG A 1 15  ? -17.623 4.195   -2.205  0.25 35.01 ? 21  ARG B NH1 1 
ATOM   137  N  NH2 A ARG A 1 15  ? -16.924 -0.101  -5.909  0.25 22.23 ? 21  ARG B NH2 1 
ATOM   138  N  NH2 B ARG A 1 15  ? -19.358 3.349   -3.410  0.25 34.09 ? 21  ARG B NH2 1 
ATOM   139  N  N   . ASN A 1 16  ? -13.467 7.363   -3.044  1.00 18.59 ? 22  ASN B N   1 
ATOM   140  C  CA  . ASN A 1 16  ? -13.356 8.832   -3.164  1.00 19.14 ? 22  ASN B CA  1 
ATOM   141  C  C   . ASN A 1 16  ? -11.904 9.304   -3.226  1.00 16.65 ? 22  ASN B C   1 
ATOM   142  O  O   . ASN A 1 16  ? -11.682 10.375  -3.796  1.00 17.22 ? 22  ASN B O   1 
ATOM   143  C  CB  . ASN A 1 16  ? -14.163 9.519   -2.053  1.00 23.34 ? 22  ASN B CB  1 
ATOM   144  C  CG  . ASN A 1 16  ? -15.652 9.471   -2.324  1.00 28.90 ? 22  ASN B CG  1 
ATOM   145  O  OD1 . ASN A 1 16  ? -16.089 9.279   -3.459  1.00 37.38 ? 22  ASN B OD1 1 
ATOM   146  N  ND2 . ASN A 1 16  ? -16.435 9.637   -1.277  1.00 41.14 ? 22  ASN B ND2 1 
ATOM   147  N  N   . THR A 1 17  ? -10.935 8.487   -2.758  1.00 15.09 ? 23  THR B N   1 
ATOM   148  C  CA  . THR A 1 17  ? -9.501  8.807   -2.771  1.00 15.73 ? 23  THR B CA  1 
ATOM   149  C  C   . THR A 1 17  ? -8.854  8.308   -4.066  1.00 14.53 ? 23  THR B C   1 
ATOM   150  O  O   . THR A 1 17  ? -7.689  8.633   -4.295  1.00 15.02 ? 23  THR B O   1 
ATOM   151  C  CB  . THR A 1 17  ? -8.757  8.242   -1.551  1.00 15.57 ? 23  THR B CB  1 
ATOM   152  O  OG1 . THR A 1 17  ? -8.725  6.818   -1.630  1.00 14.42 ? 23  THR B OG1 1 
ATOM   153  C  CG2 . THR A 1 17  ? -9.370  8.750   -0.261  1.00 15.71 ? 23  THR B CG2 1 
ATOM   154  N  N   . ALA A 1 18  ? -9.535  7.447   -4.820  1.00 14.35 ? 24  ALA B N   1 
ATOM   155  C  CA  . ALA A 1 18  ? -8.872  6.723   -5.934  1.00 13.41 ? 24  ALA B CA  1 
ATOM   156  C  C   . ALA A 1 18  ? -8.547  7.691   -7.083  1.00 15.21 ? 24  ALA B C   1 
ATOM   157  O  O   . ALA A 1 18  ? -9.411  8.516   -7.472  1.00 15.69 ? 24  ALA B O   1 
ATOM   158  C  CB  . ALA A 1 18  ? -9.816  5.668   -6.424  1.00 14.20 ? 24  ALA B CB  1 
ATOM   159  N  N   . ASN A 1 19  ? -7.420  7.481   -7.719  1.00 14.32 ? 25  ASN B N   1 
ATOM   160  C  CA  . ASN A 1 19  ? -7.157  8.021   -9.066  1.00 13.06 ? 25  ASN B CA  1 
ATOM   161  C  C   . ASN A 1 19  ? -8.344  7.637   -9.948  1.00 13.55 ? 25  ASN B C   1 
ATOM   162  O  O   . ASN A 1 19  ? -8.906  6.541   -9.866  1.00 14.21 ? 25  ASN B O   1 
ATOM   163  C  CB  . ASN A 1 19  ? -5.818  7.477   -9.534  1.00 13.46 ? 25  ASN B CB  1 
ATOM   164  C  CG  . ASN A 1 19  ? -5.499  7.918   -10.936 1.00 16.96 ? 25  ASN B CG  1 
ATOM   165  O  OD1 . ASN A 1 19  ? -5.982  7.333   -11.882 1.00 16.37 ? 25  ASN B OD1 1 
ATOM   166  N  ND2 . ASN A 1 19  ? -4.696  8.936   -11.049 1.00 21.66 ? 25  ASN B ND2 1 
ATOM   167  N  N   . SER A 1 20  ? -8.664  8.545   -10.851 1.00 13.83 ? 26  SER B N   1 
ATOM   168  C  CA  . SER A 1 20  ? -9.891  8.454   -11.666 1.00 15.36 ? 26  SER B CA  1 
ATOM   169  C  C   . SER A 1 20  ? -9.825  7.330   -12.677 1.00 14.69 ? 26  SER B C   1 
ATOM   170  O  O   . SER A 1 20  ? -10.886 7.050   -13.279 1.00 15.60 ? 26  SER B O   1 
ATOM   171  C  CB  . SER A 1 20  ? -10.156 9.769   -12.367 1.00 17.74 ? 26  SER B CB  1 
ATOM   172  O  OG  . SER A 1 20  ? -9.086  10.058  -13.242 1.00 20.12 ? 26  SER B OG  1 
ATOM   173  N  N   . TRP A 1 21  ? -8.690  6.668   -12.896 1.00 13.95 ? 27  TRP B N   1 
ATOM   174  C  CA  . TRP A 1 21  ? -8.564  5.518   -13.814 1.00 14.92 ? 27  TRP B CA  1 
ATOM   175  C  C   . TRP A 1 21  ? -8.692  4.192   -13.085 1.00 14.63 ? 27  TRP B C   1 
ATOM   176  O  O   . TRP A 1 21  ? -8.735  3.163   -13.767 1.00 14.79 ? 27  TRP B O   1 
ATOM   177  C  CB  . TRP A 1 21  ? -7.259  5.569   -14.565 1.00 15.07 ? 27  TRP B CB  1 
ATOM   178  C  CG  . TRP A 1 21  ? -7.191  6.639   -15.609 1.00 15.78 ? 27  TRP B CG  1 
ATOM   179  C  CD1 . TRP A 1 21  ? -7.590  7.948   -15.503 1.00 16.27 ? 27  TRP B CD1 1 
ATOM   180  C  CD2 . TRP A 1 21  ? -6.685  6.462   -16.927 1.00 19.13 ? 27  TRP B CD2 1 
ATOM   181  N  NE1 . TRP A 1 21  ? -7.374  8.594   -16.702 1.00 20.04 ? 27  TRP B NE1 1 
ATOM   182  C  CE2 . TRP A 1 21  ? -6.803  7.710   -17.568 1.00 17.32 ? 27  TRP B CE2 1 
ATOM   183  C  CE3 . TRP A 1 21  ? -6.185  5.357   -17.614 1.00 19.87 ? 27  TRP B CE3 1 
ATOM   184  C  CZ2 . TRP A 1 21  ? -6.400  7.880   -18.904 1.00 20.70 ? 27  TRP B CZ2 1 
ATOM   185  C  CZ3 . TRP A 1 21  ? -5.778  5.529   -18.930 1.00 22.44 ? 27  TRP B CZ3 1 
ATOM   186  C  CH2 . TRP A 1 21  ? -5.862  6.780   -19.534 1.00 22.95 ? 27  TRP B CH2 1 
ATOM   187  N  N   . LEU A 1 22  ? -8.871  4.205   -11.752 1.00 14.18 ? 28  LEU B N   1 
ATOM   188  C  CA  . LEU A 1 22  ? -8.935  2.928   -11.013 1.00 14.88 ? 28  LEU B CA  1 
ATOM   189  C  C   . LEU A 1 22  ? -10.375 2.382   -11.042 1.00 14.62 ? 28  LEU B C   1 
ATOM   190  O  O   . LEU A 1 22  ? -11.344 3.159   -10.947 1.00 13.89 ? 28  LEU B O   1 
ATOM   191  C  CB  . LEU A 1 22  ? -8.464  3.100   -9.570  1.00 13.48 ? 28  LEU B CB  1 
ATOM   192  C  CG  . LEU A 1 22  ? -7.009  3.494   -9.403  1.00 14.43 ? 28  LEU B CG  1 
ATOM   193  C  CD1 . LEU A 1 22  ? -6.625  3.577   -7.942  1.00 14.60 ? 28  LEU B CD1 1 
ATOM   194  C  CD2 . LEU A 1 22  ? -6.102  2.550   -10.125 1.00 14.51 ? 28  LEU B CD2 1 
ATOM   195  N  N   . ILE A 1 23  ? -10.459 1.072   -11.000 1.00 14.09 ? 29  ILE B N   1 
ATOM   196  C  CA  . ILE A 1 23  ? -11.732 0.317   -10.896 1.00 14.95 ? 29  ILE B CA  1 
ATOM   197  C  C   . ILE A 1 23  ? -11.657 -0.482  -9.596  1.00 14.72 ? 29  ILE B C   1 
ATOM   198  O  O   . ILE A 1 23  ? -10.827 -1.427  -9.507  1.00 15.22 ? 29  ILE B O   1 
ATOM   199  C  CB  . ILE A 1 23  ? -11.955 -0.591  -12.087 1.00 15.76 ? 29  ILE B CB  1 
ATOM   200  C  CG1 . ILE A 1 23  ? -11.911 0.171   -13.434 1.00 16.68 ? 29  ILE B CG1 1 
ATOM   201  C  CG2 . ILE A 1 23  ? -13.279 -1.356  -11.916 1.00 17.23 ? 29  ILE B CG2 1 
ATOM   202  C  CD1 . ILE A 1 23  ? -12.012 -0.678  -14.626 1.00 18.34 ? 29  ILE B CD1 1 
ATOM   203  N  N   . ILE A 1 24  ? -12.531 -0.134  -8.671  1.00 16.96 ? 30  ILE B N   1 
ATOM   204  C  CA  . ILE A 1 24  ? -12.642 -0.804  -7.350  1.00 17.82 ? 30  ILE B CA  1 
ATOM   205  C  C   . ILE A 1 24  ? -13.840 -1.732  -7.418  1.00 19.99 ? 30  ILE B C   1 
ATOM   206  O  O   . ILE A 1 24  ? -14.963 -1.285  -7.856  1.00 19.81 ? 30  ILE B O   1 
ATOM   207  C  CB  . ILE A 1 24  ? -12.732 0.222   -6.228  1.00 18.13 ? 30  ILE B CB  1 
ATOM   208  C  CG1 . ILE A 1 24  ? -11.412 0.958   -6.043  1.00 20.63 ? 30  ILE B CG1 1 
ATOM   209  C  CG2 . ILE A 1 24  ? -13.134 -0.473  -4.926  1.00 17.96 ? 30  ILE B CG2 1 
ATOM   210  C  CD1 . ILE A 1 24  ? -11.521 2.115   -5.233  1.00 23.71 ? 30  ILE B CD1 1 
ATOM   211  N  N   . SER A 1 25  ? -13.683 -2.947  -6.918  1.00 18.24 ? 31  SER B N   1 
ATOM   212  C  CA  . SER A 1 25  ? -14.734 -3.983  -7.008  1.00 17.62 ? 31  SER B CA  1 
ATOM   213  C  C   . SER A 1 25  ? -15.904 -3.588  -6.087  1.00 17.01 ? 31  SER B C   1 
ATOM   214  O  O   . SER A 1 25  ? -15.748 -2.757  -5.192  1.00 17.88 ? 31  SER B O   1 
ATOM   215  C  CB  . SER A 1 25  ? -14.153 -5.308  -6.635  1.00 19.59 ? 31  SER B CB  1 
ATOM   216  O  OG  . SER A 1 25  ? -13.680 -5.237  -5.300  1.00 19.77 ? 31  SER B OG  1 
ATOM   217  N  N   . LYS A 1 26  ? -17.087 -4.178  -6.331  1.00 20.23 ? 32  LYS B N   1 
ATOM   218  C  CA  . LYS A 1 26  ? -18.293 -3.866  -5.524  1.00 20.56 ? 32  LYS B CA  1 
ATOM   219  C  C   . LYS A 1 26  ? -18.039 -4.091  -4.028  1.00 19.59 ? 32  LYS B C   1 
ATOM   220  O  O   . LYS A 1 26  ? -18.535 -3.283  -3.244  1.00 22.53 ? 32  LYS B O   1 
ATOM   221  C  CB  . LYS A 1 26  ? -19.428 -4.769  -6.021  1.00 23.54 ? 32  LYS B CB  1 
ATOM   222  C  CG  . LYS A 1 26  ? -20.721 -4.628  -5.250  1.00 28.16 ? 32  LYS B CG  1 
ATOM   223  C  CD  . LYS A 1 26  ? -21.846 -5.262  -6.004  1.00 27.86 ? 32  LYS B CD  1 
ATOM   224  C  CE  . LYS A 1 26  ? -21.507 -6.655  -6.469  1.00 32.67 ? 32  LYS B CE  1 
ATOM   225  N  NZ  . LYS A 1 26  ? -22.665 -7.213  -7.183  1.00 37.52 ? 32  LYS B NZ  1 
ATOM   226  N  N   . ASP A 1 27  ? -17.286 -5.128  -3.666  1.00 21.02 ? 33  ASP B N   1 
ATOM   227  C  CA  . ASP A 1 27  ? -16.997 -5.449  -2.231  1.00 20.34 ? 33  ASP B CA  1 
ATOM   228  C  C   . ASP A 1 27  ? -15.906 -4.513  -1.670  1.00 18.68 ? 33  ASP B C   1 
ATOM   229  O  O   . ASP A 1 27  ? -15.620 -4.579  -0.459  1.00 19.43 ? 33  ASP B O   1 
ATOM   230  C  CB  . ASP A 1 27  ? -16.674 -6.932  -2.036  1.00 21.88 ? 33  ASP B CB  1 
ATOM   231  C  CG  . ASP A 1 27  ? -15.386 -7.423  -2.670  1.00 22.81 ? 33  ASP B CG  1 
ATOM   232  O  OD1 . ASP A 1 27  ? -14.628 -6.586  -3.270  1.00 22.82 ? 33  ASP B OD1 1 
ATOM   233  O  OD2 . ASP A 1 27  ? -15.130 -8.638  -2.537  1.00 26.71 ? 33  ASP B OD2 1 
ATOM   234  N  N   . ARG A 1 28  ? -15.327 -3.658  -2.494  1.00 17.34 ? 34  ARG B N   1 
ATOM   235  C  CA  . ARG A 1 28  ? -14.300 -2.677  -2.064  1.00 16.99 ? 34  ARG B CA  1 
ATOM   236  C  C   . ARG A 1 28  ? -13.072 -3.429  -1.529  1.00 14.56 ? 34  ARG B C   1 
ATOM   237  O  O   . ARG A 1 28  ? -12.289 -2.799  -0.778  1.00 15.83 ? 34  ARG B O   1 
ATOM   238  C  CB  . ARG A 1 28  ? -14.868 -1.635  -1.097  1.00 20.75 ? 34  ARG B CB  1 
ATOM   239  C  CG  . ARG A 1 28  ? -15.957 -0.778  -1.740  1.00 24.70 ? 34  ARG B CG  1 
ATOM   240  C  CD  . ARG A 1 28  ? -16.576 0.290   -0.895  1.00 33.19 ? 34  ARG B CD  1 
ATOM   241  N  NE  . ARG A 1 28  ? -16.972 -0.200  0.405   1.00 40.80 ? 34  ARG B NE  1 
ATOM   242  C  CZ  . ARG A 1 28  ? -16.311 0.012   1.550   1.00 55.49 ? 34  ARG B CZ  1 
ATOM   243  N  NH1 . ARG A 1 28  ? -15.189 0.734   1.586   1.00 54.06 ? 34  ARG B NH1 1 
ATOM   244  N  NH2 . ARG A 1 28  ? -16.802 -0.495  2.674   1.00 60.86 ? 34  ARG B NH2 1 
ATOM   245  N  N   . ARG A 1 29  ? -12.795 -4.628  -2.014  1.00 14.10 ? 35  ARG B N   1 
ATOM   246  C  CA  . ARG A 1 29  ? -11.606 -5.430  -1.613  1.00 16.62 ? 35  ARG B CA  1 
ATOM   247  C  C   . ARG A 1 29  ? -10.595 -5.618  -2.735  1.00 15.89 ? 35  ARG B C   1 
ATOM   248  O  O   . ARG A 1 29  ? -9.498  -6.163  -2.456  1.00 16.96 ? 35  ARG B O   1 
ATOM   249  C  CB  . ARG A 1 29  ? -12.015 -6.796  -1.068  1.00 17.14 ? 35  ARG B CB  1 
ATOM   250  C  CG  . ARG A 1 29  ? -12.911 -6.655  0.152   1.00 19.83 ? 35  ARG B CG  1 
ATOM   251  C  CD  . ARG A 1 29  ? -12.194 -6.547  1.463   1.00 21.91 ? 35  ARG B CD  1 
ATOM   252  N  NE  . ARG A 1 29  ? -11.655 -7.855  1.838   1.00 23.80 ? 35  ARG B NE  1 
ATOM   253  C  CZ  . ARG A 1 29  ? -10.814 -8.053  2.850   1.00 22.95 ? 35  ARG B CZ  1 
ATOM   254  N  NH1 . ARG A 1 29  ? -10.425 -7.024  3.565   1.00 22.38 ? 35  ARG B NH1 1 
ATOM   255  N  NH2 . ARG A 1 29  ? -10.354 -9.259  3.115   1.00 22.19 ? 35  ARG B NH2 1 
ATOM   256  N  N   . GLN A 1 30  ? -10.869 -5.202  -3.970  1.00 14.54 ? 36  GLN B N   1 
ATOM   257  C  CA  . GLN A 1 30  ? -9.950  -5.343  -5.124  1.00 14.22 ? 36  GLN B CA  1 
ATOM   258  C  C   . GLN A 1 30  ? -9.895  -4.042  -5.909  1.00 14.72 ? 36  GLN B C   1 
ATOM   259  O  O   . GLN A 1 30  ? -10.884 -3.270  -5.946  1.00 15.12 ? 36  GLN B O   1 
ATOM   260  C  CB  . GLN A 1 30  ? -10.397 -6.443  -6.100  1.00 17.11 ? 36  GLN B CB  1 
ATOM   261  C  CG  . GLN A 1 30  ? -10.736 -7.742  -5.421  1.00 21.34 ? 36  GLN B CG  1 
ATOM   262  C  CD  . GLN A 1 30  ? -10.875 -8.814  -6.480  1.00 24.75 ? 36  GLN B CD  1 
ATOM   263  O  OE1 . GLN A 1 30  ? -10.417 -8.679  -7.622  1.00 26.63 ? 36  GLN B OE1 1 
ATOM   264  N  NE2 . GLN A 1 30  ? -11.516 -9.885  -6.095  1.00 28.83 ? 36  GLN B NE2 1 
ATOM   265  N  N   . VAL A 1 31  ? -8.732  -3.766  -6.468  1.00 13.58 ? 37  VAL B N   1 
ATOM   266  C  CA  . VAL A 1 31  ? -8.555  -2.548  -7.302  1.00 13.53 ? 37  VAL B CA  1 
ATOM   267  C  C   . VAL A 1 31  ? -7.646  -2.907  -8.471  1.00 13.83 ? 37  VAL B C   1 
ATOM   268  O  O   . VAL A 1 31  ? -6.628  -3.590  -8.291  1.00 13.45 ? 37  VAL B O   1 
ATOM   269  C  CB  . VAL A 1 31  ? -8.066  -1.332  -6.485  1.00 12.70 ? 37  VAL B CB  1 
ATOM   270  C  CG1 . VAL A 1 31  ? -6.735  -1.594  -5.741  1.00 12.85 ? 37  VAL B CG1 1 
ATOM   271  C  CG2 . VAL A 1 31  ? -7.934  -0.095  -7.369  1.00 14.15 ? 37  VAL B CG2 1 
ATOM   272  N  N   . ARG A 1 32  ? -7.949  -2.386  -9.648  1.00 14.41 ? 38  ARG B N   1 
ATOM   273  C  CA  . ARG A 1 32  ? -7.080  -2.530  -10.828 1.00 14.53 ? 38  ARG B CA  1 
ATOM   274  C  C   . ARG A 1 32  ? -7.116  -1.244  -11.655 1.00 14.92 ? 38  ARG B C   1 
ATOM   275  O  O   . ARG A 1 32  ? -8.044  -0.418  -11.518 1.00 13.57 ? 38  ARG B O   1 
ATOM   276  C  CB  . ARG A 1 32  ? -7.490  -3.713  -11.708 1.00 16.19 ? 38  ARG B CB  1 
ATOM   277  C  CG  . ARG A 1 32  ? -8.868  -3.558  -12.344 1.00 19.22 ? 38  ARG B CG  1 
ATOM   278  C  CD  . ARG A 1 32  ? -9.212  -4.862  -13.066 1.00 22.28 ? 38  ARG B CD  1 
ATOM   279  N  NE  . ARG A 1 32  ? -10.517 -4.772  -13.706 1.00 27.69 ? 38  ARG B NE  1 
ATOM   280  C  CZ  . ARG A 1 32  ? -10.754 -4.331  -14.930 1.00 25.86 ? 38  ARG B CZ  1 
ATOM   281  N  NH1 . ARG A 1 32  ? -9.785  -3.877  -15.699 1.00 27.60 ? 38  ARG B NH1 1 
ATOM   282  N  NH2 . ARG A 1 32  ? -12.007 -4.316  -15.370 1.00 30.63 ? 38  ARG B NH2 1 
ATOM   283  N  N   . MET A 1 33  ? -6.091  -1.105  -12.500 0.22 15.30 ? 39  MET B N   1 
ATOM   284  C  CA  . MET A 1 33  ? -5.963  -0.059  -13.549 0.22 16.43 ? 39  MET B CA  1 
ATOM   285  C  C   . MET A 1 33  ? -7.042  -0.282  -14.610 0.22 16.45 ? 39  MET B C   1 
ATOM   286  O  O   . MET A 1 33  ? -7.156  -1.414  -15.123 0.22 16.34 ? 39  MET B O   1 
ATOM   287  C  CB  . MET A 1 33  ? -4.584  -0.133  -14.213 0.22 16.95 ? 39  MET B CB  1 
ATOM   288  C  CG  . MET A 1 33  ? -4.454  0.742   -15.450 0.22 17.29 ? 39  MET B CG  1 
ATOM   289  S  SD  . MET A 1 33  ? -4.359  2.498   -15.022 0.22 18.98 ? 39  MET B SD  1 
ATOM   290  C  CE  . MET A 1 33  ? -2.643  2.565   -14.510 0.22 17.70 ? 39  MET B CE  1 
ATOM   291  N  N   . GLY A 1 34  ? -7.813  0.760   -14.916 1.00 16.89 ? 40  GLY B N   1 
ATOM   292  C  CA  . GLY A 1 34  ? -8.708  0.744   -16.093 1.00 17.96 ? 40  GLY B CA  1 
ATOM   293  C  C   . GLY A 1 34  ? -7.942  1.189   -17.326 1.00 19.15 ? 40  GLY B C   1 
ATOM   294  O  O   . GLY A 1 34  ? -6.848  1.749   -17.173 1.00 19.45 ? 40  GLY B O   1 
ATOM   295  N  N   . ASP A 1 35  ? -8.508  0.937   -18.510 1.00 22.83 ? 41  ASP B N   1 
ATOM   296  C  CA  . ASP A 1 35  ? -7.799  1.320   -19.772 1.00 27.14 ? 41  ASP B CA  1 
ATOM   297  C  C   . ASP A 1 35  ? -8.154  2.785   -20.124 1.00 27.15 ? 41  ASP B C   1 
ATOM   298  O  O   . ASP A 1 35  ? -7.594  3.326   -21.107 1.00 26.87 ? 41  ASP B O   1 
ATOM   299  C  CB  . ASP A 1 35  ? -8.002  0.249   -20.860 1.00 36.03 ? 41  ASP B CB  1 
ATOM   300  C  CG  . ASP A 1 35  ? -7.068  -0.967  -20.735 1.00 48.67 ? 41  ASP B CG  1 
ATOM   301  O  OD1 . ASP A 1 35  ? -5.983  -0.837  -20.100 1.00 56.30 ? 41  ASP B OD1 1 
ATOM   302  O  OD2 . ASP A 1 35  ? -7.403  -2.053  -21.282 1.00 52.66 ? 41  ASP B OD2 1 
ATOM   303  N  N   . THR A 1 36  ? -8.921  3.483   -19.292 1.00 20.81 ? 42  THR B N   1 
ATOM   304  C  CA  . THR A 1 36  ? -9.382  4.881   -19.545 1.00 21.06 ? 42  THR B CA  1 
ATOM   305  C  C   . THR A 1 36  ? -9.842  5.556   -18.243 1.00 17.53 ? 42  THR B C   1 
ATOM   306  O  O   . THR A 1 36  ? -10.041 4.857   -17.172 1.00 15.90 ? 42  THR B O   1 
ATOM   307  C  CB  . THR A 1 36  ? -10.488 4.784   -20.599 1.00 21.63 ? 42  THR B CB  1 
ATOM   308  O  OG1 . THR A 1 36  ? -10.793 6.089   -21.049 1.00 23.77 ? 42  THR B OG1 1 
ATOM   309  C  CG2 . THR A 1 36  ? -11.753 4.193   -20.019 1.00 23.69 ? 42  THR B CG2 1 
ATOM   310  N  N   . HIS A 1 37  ? -10.206 6.842   -18.266 1.00 18.48 ? 43  HIS B N   1 
ATOM   311  C  CA  . HIS A 1 37  ? -10.924 7.544   -17.162 1.00 18.53 ? 43  HIS B CA  1 
ATOM   312  C  C   . HIS A 1 37  ? -12.215 6.822   -16.838 1.00 18.77 ? 43  HIS B C   1 
ATOM   313  O  O   . HIS A 1 37  ? -12.950 6.461   -17.804 1.00 19.94 ? 43  HIS B O   1 
ATOM   314  C  CB  . HIS A 1 37  ? -11.153 9.015   -17.562 1.00 18.24 ? 43  HIS B CB  1 
ATOM   315  C  CG  . HIS A 1 37  ? -11.740 9.940   -16.538 1.00 16.45 ? 43  HIS B CG  1 
ATOM   316  N  ND1 . HIS A 1 37  ? -13.017 9.844   -16.038 1.00 16.00 ? 43  HIS B ND1 1 
ATOM   317  C  CD2 . HIS A 1 37  ? -11.179 11.004  -15.921 1.00 16.06 ? 43  HIS B CD2 1 
ATOM   318  C  CE1 . HIS A 1 37  ? -13.232 10.831  -15.203 1.00 15.79 ? 43  HIS B CE1 1 
ATOM   319  N  NE2 . HIS A 1 37  ? -12.092 11.568  -15.079 1.00 16.20 ? 43  HIS B NE2 1 
ATOM   320  N  N   . GLN A 1 38  ? -12.502 6.568   -15.539 1.00 17.27 ? 44  GLN B N   1 
ATOM   321  C  CA  . GLN A 1 38  ? -13.654 5.739   -15.124 1.00 16.94 ? 44  GLN B CA  1 
ATOM   322  C  C   . GLN A 1 38  ? -14.931 6.563   -14.853 1.00 19.00 ? 44  GLN B C   1 
ATOM   323  O  O   . GLN A 1 38  ? -15.870 6.040   -14.206 1.00 18.75 ? 44  GLN B O   1 
ATOM   324  C  CB  . GLN A 1 38  ? -13.244 4.889   -13.924 1.00 15.84 ? 44  GLN B CB  1 
ATOM   325  C  CG  . GLN A 1 38  ? -12.226 3.856   -14.292 1.00 16.28 ? 44  GLN B CG  1 
ATOM   326  C  CD  . GLN A 1 38  ? -12.620 2.986   -15.450 1.00 16.92 ? 44  GLN B CD  1 
ATOM   327  O  OE1 . GLN A 1 38  ? -11.895 2.837   -16.448 1.00 19.88 ? 44  GLN B OE1 1 
ATOM   328  N  NE2 . GLN A 1 38  ? -13.817 2.432   -15.391 1.00 16.24 ? 44  GLN B NE2 1 
ATOM   329  N  N   . ASN A 1 39  ? -15.037 7.757   -15.413 1.00 16.90 ? 45  ASN B N   1 
ATOM   330  C  CA  . ASN A 1 39  ? -16.322 8.524   -15.489 1.00 15.51 ? 45  ASN B CA  1 
ATOM   331  C  C   . ASN A 1 39  ? -16.796 8.967   -14.102 1.00 17.77 ? 45  ASN B C   1 
ATOM   332  O  O   . ASN A 1 39  ? -18.002 9.128   -13.870 1.00 19.98 ? 45  ASN B O   1 
ATOM   333  C  CB  . ASN A 1 39  ? -17.372 7.757   -16.327 1.00 16.68 ? 45  ASN B CB  1 
ATOM   334  C  CG  . ASN A 1 39  ? -18.433 8.707   -16.867 1.00 17.59 ? 45  ASN B CG  1 
ATOM   335  O  OD1 . ASN A 1 39  ? -18.144 9.858   -17.178 1.00 16.46 ? 45  ASN B OD1 1 
ATOM   336  N  ND2 . ASN A 1 39  ? -19.684 8.239   -17.012 1.00 16.73 ? 45  ASN B ND2 1 
ATOM   337  N  N   . VAL A 1 40  ? -15.855 9.361   -13.239 1.00 19.25 ? 46  VAL B N   1 
ATOM   338  C  CA  . VAL A 1 40  ? -16.128 9.894   -11.880 1.00 21.41 ? 46  VAL B CA  1 
ATOM   339  C  C   . VAL A 1 40  ? -15.813 11.394  -11.880 1.00 19.09 ? 46  VAL B C   1 
ATOM   340  O  O   . VAL A 1 40  ? -14.984 11.820  -12.660 1.00 19.68 ? 46  VAL B O   1 
ATOM   341  C  CB  . VAL A 1 40  ? -15.298 9.160   -10.813 1.00 21.24 ? 46  VAL B CB  1 
ATOM   342  C  CG1 . VAL A 1 40  ? -15.739 7.710   -10.670 1.00 24.20 ? 46  VAL B CG1 1 
ATOM   343  C  CG2 . VAL A 1 40  ? -13.802 9.242   -11.098 1.00 22.37 ? 46  VAL B CG2 1 
ATOM   344  N  N   . SER A 1 41  ? -16.460 12.176  -11.026 1.00 21.52 ? 47  SER B N   1 
ATOM   345  C  CA  . SER A 1 41  ? -16.083 13.592  -10.823 1.00 21.59 ? 47  SER B CA  1 
ATOM   346  C  C   . SER A 1 41  ? -14.734 13.708  -10.112 1.00 21.38 ? 47  SER B C   1 
ATOM   347  O  O   . SER A 1 41  ? -14.351 12.790  -9.374  1.00 20.08 ? 47  SER B O   1 
ATOM   348  C  CB  . SER A 1 41  ? -17.165 14.348  -10.102 1.00 24.86 ? 47  SER B CB  1 
ATOM   349  O  OG  . SER A 1 41  ? -17.411 13.791  -8.826  1.00 27.12 ? 47  SER B OG  1 
ATOM   350  N  N   . ASP A 1 42  ? -14.051 14.829  -10.287 1.00 21.34 ? 48  ASP B N   1 
ATOM   351  C  CA  . ASP A 1 42  ? -12.799 15.144  -9.564  1.00 21.20 ? 48  ASP B CA  1 
ATOM   352  C  C   . ASP A 1 42  ? -13.168 15.645  -8.177  1.00 22.06 ? 48  ASP B C   1 
ATOM   353  O  O   . ASP A 1 42  ? -14.303 16.129  -7.977  1.00 21.57 ? 48  ASP B O   1 
ATOM   354  C  CB  . ASP A 1 42  ? -11.947 16.149  -10.312 1.00 24.03 ? 48  ASP B CB  1 
ATOM   355  C  CG  . ASP A 1 42  ? -10.476 16.091  -9.914  1.00 29.98 ? 48  ASP B CG  1 
ATOM   356  O  OD1 . ASP A 1 42  ? -10.011 15.054  -9.288  1.00 21.59 ? 48  ASP B OD1 1 
ATOM   357  O  OD2 . ASP A 1 42  ? -9.786  17.063  -10.232 1.00 42.52 ? 48  ASP B OD2 1 
ATOM   358  N  N   . ASN A 1 43  ? -12.229 15.500  -7.238  1.00 21.08 ? 49  ASN B N   1 
ATOM   359  C  CA  . ASN A 1 43  ? -12.369 15.991  -5.851  1.00 21.95 ? 49  ASN B CA  1 
ATOM   360  C  C   . ASN A 1 43  ? -10.954 16.167  -5.290  1.00 21.27 ? 49  ASN B C   1 
ATOM   361  O  O   . ASN A 1 43  ? -9.970  15.679  -5.920  1.00 22.27 ? 49  ASN B O   1 
ATOM   362  C  CB  . ASN A 1 43  ? -13.314 15.139  -5.019  1.00 21.12 ? 49  ASN B CB  1 
ATOM   363  C  CG  . ASN A 1 43  ? -12.723 13.787  -4.685  1.00 21.30 ? 49  ASN B CG  1 
ATOM   364  O  OD1 . ASN A 1 43  ? -11.620 13.729  -4.160  1.00 23.52 ? 49  ASN B OD1 1 
ATOM   365  N  ND2 . ASN A 1 43  ? -13.388 12.725  -5.045  1.00 20.28 ? 49  ASN B ND2 1 
ATOM   366  N  N   . LYS A 1 44  ? -10.840 16.839  -4.158  1.00 22.14 ? 50  LYS B N   1 
ATOM   367  C  CA  . LYS A 1 44  ? -9.528  17.222  -3.602  1.00 23.52 ? 50  LYS B CA  1 
ATOM   368  C  C   . LYS A 1 44  ? -8.856  15.979  -2.993  1.00 21.39 ? 50  LYS B C   1 
ATOM   369  O  O   . LYS A 1 44  ? -7.629  16.048  -2.768  1.00 21.46 ? 50  LYS B O   1 
ATOM   370  C  CB  . LYS A 1 44  ? -9.731  18.315  -2.543  1.00 26.93 ? 50  LYS B CB  1 
ATOM   371  C  CG  . LYS A 1 44  ? -10.463 17.843  -1.305  1.00 32.73 ? 50  LYS B CG  1 
ATOM   372  C  CD  . LYS A 1 44  ? -10.916 18.969  -0.382  1.00 43.26 ? 50  LYS B CD  1 
ATOM   373  C  CE  . LYS A 1 44  ? -11.295 18.463  0.991   1.00 47.55 ? 50  LYS B CE  1 
ATOM   374  N  NZ  . LYS A 1 44  ? -11.507 19.595  1.923   1.00 53.74 ? 50  LYS B NZ  1 
ATOM   375  N  N   . GLU A 1 45  ? -9.602  14.908  -2.729  1.00 20.25 ? 51  GLU B N   1 
ATOM   376  C  CA  . GLU A 1 45  ? -9.027  13.667  -2.127  1.00 21.01 ? 51  GLU B CA  1 
ATOM   377  C  C   . GLU A 1 45  ? -8.296  12.812  -3.184  1.00 19.37 ? 51  GLU B C   1 
ATOM   378  O  O   . GLU A 1 45  ? -7.399  12.015  -2.796  1.00 19.72 ? 51  GLU B O   1 
ATOM   379  C  CB  . GLU A 1 45  ? -10.131 12.844  -1.481  1.00 24.83 ? 51  GLU B CB  1 
ATOM   380  C  CG  . GLU A 1 45  ? -10.834 13.503  -0.305  1.00 29.88 ? 51  GLU B CG  1 
ATOM   381  C  CD  . GLU A 1 45  ? -11.927 12.603  0.265   1.00 38.61 ? 51  GLU B CD  1 
ATOM   382  O  OE1 . GLU A 1 45  ? -13.121 12.974  0.144   1.00 49.85 ? 51  GLU B OE1 1 
ATOM   383  O  OE2 . GLU A 1 45  ? -11.613 11.505  0.780   1.00 41.65 ? 51  GLU B OE2 1 
ATOM   384  N  N   . ARG A 1 46  ? -8.650  12.881  -4.474  1.00 16.72 ? 52  ARG B N   1 
ATOM   385  C  CA  . ARG A 1 46  ? -8.116  11.872  -5.441  1.00 16.58 ? 52  ARG B CA  1 
ATOM   386  C  C   . ARG A 1 46  ? -6.629  12.065  -5.733  1.00 15.76 ? 52  ARG B C   1 
ATOM   387  O  O   . ARG A 1 46  ? -6.141  13.200  -6.004  1.00 17.80 ? 52  ARG B O   1 
ATOM   388  C  CB  . ARG A 1 46  ? -8.847  11.938  -6.784  1.00 16.98 ? 52  ARG B CB  1 
ATOM   389  C  CG  . ARG A 1 46  ? -10.329 11.647  -6.731  1.00 17.51 ? 52  ARG B CG  1 
ATOM   390  C  CD  . ARG A 1 46  ? -10.853 11.326  -8.140  1.00 17.08 ? 52  ARG B CD  1 
ATOM   391  N  NE  . ARG A 1 46  ? -12.284 11.161  -8.078  1.00 18.00 ? 52  ARG B NE  1 
ATOM   392  C  CZ  . ARG A 1 46  ? -12.879 10.104  -7.522  1.00 17.74 ? 52  ARG B CZ  1 
ATOM   393  N  NH1 . ARG A 1 46  ? -12.183 9.015   -7.186  1.00 15.93 ? 52  ARG B NH1 1 
ATOM   394  N  NH2 . ARG A 1 46  ? -14.197 10.072  -7.425  1.00 20.16 ? 52  ARG B NH2 1 
ATOM   395  N  N   . PHE A 1 47  ? -5.850  10.981  -5.721  1.00 14.73 ? 53  PHE B N   1 
ATOM   396  C  CA  . PHE A 1 47  ? -4.455  11.034  -6.188  1.00 14.32 ? 53  PHE B CA  1 
ATOM   397  C  C   . PHE A 1 47  ? -4.474  11.336  -7.701  1.00 16.39 ? 53  PHE B C   1 
ATOM   398  O  O   . PHE A 1 47  ? -5.096  10.559  -8.457  1.00 16.48 ? 53  PHE B O   1 
ATOM   399  C  CB  . PHE A 1 47  ? -3.706  9.747   -5.895  1.00 14.31 ? 53  PHE B CB  1 
ATOM   400  C  CG  . PHE A 1 47  ? -3.412  9.578   -4.429  1.00 13.02 ? 53  PHE B CG  1 
ATOM   401  C  CD1 . PHE A 1 47  ? -2.314  10.215  -3.863  1.00 13.03 ? 53  PHE B CD1 1 
ATOM   402  C  CD2 . PHE A 1 47  ? -4.179  8.762   -3.621  1.00 14.37 ? 53  PHE B CD2 1 
ATOM   403  C  CE1 . PHE A 1 47  ? -2.008  10.060  -2.519  1.00 14.74 ? 53  PHE B CE1 1 
ATOM   404  C  CE2 . PHE A 1 47  ? -3.841  8.579   -2.286  1.00 14.36 ? 53  PHE B CE2 1 
ATOM   405  C  CZ  . PHE A 1 47  ? -2.779  9.276   -1.726  1.00 13.55 ? 53  PHE B CZ  1 
ATOM   406  N  N   . SER A 1 48  ? -3.862  12.424  -8.134  1.00 17.95 ? 54  SER B N   1 
ATOM   407  C  CA  . SER A 1 48  ? -3.962  12.867  -9.552  1.00 19.35 ? 54  SER B CA  1 
ATOM   408  C  C   . SER A 1 48  ? -2.894  12.227  -10.437 1.00 18.92 ? 54  SER B C   1 
ATOM   409  O  O   . SER A 1 48  ? -3.216  11.924  -11.606 1.00 22.26 ? 54  SER B O   1 
ATOM   410  C  CB  . SER A 1 48  ? -3.936  14.386  -9.617  1.00 19.50 ? 54  SER B CB  1 
ATOM   411  O  OG  . SER A 1 48  ? -2.745  14.920  -9.103  1.00 18.83 ? 54  SER B OG  1 
ATOM   412  N  N   . ASN A 1 49  ? -1.663  12.059  -9.989  1.00 16.98 ? 55  ASN B N   1 
ATOM   413  C  CA  . ASN A 1 49  ? -0.502  11.753  -10.862 1.00 17.97 ? 55  ASN B CA  1 
ATOM   414  C  C   . ASN A 1 49  ? -0.224  10.261  -10.961 1.00 16.55 ? 55  ASN B C   1 
ATOM   415  O  O   . ASN A 1 49  ? 0.578   9.841   -11.811 1.00 19.17 ? 55  ASN B O   1 
ATOM   416  C  CB  . ASN A 1 49  ? 0.745   12.503  -10.443 1.00 18.33 ? 55  ASN B CB  1 
ATOM   417  C  CG  . ASN A 1 49  ? 0.692   13.987  -10.775 1.00 22.61 ? 55  ASN B CG  1 
ATOM   418  O  OD1 . ASN A 1 49  ? -0.313  14.659  -10.533 1.00 23.08 ? 55  ASN B OD1 1 
ATOM   419  N  ND2 . ASN A 1 49  ? 1.809   14.500  -11.280 1.00 27.23 ? 55  ASN B ND2 1 
ATOM   420  N  N   . TYR A 1 50  ? -0.718  9.479   -9.994  1.00 14.66 ? 56  TYR B N   1 
ATOM   421  C  CA  . TYR A 1 50  ? -0.323  8.055   -9.904  1.00 14.58 ? 56  TYR B CA  1 
ATOM   422  C  C   . TYR A 1 50  ? -1.564  7.210   -9.600  1.00 14.25 ? 56  TYR B C   1 
ATOM   423  O  O   . TYR A 1 50  ? -2.542  7.701   -9.011  1.00 14.84 ? 56  TYR B O   1 
ATOM   424  C  CB  . TYR A 1 50  ? 0.650   7.858   -8.743  1.00 14.84 ? 56  TYR B CB  1 
ATOM   425  C  CG  . TYR A 1 50  ? 1.784   8.851   -8.671  1.00 15.69 ? 56  TYR B CG  1 
ATOM   426  C  CD1 . TYR A 1 50  ? 2.846   8.756   -9.559  1.00 18.14 ? 56  TYR B CD1 1 
ATOM   427  C  CD2 . TYR A 1 50  ? 1.795   9.908   -7.785  1.00 16.48 ? 56  TYR B CD2 1 
ATOM   428  C  CE1 . TYR A 1 50  ? 3.921   9.650   -9.524  1.00 19.77 ? 56  TYR B CE1 1 
ATOM   429  C  CE2 . TYR A 1 50  ? 2.817   10.844  -7.775  1.00 18.37 ? 56  TYR B CE2 1 
ATOM   430  C  CZ  . TYR A 1 50  ? 3.886   10.721  -8.655  1.00 19.59 ? 56  TYR B CZ  1 
ATOM   431  O  OH  . TYR A 1 50  ? 4.936   11.614  -8.596  1.00 19.89 ? 56  TYR B OH  1 
ATOM   432  N  N   . PRO A 1 51  ? -1.548  5.907   -9.930  1.00 13.38 ? 57  PRO B N   1 
ATOM   433  C  CA  . PRO A 1 51  ? -2.706  5.025   -9.747  1.00 13.47 ? 57  PRO B CA  1 
ATOM   434  C  C   . PRO A 1 51  ? -2.877  4.506   -8.299  1.00 12.82 ? 57  PRO B C   1 
ATOM   435  O  O   . PRO A 1 51  ? -2.842  3.317   -8.051  1.00 14.34 ? 57  PRO B O   1 
ATOM   436  C  CB  . PRO A 1 51  ? -2.453  3.840   -10.713 1.00 16.94 ? 57  PRO B CB  1 
ATOM   437  C  CG  . PRO A 1 51  ? -1.228  4.224   -11.486 1.00 15.92 ? 57  PRO B CG  1 
ATOM   438  C  CD  . PRO A 1 51  ? -0.487  5.245   -10.684 1.00 13.78 ? 57  PRO B CD  1 
ATOM   439  N  N   . MET A 1 52  ? -3.057  5.477   -7.383  1.00 12.89 ? 58  MET B N   1 
ATOM   440  C  CA  . MET A 1 52  ? -3.110  5.259   -5.920  1.00 11.27 ? 58  MET B CA  1 
ATOM   441  C  C   . MET A 1 52  ? -4.519  5.360   -5.379  1.00 12.50 ? 58  MET B C   1 
ATOM   442  O  O   . MET A 1 52  ? -5.402  6.047   -5.917  1.00 13.32 ? 58  MET B O   1 
ATOM   443  C  CB  . MET A 1 52  ? -2.208  6.286   -5.227  1.00 11.67 ? 58  MET B CB  1 
ATOM   444  C  CG  . MET A 1 52  ? -0.757  6.120   -5.573  1.00 11.56 ? 58  MET B CG  1 
ATOM   445  S  SD  . MET A 1 52  ? 0.245   7.542   -5.052  1.00 14.23 ? 58  MET B SD  1 
ATOM   446  C  CE  . MET A 1 52  ? 1.905   7.060   -5.473  1.00 14.16 ? 58  MET B CE  1 
ATOM   447  N  N   . VAL A 1 53  ? -4.717  4.700   -4.227  1.00 12.00 ? 59  VAL B N   1 
ATOM   448  C  CA  . VAL A 1 53  ? -5.996  4.722   -3.472  1.00 12.11 ? 59  VAL B CA  1 
ATOM   449  C  C   . VAL A 1 53  ? -5.699  4.419   -1.996  1.00 13.01 ? 59  VAL B C   1 
ATOM   450  O  O   . VAL A 1 53  ? -4.673  3.700   -1.740  1.00 12.74 ? 59  VAL B O   1 
ATOM   451  C  CB  . VAL A 1 53  ? -7.022  3.748   -4.096  1.00 12.49 ? 59  VAL B CB  1 
ATOM   452  C  CG1 . VAL A 1 53  ? -6.554  2.308   -4.067  1.00 13.04 ? 59  VAL B CG1 1 
ATOM   453  C  CG2 . VAL A 1 53  ? -8.403  3.858   -3.449  1.00 13.52 ? 59  VAL B CG2 1 
ATOM   454  N  N   . LEU A 1 54  ? -6.513  4.934   -1.095  1.00 12.99 ? 60  LEU B N   1 
ATOM   455  C  CA  . LEU A 1 54  ? -6.399  4.646   0.354   1.00 12.93 ? 60  LEU B CA  1 
ATOM   456  C  C   . LEU A 1 54  ? -7.461  3.681   0.810   1.00 13.64 ? 60  LEU B C   1 
ATOM   457  O  O   . LEU A 1 54  ? -8.620  3.597   0.240   1.00 13.59 ? 60  LEU B O   1 
ATOM   458  C  CB  . LEU A 1 54  ? -6.507  5.934   1.174   1.00 13.29 ? 60  LEU B CB  1 
ATOM   459  C  CG  . LEU A 1 54  ? -5.558  7.052   0.797   1.00 13.70 ? 60  LEU B CG  1 
ATOM   460  C  CD1 . LEU A 1 54  ? -5.617  8.241   1.732   1.00 15.32 ? 60  LEU B CD1 1 
ATOM   461  C  CD2 . LEU A 1 54  ? -4.121  6.545   0.713   1.00 13.57 ? 60  LEU B CD2 1 
ATOM   462  N  N   . GLY A 1 55  ? -7.142  2.962   1.878   1.00 13.04 ? 61  GLY B N   1 
ATOM   463  C  CA  . GLY A 1 55  ? -8.165  2.273   2.674   1.00 13.61 ? 61  GLY B CA  1 
ATOM   464  C  C   . GLY A 1 55  ? -9.090  3.283   3.349   1.00 13.25 ? 61  GLY B C   1 
ATOM   465  O  O   . GLY A 1 55  ? -8.618  4.362   3.721   1.00 14.19 ? 61  GLY B O   1 
ATOM   466  N  N   . ALA A 1 56  ? -10.284 2.847   3.688   1.00 15.39 ? 62  ALA B N   1 
ATOM   467  C  CA  . ALA A 1 56  ? -11.277 3.689   4.396   1.00 16.94 ? 62  ALA B CA  1 
ATOM   468  C  C   . ALA A 1 56  ? -10.916 3.802   5.881   1.00 18.19 ? 62  ALA B C   1 
ATOM   469  O  O   . ALA A 1 56  ? -11.217 4.838   6.499   1.00 21.59 ? 62  ALA B O   1 
ATOM   470  C  CB  . ALA A 1 56  ? -12.618 3.044   4.194   1.00 18.44 ? 62  ALA B CB  1 
ATOM   471  N  N   . GLN A 1 57  ? -10.268 2.775   6.419   1.00 17.52 ? 63  GLN B N   1 
ATOM   472  C  CA  . GLN A 1 57  ? -10.012 2.704   7.875   1.00 17.13 ? 63  GLN B CA  1 
ATOM   473  C  C   . GLN A 1 57  ? -8.936  3.733   8.237   1.00 18.69 ? 63  GLN B C   1 
ATOM   474  O  O   . GLN A 1 57  ? -7.967  3.930   7.458   1.00 17.93 ? 63  GLN B O   1 
ATOM   475  C  CB  . GLN A 1 57  ? -9.605  1.273   8.255   1.00 19.33 ? 63  GLN B CB  1 
ATOM   476  C  CG  . GLN A 1 57  ? -10.744 0.261   8.169   1.00 20.87 ? 63  GLN B CG  1 
ATOM   477  C  CD  . GLN A 1 57  ? -11.167 -0.051  6.742   1.00 21.41 ? 63  GLN B CD  1 
ATOM   478  O  OE1 . GLN A 1 57  ? -10.341 -0.159  5.846   1.00 18.83 ? 63  GLN B OE1 1 
ATOM   479  N  NE2 . GLN A 1 57  ? -12.443 -0.281  6.512   1.00 23.42 ? 63  GLN B NE2 1 
ATOM   480  N  N   . ARG A 1 58  ? -9.083  4.383   9.394   1.00 18.39 ? 64  ARG B N   1 
ATOM   481  C  CA  . ARG A 1 58  ? -8.065  5.269   9.994   1.00 17.91 ? 64  ARG B CA  1 
ATOM   482  C  C   . ARG A 1 58  ? -7.601  4.656   11.316  1.00 16.59 ? 64  ARG B C   1 
ATOM   483  O  O   . ARG A 1 58  ? -8.441  4.174   12.082  1.00 20.10 ? 64  ARG B O   1 
ATOM   484  C  CB  . ARG A 1 58  ? -8.624  6.657   10.353  1.00 22.83 ? 64  ARG B CB  1 
ATOM   485  C  CG  . ARG A 1 58  ? -8.857  7.622   9.189   1.00 31.13 ? 64  ARG B CG  1 
ATOM   486  C  CD  . ARG A 1 58  ? -9.511  6.953   7.998   1.00 32.49 ? 64  ARG B CD  1 
ATOM   487  N  NE  . ARG A 1 58  ? -10.424 7.607   7.050   1.00 37.55 ? 64  ARG B NE  1 
ATOM   488  C  CZ  . ARG A 1 58  ? -10.659 8.906   6.886   1.00 36.64 ? 64  ARG B CZ  1 
ATOM   489  N  NH1 . ARG A 1 58  ? -11.527 9.278   5.958   1.00 41.77 ? 64  ARG B NH1 1 
ATOM   490  N  NH2 . ARG A 1 58  ? -10.052 9.826   7.603   1.00 37.83 ? 64  ARG B NH2 1 
ATOM   491  N  N   . PHE A 1 59  ? -6.291  4.617   11.543  1.00 16.57 ? 65  PHE B N   1 
ATOM   492  C  CA  . PHE A 1 59  ? -5.711  4.013   12.770  1.00 15.59 ? 65  PHE B CA  1 
ATOM   493  C  C   . PHE A 1 59  ? -4.910  5.069   13.524  1.00 14.33 ? 65  PHE B C   1 
ATOM   494  O  O   . PHE A 1 59  ? -4.076  5.728   12.924  1.00 14.64 ? 65  PHE B O   1 
ATOM   495  C  CB  . PHE A 1 59  ? -4.792  2.851   12.342  1.00 17.55 ? 65  PHE B CB  1 
ATOM   496  C  CG  . PHE A 1 59  ? -5.505  1.764   11.563  1.00 19.22 ? 65  PHE B CG  1 
ATOM   497  C  CD1 . PHE A 1 59  ? -6.663  1.186   12.070  1.00 23.22 ? 65  PHE B CD1 1 
ATOM   498  C  CD2 . PHE A 1 59  ? -5.052  1.353   10.335  1.00 26.38 ? 65  PHE B CD2 1 
ATOM   499  C  CE1 . PHE A 1 59  ? -7.352  0.202   11.377  1.00 25.02 ? 65  PHE B CE1 1 
ATOM   500  C  CE2 . PHE A 1 59  ? -5.727  0.349   9.649   1.00 21.95 ? 65  PHE B CE2 1 
ATOM   501  C  CZ  . PHE A 1 59  ? -6.878  -0.185  10.155  1.00 23.11 ? 65  PHE B CZ  1 
ATOM   502  N  N   A SER A 1 60  ? -5.140  5.211   14.834  0.25 14.45 ? 66  SER B N   1 
ATOM   503  N  N   B SER A 1 60  ? -5.171  5.223   14.831  0.25 14.78 ? 66  SER B N   1 
ATOM   504  C  CA  A SER A 1 60  ? -4.425  6.207   15.675  0.25 14.97 ? 66  SER B CA  1 
ATOM   505  C  CA  B SER A 1 60  ? -4.487  6.208   15.715  0.25 15.65 ? 66  SER B CA  1 
ATOM   506  C  C   A SER A 1 60  ? -3.861  5.540   16.942  0.25 15.07 ? 66  SER B C   1 
ATOM   507  C  C   B SER A 1 60  ? -4.008  5.543   17.009  0.25 16.24 ? 66  SER B C   1 
ATOM   508  O  O   A SER A 1 60  ? -3.132  6.223   17.699  0.25 14.16 ? 66  SER B O   1 
ATOM   509  O  O   B SER A 1 60  ? -3.716  6.282   17.970  0.25 16.25 ? 66  SER B O   1 
ATOM   510  C  CB  A SER A 1 60  ? -5.323  7.391   15.967  0.25 15.70 ? 66  SER B CB  1 
ATOM   511  C  CB  B SER A 1 60  ? -5.389  7.356   16.051  0.25 15.95 ? 66  SER B CB  1 
ATOM   512  O  OG  A SER A 1 60  ? -5.449  8.225   14.799  0.25 16.12 ? 66  SER B OG  1 
ATOM   513  O  OG  B SER A 1 60  ? -6.557  6.891   16.688  0.25 16.20 ? 66  SER B OG  1 
ATOM   514  N  N   A SER A 1 61  ? -4.096  4.236   17.108  0.25 15.14 ? 67  SER B N   1 
ATOM   515  N  N   B SER A 1 61  ? -3.905  4.217   17.021  0.25 17.12 ? 67  SER B N   1 
ATOM   516  C  CA  A SER A 1 61  ? -3.605  3.433   18.254  0.25 15.85 ? 67  SER B CA  1 
ATOM   517  C  CA  B SER A 1 61  ? -3.563  3.436   18.228  0.25 18.34 ? 67  SER B CA  1 
ATOM   518  C  C   A SER A 1 61  ? -3.518  1.958   17.862  0.25 16.38 ? 67  SER B C   1 
ATOM   519  C  C   B SER A 1 61  ? -3.606  1.942   17.918  0.25 17.85 ? 67  SER B C   1 
ATOM   520  O  O   A SER A 1 61  ? -4.032  1.606   16.794  0.25 16.66 ? 67  SER B O   1 
ATOM   521  O  O   B SER A 1 61  ? -4.352  1.558   17.007  0.25 17.52 ? 67  SER B O   1 
ATOM   522  C  CB  A SER A 1 61  ? -4.514  3.625   19.444  0.25 15.91 ? 67  SER B CB  1 
ATOM   523  C  CB  B SER A 1 61  ? -4.524  3.776   19.332  0.25 19.84 ? 67  SER B CB  1 
ATOM   524  O  OG  A SER A 1 61  ? -5.756  2.978   19.231  0.25 14.79 ? 67  SER B OG  1 
ATOM   525  O  OG  B SER A 1 61  ? -4.321  2.907   20.428  0.25 22.20 ? 67  SER B OG  1 
ATOM   526  N  N   . GLY A 1 62  ? -2.899  1.131   18.708  1.00 18.61 ? 68  GLY B N   1 
ATOM   527  C  CA  . GLY A 1 62  ? -3.058  -0.328  18.608  1.00 19.39 ? 68  GLY B CA  1 
ATOM   528  C  C   . GLY A 1 62  ? -2.169  -0.985  17.575  1.00 17.13 ? 68  GLY B C   1 
ATOM   529  O  O   . GLY A 1 62  ? -1.280  -0.325  16.991  1.00 17.07 ? 68  GLY B O   1 
ATOM   530  N  N   . LYS A 1 63  ? -2.454  -2.261  17.382  1.00 16.49 ? 69  LYS B N   1 
ATOM   531  C  CA  . LYS A 1 63  ? -1.715  -3.156  16.497  1.00 15.68 ? 69  LYS B CA  1 
ATOM   532  C  C   . LYS A 1 63  ? -2.714  -3.619  15.444  1.00 15.55 ? 69  LYS B C   1 
ATOM   533  O  O   . LYS A 1 63  ? -3.814  -4.026  15.775  1.00 17.12 ? 69  LYS B O   1 
ATOM   534  C  CB  . LYS A 1 63  ? -1.063  -4.311  17.262  1.00 17.65 ? 69  LYS B CB  1 
ATOM   535  C  CG  . LYS A 1 63  ? 0.003   -3.898  18.274  1.00 17.94 ? 69  LYS B CG  1 
ATOM   536  C  CD  . LYS A 1 63  ? 0.504   -5.104  19.142  1.00 21.87 ? 69  LYS B CD  1 
ATOM   537  C  CE  . LYS A 1 63  ? 1.538   -4.696  20.163  1.00 25.57 ? 69  LYS B CE  1 
ATOM   538  N  NZ  . LYS A 1 63  ? 2.055   -5.890  20.875  1.00 28.22 ? 69  LYS B NZ  1 
ATOM   539  N  N   . MET A 1 64  ? -2.316  -3.538  14.175  1.00 14.54 ? 70  MET B N   1 
ATOM   540  C  CA  . MET A 1 64  ? -3.171  -3.848  13.003  1.00 14.85 ? 70  MET B CA  1 
ATOM   541  C  C   . MET A 1 64  ? -2.365  -4.688  12.011  1.00 13.95 ? 70  MET B C   1 
ATOM   542  O  O   . MET A 1 64  ? -1.191  -4.465  11.839  1.00 15.81 ? 70  MET B O   1 
ATOM   543  C  CB  . MET A 1 64  ? -3.533  -2.571  12.261  1.00 15.68 ? 70  MET B CB  1 
ATOM   544  C  CG  . MET A 1 64  ? -4.583  -1.700  12.913  1.00 16.85 ? 70  MET B CG  1 
ATOM   545  S  SD  . MET A 1 64  ? -4.101  -0.782  14.420  1.00 19.06 ? 70  MET B SD  1 
ATOM   546  C  CE  . MET A 1 64  ? -2.647  0.120   13.927  1.00 19.59 ? 70  MET B CE  1 
ATOM   547  N  N   . TYR A 1 65  ? -3.003  -5.643  11.365  1.00 13.53 ? 71  TYR B N   1 
ATOM   548  C  CA  . TYR A 1 65  ? -2.363  -6.560  10.394  1.00 14.47 ? 71  TYR B CA  1 
ATOM   549  C  C   . TYR A 1 65  ? -3.347  -6.793  9.251   1.00 14.96 ? 71  TYR B C   1 
ATOM   550  O  O   . TYR A 1 65  ? -4.576  -7.018  9.477   1.00 16.15 ? 71  TYR B O   1 
ATOM   551  C  CB  . TYR A 1 65  ? -1.996  -7.900  11.036  1.00 15.54 ? 71  TYR B CB  1 
ATOM   552  C  CG  . TYR A 1 65  ? -1.339  -8.904  10.123  1.00 15.12 ? 71  TYR B CG  1 
ATOM   553  C  CD1 . TYR A 1 65  ? -0.012  -8.778  9.756   1.00 15.67 ? 71  TYR B CD1 1 
ATOM   554  C  CD2 . TYR A 1 65  ? -2.105  -9.889  9.514   1.00 15.95 ? 71  TYR B CD2 1 
ATOM   555  C  CE1 . TYR A 1 65  ? 0.599   -9.676  8.883   1.00 16.07 ? 71  TYR B CE1 1 
ATOM   556  C  CE2 . TYR A 1 65  ? -1.510  -10.791 8.644   1.00 15.46 ? 71  TYR B CE2 1 
ATOM   557  C  CZ  . TYR A 1 65  ? -0.185  -10.662 8.295   1.00 15.77 ? 71  TYR B CZ  1 
ATOM   558  O  OH  . TYR A 1 65  ? 0.346   -11.598 7.450   1.00 18.37 ? 71  TYR B OH  1 
ATOM   559  N  N   . TRP A 1 66  ? -2.860  -6.712  8.020   1.00 12.64 ? 72  TRP B N   1 
ATOM   560  C  CA  . TRP A 1 66  ? -3.673  -7.159  6.866   1.00 13.20 ? 72  TRP B CA  1 
ATOM   561  C  C   . TRP A 1 66  ? -2.753  -7.748  5.774   1.00 14.23 ? 72  TRP B C   1 
ATOM   562  O  O   . TRP A 1 66  ? -1.518  -7.616  5.863   1.00 13.95 ? 72  TRP B O   1 
ATOM   563  C  CB  . TRP A 1 66  ? -4.555  -5.999  6.332   1.00 13.06 ? 72  TRP B CB  1 
ATOM   564  C  CG  . TRP A 1 66  ? -3.837  -4.803  5.798   1.00 12.06 ? 72  TRP B CG  1 
ATOM   565  C  CD1 . TRP A 1 66  ? -3.513  -4.518  4.486   1.00 13.11 ? 72  TRP B CD1 1 
ATOM   566  C  CD2 . TRP A 1 66  ? -3.352  -3.676  6.537   1.00 13.47 ? 72  TRP B CD2 1 
ATOM   567  N  NE1 . TRP A 1 66  ? -2.907  -3.288  4.397   1.00 13.69 ? 72  TRP B NE1 1 
ATOM   568  C  CE2 . TRP A 1 66  ? -2.753  -2.770  5.639   1.00 14.39 ? 72  TRP B CE2 1 
ATOM   569  C  CE3 . TRP A 1 66  ? -3.372  -3.364  7.897   1.00 16.07 ? 72  TRP B CE3 1 
ATOM   570  C  CZ2 . TRP A 1 66  ? -2.199  -1.570  6.051   1.00 15.61 ? 72  TRP B CZ2 1 
ATOM   571  C  CZ3 . TRP A 1 66  ? -2.813  -2.182  8.314   1.00 18.81 ? 72  TRP B CZ3 1 
ATOM   572  C  CH2 . TRP A 1 66  ? -2.213  -1.317  7.404   1.00 17.03 ? 72  TRP B CH2 1 
ATOM   573  N  N   . GLU A 1 67  ? -3.351  -8.382  4.752   1.00 13.87 ? 73  GLU B N   1 
ATOM   574  C  CA  . GLU A 1 67  ? -2.587  -9.074  3.671   1.00 14.09 ? 73  GLU B CA  1 
ATOM   575  C  C   . GLU A 1 67  ? -3.116  -8.632  2.316   1.00 13.96 ? 73  GLU B C   1 
ATOM   576  O  O   . GLU A 1 67  ? -4.318  -8.359  2.221   1.00 14.58 ? 73  GLU B O   1 
ATOM   577  C  CB  . GLU A 1 67  ? -2.707  -10.583 3.806   1.00 15.31 ? 73  GLU B CB  1 
ATOM   578  C  CG  . GLU A 1 67  ? -2.015  -11.065 5.082   1.00 17.86 ? 73  GLU B CG  1 
ATOM   579  C  CD  . GLU A 1 67  ? -2.015  -12.570 5.287   1.00 23.42 ? 73  GLU B CD  1 
ATOM   580  O  OE1 . GLU A 1 67  ? -2.747  -13.259 4.490   1.00 26.48 ? 73  GLU B OE1 1 
ATOM   581  O  OE2 . GLU A 1 67  ? -1.287  -13.077 6.228   1.00 21.40 ? 73  GLU B OE2 1 
ATOM   582  N  N   . VAL A 1 68  ? -2.208  -8.502  1.367   1.00 14.11 ? 74  VAL B N   1 
ATOM   583  C  CA  . VAL A 1 68  ? -2.519  -8.042  0.002   1.00 14.11 ? 74  VAL B CA  1 
ATOM   584  C  C   . VAL A 1 68  ? -1.935  -9.030  -1.008  1.00 13.36 ? 74  VAL B C   1 
ATOM   585  O  O   . VAL A 1 68  ? -0.765  -9.398  -0.912  1.00 14.25 ? 74  VAL B O   1 
ATOM   586  C  CB  . VAL A 1 68  ? -1.955  -6.650  -0.266  1.00 13.88 ? 74  VAL B CB  1 
ATOM   587  C  CG1 . VAL A 1 68  ? -2.398  -6.215  -1.649  1.00 15.08 ? 74  VAL B CG1 1 
ATOM   588  C  CG2 . VAL A 1 68  ? -2.334  -5.667  0.817   1.00 14.94 ? 74  VAL B CG2 1 
ATOM   589  N  N   . ASP A 1 69  ? -2.774  -9.444  -1.970  1.00 13.82 ? 75  ASP B N   1 
ATOM   590  C  CA  . ASP A 1 69  ? -2.350  -10.312 -3.087  1.00 14.78 ? 75  ASP B CA  1 
ATOM   591  C  C   . ASP A 1 69  ? -1.809  -9.457  -4.219  1.00 12.81 ? 75  ASP B C   1 
ATOM   592  O  O   . ASP A 1 69  ? -2.512  -8.470  -4.625  1.00 14.42 ? 75  ASP B O   1 
ATOM   593  C  CB  . ASP A 1 69  ? -3.516  -11.201 -3.544  1.00 16.78 ? 75  ASP B CB  1 
ATOM   594  C  CG  . ASP A 1 69  ? -3.083  -12.352 -4.460  1.00 18.58 ? 75  ASP B CG  1 
ATOM   595  O  OD1 . ASP A 1 69  ? -2.539  -12.109 -5.510  1.00 18.61 ? 75  ASP B OD1 1 
ATOM   596  O  OD2 . ASP A 1 69  ? -3.196  -13.487 -4.034  1.00 24.81 ? 75  ASP B OD2 1 
ATOM   597  N  N   . VAL A 1 70  ? -0.583  -9.756  -4.650  1.00 13.87 ? 76  VAL B N   1 
ATOM   598  C  CA  . VAL A 1 70  ? 0.146   -9.068  -5.748  1.00 14.06 ? 76  VAL B CA  1 
ATOM   599  C  C   . VAL A 1 70  ? 0.491   -10.021 -6.904  1.00 15.67 ? 76  VAL B C   1 
ATOM   600  O  O   . VAL A 1 70  ? 1.308   -9.686  -7.740  1.00 14.97 ? 76  VAL B O   1 
ATOM   601  C  CB  . VAL A 1 70  ? 1.411   -8.376  -5.158  1.00 14.09 ? 76  VAL B CB  1 
ATOM   602  C  CG1 . VAL A 1 70  ? 1.047   -7.346  -4.061  1.00 14.03 ? 76  VAL B CG1 1 
ATOM   603  C  CG2 . VAL A 1 70  ? 2.453   -9.359  -4.634  1.00 14.52 ? 76  VAL B CG2 1 
ATOM   604  N  N   . THR A 1 71  ? -0.179  -11.169 -6.992  1.00 15.39 ? 77  THR B N   1 
ATOM   605  C  CA  . THR A 1 71  ? 0.099   -12.200 -8.012  1.00 16.50 ? 77  THR B CA  1 
ATOM   606  C  C   . THR A 1 71  ? 0.167   -11.579 -9.421  1.00 16.63 ? 77  THR B C   1 
ATOM   607  O  O   . THR A 1 71  ? -0.748  -10.814 -9.804  1.00 15.94 ? 77  THR B O   1 
ATOM   608  C  CB  . THR A 1 71  ? -0.982  -13.272 -7.988  1.00 17.38 ? 77  THR B CB  1 
ATOM   609  O  OG1 . THR A 1 71  ? -0.998  -13.933 -6.716  1.00 19.55 ? 77  THR B OG1 1 
ATOM   610  C  CG2 . THR A 1 71  ? -0.721  -14.269 -9.095  1.00 21.27 ? 77  THR B CG2 1 
ATOM   611  N  N   . GLN A 1 72  ? 1.246   -11.918 -10.118 1.00 20.11 ? 78  GLN B N   1 
ATOM   612  C  CA  . GLN A 1 72  ? 1.586   -11.620 -11.537 1.00 23.93 ? 78  GLN B CA  1 
ATOM   613  C  C   . GLN A 1 72  ? 1.685   -10.115 -11.810 1.00 24.61 ? 78  GLN B C   1 
ATOM   614  O  O   . GLN A 1 72  ? 1.797   -9.737  -12.989 1.00 28.26 ? 78  GLN B O   1 
ATOM   615  C  CB  . GLN A 1 72  ? 0.621   -12.365 -12.459 1.00 29.35 ? 78  GLN B CB  1 
ATOM   616  C  CG  . GLN A 1 72  ? -0.812  -11.842 -12.455 1.00 36.72 ? 78  GLN B CG  1 
ATOM   617  C  CD  . GLN A 1 72  ? -1.383  -11.676 -13.846 1.00 40.50 ? 78  GLN B CD  1 
ATOM   618  O  OE1 . GLN A 1 72  ? -2.580  -11.874 -14.070 1.00 41.27 ? 78  GLN B OE1 1 
ATOM   619  N  NE2 . GLN A 1 72  ? -0.536  -11.247 -14.778 1.00 42.66 ? 78  GLN B NE2 1 
ATOM   620  N  N   . LYS A 1 73  ? 1.774   -9.248  -10.811 1.00 17.00 ? 79  LYS B N   1 
ATOM   621  C  CA  . LYS A 1 73  ? 2.071   -7.829  -11.107 1.00 16.76 ? 79  LYS B CA  1 
ATOM   622  C  C   . LYS A 1 73  ? 3.575   -7.548  -11.274 1.00 14.51 ? 79  LYS B C   1 
ATOM   623  O  O   . LYS A 1 73  ? 4.443   -8.243  -10.638 1.00 16.99 ? 79  LYS B O   1 
ATOM   624  C  CB  . LYS A 1 73  ? 1.494   -6.963  -9.984  1.00 17.06 ? 79  LYS B CB  1 
ATOM   625  C  CG  . LYS A 1 73  ? -0.035  -6.966  -9.955  1.00 17.40 ? 79  LYS B CG  1 
ATOM   626  C  CD  . LYS A 1 73  ? -0.635  -5.937  -9.027  1.00 18.34 ? 79  LYS B CD  1 
ATOM   627  C  CE  . LYS A 1 73  ? -0.417  -4.505  -9.459  1.00 16.68 ? 79  LYS B CE  1 
ATOM   628  N  NZ  . LYS A 1 73  ? -0.899  -4.225  -10.845 1.00 14.87 ? 79  LYS B NZ  1 
ATOM   629  N  N   . GLU A 1 74  ? 3.894   -6.626  -12.172 1.00 13.47 ? 80  GLU B N   1 
ATOM   630  C  CA  . GLU A 1 74  ? 5.267   -6.175  -12.457 1.00 13.85 ? 80  GLU B CA  1 
ATOM   631  C  C   . GLU A 1 74  ? 5.650   -4.970  -11.608 1.00 13.20 ? 80  GLU B C   1 
ATOM   632  O  O   . GLU A 1 74  ? 6.831   -4.643  -11.492 1.00 14.63 ? 80  GLU B O   1 
ATOM   633  C  CB  . GLU A 1 74  ? 5.397   -5.736  -13.932 1.00 15.28 ? 80  GLU B CB  1 
ATOM   634  C  CG  . GLU A 1 74  ? 5.217   -6.882  -14.902 1.00 17.22 ? 80  GLU B CG  1 
ATOM   635  C  CD  . GLU A 1 74  ? 5.273   -6.388  -16.358 1.00 17.65 ? 80  GLU B CD  1 
ATOM   636  O  OE1 . GLU A 1 74  ? 5.412   -7.236  -17.243 1.00 22.17 ? 80  GLU B OE1 1 
ATOM   637  O  OE2 . GLU A 1 74  ? 5.172   -5.138  -16.582 1.00 20.93 ? 80  GLU B OE2 1 
ATOM   638  N  N   . ALA A 1 75  ? 4.678   -4.228  -11.083 1.00 13.19 ? 81  ALA B N   1 
ATOM   639  C  CA  . ALA A 1 75  ? 4.971   -2.966  -10.371 1.00 12.36 ? 81  ALA B CA  1 
ATOM   640  C  C   . ALA A 1 75  ? 3.817   -2.665  -9.419  1.00 14.33 ? 81  ALA B C   1 
ATOM   641  O  O   . ALA A 1 75  ? 2.643   -2.853  -9.806  1.00 13.59 ? 81  ALA B O   1 
ATOM   642  C  CB  . ALA A 1 75  ? 5.154   -1.802  -11.329 1.00 14.17 ? 81  ALA B CB  1 
ATOM   643  N  N   . TRP A 1 76  ? 4.126   -2.189  -8.218  1.00 12.67 ? 82  TRP B N   1 
ATOM   644  C  CA  . TRP A 1 76  ? 3.103   -1.813  -7.187  1.00 12.56 ? 82  TRP B CA  1 
ATOM   645  C  C   . TRP A 1 76  ? 3.838   -1.172  -6.024  1.00 13.20 ? 82  TRP B C   1 
ATOM   646  O  O   . TRP A 1 76  ? 5.044   -1.366  -5.895  1.00 12.96 ? 82  TRP B O   1 
ATOM   647  C  CB  . TRP A 1 76  ? 2.278   -3.011  -6.690  1.00 13.30 ? 82  TRP B CB  1 
ATOM   648  C  CG  . TRP A 1 76  ? 3.073   -4.225  -6.305  1.00 13.28 ? 82  TRP B CG  1 
ATOM   649  C  CD1 . TRP A 1 76  ? 3.291   -5.326  -7.064  1.00 14.92 ? 82  TRP B CD1 1 
ATOM   650  C  CD2 . TRP A 1 76  ? 3.818   -4.477  -5.082  1.00 13.06 ? 82  TRP B CD2 1 
ATOM   651  N  NE1 . TRP A 1 76  ? 4.038   -6.263  -6.407  1.00 14.66 ? 82  TRP B NE1 1 
ATOM   652  C  CE2 . TRP A 1 76  ? 4.458   -5.723  -5.211  1.00 14.19 ? 82  TRP B CE2 1 
ATOM   653  C  CE3 . TRP A 1 76  ? 4.056   -3.735  -3.905  1.00 14.81 ? 82  TRP B CE3 1 
ATOM   654  C  CZ2 . TRP A 1 76  ? 5.193   -6.330  -4.199  1.00 14.07 ? 82  TRP B CZ2 1 
ATOM   655  C  CZ3 . TRP A 1 76  ? 4.799   -4.328  -2.903  1.00 13.52 ? 82  TRP B CZ3 1 
ATOM   656  C  CH2 . TRP A 1 76  ? 5.416   -5.575  -3.074  1.00 14.89 ? 82  TRP B CH2 1 
ATOM   657  N  N   . ASP A 1 77  ? 3.107   -0.403  -5.222  1.00 12.60 ? 83  ASP B N   1 
ATOM   658  C  CA  . ASP A 1 77  ? 3.598   0.136   -3.923  1.00 13.24 ? 83  ASP B CA  1 
ATOM   659  C  C   . ASP A 1 77  ? 2.555   -0.270  -2.875  1.00 12.64 ? 83  ASP B C   1 
ATOM   660  O  O   . ASP A 1 77  ? 1.325   -0.199  -3.197  1.00 12.63 ? 83  ASP B O   1 
ATOM   661  C  CB  . ASP A 1 77  ? 3.761   1.651   -3.889  1.00 14.40 ? 83  ASP B CB  1 
ATOM   662  C  CG  . ASP A 1 77  ? 4.378   2.336   -5.092  1.00 16.53 ? 83  ASP B CG  1 
ATOM   663  O  OD1 . ASP A 1 77  ? 5.251   1.751   -5.658  1.00 21.42 ? 83  ASP B OD1 1 
ATOM   664  O  OD2 . ASP A 1 77  ? 3.924   3.451   -5.415  1.00 19.19 ? 83  ASP B OD2 1 
ATOM   665  N  N   . LEU A 1 78  ? 2.957   -0.625  -1.656  1.00 11.27 ? 84  LEU B N   1 
ATOM   666  C  CA  . LEU A 1 78  ? 2.051   -1.003  -0.553  1.00 11.88 ? 84  LEU B CA  1 
ATOM   667  C  C   . LEU A 1 78  ? 2.627   -0.449  0.745   1.00 11.50 ? 84  LEU B C   1 
ATOM   668  O  O   . LEU A 1 78  ? 3.849   -0.447  0.954   1.00 11.16 ? 84  LEU B O   1 
ATOM   669  C  CB  . LEU A 1 78  ? 1.954   -2.515  -0.434  1.00 12.06 ? 84  LEU B CB  1 
ATOM   670  C  CG  . LEU A 1 78  ? 1.166   -3.269  -1.496  1.00 13.64 ? 84  LEU B CG  1 
ATOM   671  C  CD1 . LEU A 1 78  ? 1.311   -4.757  -1.237  1.00 14.92 ? 84  LEU B CD1 1 
ATOM   672  C  CD2 . LEU A 1 78  ? -0.269  -2.827  -1.504  1.00 13.87 ? 84  LEU B CD2 1 
ATOM   673  N  N   . GLY A 1 79  ? 1.703   -0.106  1.641   1.00 10.25 ? 85  GLY B N   1 
ATOM   674  C  CA  . GLY A 1 79  ? 2.063   0.178   3.036   1.00 11.91 ? 85  GLY B CA  1 
ATOM   675  C  C   . GLY A 1 79  ? 0.986   0.981   3.733   1.00 10.02 ? 85  GLY B C   1 
ATOM   676  O  O   . GLY A 1 79  ? -0.184  0.658   3.606   1.00 11.02 ? 85  GLY B O   1 
ATOM   677  N  N   A VAL A 1 80  ? 1.416   2.000   4.478   0.25 10.31 ? 86  VAL B N   1 
ATOM   678  N  N   B VAL A 1 80  ? 1.392   2.028   4.440   0.25 10.76 ? 86  VAL B N   1 
ATOM   679  C  CA  A VAL A 1 80  ? 0.522   2.967   5.175   0.25 10.75 ? 86  VAL B CA  1 
ATOM   680  C  CA  B VAL A 1 80  ? 0.466   2.903   5.209   0.25 11.47 ? 86  VAL B CA  1 
ATOM   681  C  C   A VAL A 1 80  ? 0.980   4.391   4.870   0.25 11.01 ? 86  VAL B C   1 
ATOM   682  C  C   B VAL A 1 80  ? 0.984   4.346   5.085   0.25 11.39 ? 86  VAL B C   1 
ATOM   683  O  O   A VAL A 1 80  ? 2.123   4.624   4.437   0.25 11.20 ? 86  VAL B O   1 
ATOM   684  O  O   B VAL A 1 80  ? 2.202   4.533   4.951   0.25 11.57 ? 86  VAL B O   1 
ATOM   685  C  CB  A VAL A 1 80  ? 0.498   2.749   6.701   0.25 11.07 ? 86  VAL B CB  1 
ATOM   686  C  CB  B VAL A 1 80  ? 0.380   2.403   6.668   0.25 12.46 ? 86  VAL B CB  1 
ATOM   687  C  CG1 A VAL A 1 80  ? -0.268  1.497   7.046   0.25 10.88 ? 86  VAL B CG1 1 
ATOM   688  C  CG1 B VAL A 1 80  ? 1.648   2.726   7.443   0.25 12.78 ? 86  VAL B CG1 1 
ATOM   689  C  CG2 A VAL A 1 80  ? 1.900   2.708   7.295   0.25 11.18 ? 86  VAL B CG2 1 
ATOM   690  C  CG2 B VAL A 1 80  ? -0.839  2.936   7.396   0.25 13.40 ? 86  VAL B CG2 1 
ATOM   691  N  N   . CYS A 1 81  ? 0.094   5.340   5.109   1.00 11.04 ? 87  CYS B N   1 
ATOM   692  C  CA  . CYS A 1 81  ? 0.469   6.750   5.025   1.00 12.53 ? 87  CYS B CA  1 
ATOM   693  C  C   . CYS A 1 81  ? -0.380  7.585   5.967   1.00 12.62 ? 87  CYS B C   1 
ATOM   694  O  O   . CYS A 1 81  ? -1.432  7.132   6.454   1.00 12.28 ? 87  CYS B O   1 
ATOM   695  C  CB  . CYS A 1 81  ? 0.311   7.286   3.607   1.00 14.18 ? 87  CYS B CB  1 
ATOM   696  S  SG  . CYS A 1 81  ? -1.395  7.275   2.986   1.00 14.57 ? 87  CYS B SG  1 
ATOM   697  N  N   A ARG A 1 82  ? 0.112   8.777   6.268   0.25 12.80 ? 88  ARG B N   1 
ATOM   698  N  N   B ARG A 1 82  ? 0.114   8.776   6.280   0.25 11.92 ? 88  ARG B N   1 
ATOM   699  C  CA  A ARG A 1 82  ? -0.683  9.776   7.014   0.25 14.11 ? 88  ARG B CA  1 
ATOM   700  C  CA  B ARG A 1 82  ? -0.640  9.765   7.089   0.25 12.55 ? 88  ARG B CA  1 
ATOM   701  C  C   A ARG A 1 82  ? -1.977  10.064  6.258   0.25 13.20 ? 88  ARG B C   1 
ATOM   702  C  C   B ARG A 1 82  ? -1.895  10.200  6.306   0.25 12.54 ? 88  ARG B C   1 
ATOM   703  O  O   A ARG A 1 82  ? -1.984  10.065  5.017   0.25 12.84 ? 88  ARG B O   1 
ATOM   704  O  O   B ARG A 1 82  ? -1.789  10.436  5.070   0.25 12.08 ? 88  ARG B O   1 
ATOM   705  C  CB  A ARG A 1 82  ? 0.095   11.078  7.181   0.25 15.44 ? 88  ARG B CB  1 
ATOM   706  C  CB  B ARG A 1 82  ? 0.300   10.927  7.433   0.25 12.51 ? 88  ARG B CB  1 
ATOM   707  C  CG  A ARG A 1 82  ? 1.327   10.899  8.041   0.25 16.52 ? 88  ARG B CG  1 
ATOM   708  C  CG  B ARG A 1 82  ? -0.241  11.874  8.496   0.25 12.25 ? 88  ARG B CG  1 
ATOM   709  C  CD  A ARG A 1 82  ? 1.985   12.213  8.382   0.25 17.68 ? 88  ARG B CD  1 
ATOM   710  C  CD  B ARG A 1 82  ? 0.647   13.069  8.755   0.25 12.08 ? 88  ARG B CD  1 
ATOM   711  N  NE  A ARG A 1 82  ? 3.294   11.991  8.980   0.25 17.45 ? 88  ARG B NE  1 
ATOM   712  N  NE  B ARG A 1 82  ? 1.989   12.650  9.096   0.25 12.06 ? 88  ARG B NE  1 
ATOM   713  C  CZ  A ARG A 1 82  ? 4.376   12.671  8.644   0.25 17.32 ? 88  ARG B CZ  1 
ATOM   714  C  CZ  B ARG A 1 82  ? 3.086   12.980  8.419   0.25 11.93 ? 88  ARG B CZ  1 
ATOM   715  N  NH1 A ARG A 1 82  ? 4.307   13.586  7.696   0.25 16.39 ? 88  ARG B NH1 1 
ATOM   716  N  NH1 B ARG A 1 82  ? 3.021   13.794  7.390   0.25 12.96 ? 88  ARG B NH1 1 
ATOM   717  N  NH2 A ARG A 1 82  ? 5.521   12.427  9.250   0.25 19.37 ? 88  ARG B NH2 1 
ATOM   718  N  NH2 B ARG A 1 82  ? 4.254   12.487  8.791   0.25 11.38 ? 88  ARG B NH2 1 
ATOM   719  N  N   . ASP A 1 83  ? -3.031  10.361  6.997   1.00 14.00 ? 89  ASP B N   1 
ATOM   720  C  CA  . ASP A 1 83  ? -4.306  10.795  6.356   1.00 15.29 ? 89  ASP B CA  1 
ATOM   721  C  C   . ASP A 1 83  ? -4.061  12.096  5.587   1.00 16.76 ? 89  ASP B C   1 
ATOM   722  O  O   . ASP A 1 83  ? -4.786  12.323  4.618   1.00 20.18 ? 89  ASP B O   1 
ATOM   723  C  CB  . ASP A 1 83  ? -5.390  10.937  7.420   1.00 18.00 ? 89  ASP B CB  1 
ATOM   724  C  CG  . ASP A 1 83  ? -5.147  11.980  8.480   1.00 21.16 ? 89  ASP B CG  1 
ATOM   725  O  OD1 . ASP A 1 83  ? -3.991  12.507  8.617   1.00 23.41 ? 89  ASP B OD1 1 
ATOM   726  O  OD2 . ASP A 1 83  ? -6.146  12.258  9.210   1.00 24.95 ? 89  ASP B OD2 1 
ATOM   727  N  N   . SER A 1 84  ? -3.099  12.946  5.976   1.00 15.17 ? 90  SER B N   1 
ATOM   728  C  CA  . SER A 1 84  ? -2.903  14.287  5.375   1.00 17.54 ? 90  SER B CA  1 
ATOM   729  C  C   . SER A 1 84  ? -1.861  14.312  4.241   1.00 15.92 ? 90  SER B C   1 
ATOM   730  O  O   . SER A 1 84  ? -1.407  15.397  3.910   1.00 16.57 ? 90  SER B O   1 
ATOM   731  C  CB  . SER A 1 84  ? -2.555  15.293  6.462   1.00 19.48 ? 90  SER B CB  1 
ATOM   732  O  OG  . SER A 1 84  ? -1.454  14.839  7.179   1.00 19.58 ? 90  SER B OG  1 
ATOM   733  N  N   . VAL A 1 85  ? -1.422  13.161  3.698   1.00 14.92 ? 91  VAL B N   1 
ATOM   734  C  CA  . VAL A 1 85  ? -0.452  13.170  2.570   1.00 15.24 ? 91  VAL B CA  1 
ATOM   735  C  C   . VAL A 1 85  ? -1.006  14.002  1.412   1.00 14.67 ? 91  VAL B C   1 
ATOM   736  O  O   . VAL A 1 85  ? -2.238  14.026  1.167   1.00 16.09 ? 91  VAL B O   1 
ATOM   737  C  CB  . VAL A 1 85  ? 0.001   11.766  2.113   1.00 13.71 ? 91  VAL B CB  1 
ATOM   738  C  CG1 . VAL A 1 85  ? 0.799   11.054  3.201   1.00 14.04 ? 91  VAL B CG1 1 
ATOM   739  C  CG2 . VAL A 1 85  ? -1.110  10.900  1.575   1.00 13.75 ? 91  VAL B CG2 1 
ATOM   740  N  N   . GLN A 1 86  ? -0.080  14.635  0.721   1.00 16.73 ? 92  GLN B N   1 
ATOM   741  C  CA  . GLN A 1 86  ? -0.313  15.336  -0.579  1.00 17.67 ? 92  GLN B CA  1 
ATOM   742  C  C   . GLN A 1 86  ? -1.029  14.376  -1.550  1.00 17.03 ? 92  GLN B C   1 
ATOM   743  O  O   . GLN A 1 86  ? -0.625  13.224  -1.655  1.00 17.62 ? 92  GLN B O   1 
ATOM   744  C  CB  . GLN A 1 86  ? 1.051   15.813  -1.074  1.00 20.16 ? 92  GLN B CB  1 
ATOM   745  C  CG  . GLN A 1 86  ? 1.084   16.459  -2.455  1.00 23.15 ? 92  GLN B CG  1 
ATOM   746  C  CD  . GLN A 1 86  ? 2.511   16.720  -2.923  1.00 25.93 ? 92  GLN B CD  1 
ATOM   747  O  OE1 . GLN A 1 86  ? 3.488   16.706  -2.151  1.00 28.41 ? 92  GLN B OE1 1 
ATOM   748  N  NE2 . GLN A 1 86  ? 2.672   17.000  -4.221  1.00 28.33 ? 92  GLN B NE2 1 
ATOM   749  N  N   . ARG A 1 87  ? -1.998  14.884  -2.301  1.00 15.30 ? 93  ARG B N   1 
ATOM   750  C  CA  . ARG A 1 87  ? -2.814  14.098  -3.255  1.00 14.23 ? 93  ARG B CA  1 
ATOM   751  C  C   . ARG A 1 87  ? -2.444  14.545  -4.677  1.00 15.84 ? 93  ARG B C   1 
ATOM   752  O  O   . ARG A 1 87  ? -2.569  13.700  -5.568  1.00 15.76 ? 93  ARG B O   1 
ATOM   753  C  CB  . ARG A 1 87  ? -4.326  14.216  -3.048  1.00 15.04 ? 93  ARG B CB  1 
ATOM   754  C  CG  . ARG A 1 87  ? -4.824  13.870  -1.646  1.00 15.06 ? 93  ARG B CG  1 
ATOM   755  C  CD  . ARG A 1 87  ? -4.334  12.523  -1.146  1.00 16.90 ? 93  ARG B CD  1 
ATOM   756  N  NE  . ARG A 1 87  ? -4.658  12.388  0.293   1.00 18.02 ? 93  ARG B NE  1 
ATOM   757  C  CZ  . ARG A 1 87  ? -5.813  12.025  0.799   1.00 18.19 ? 93  ARG B CZ  1 
ATOM   758  N  NH1 . ARG A 1 87  ? -6.810  11.669  0.018   1.00 18.97 ? 93  ARG B NH1 1 
ATOM   759  N  NH2 . ARG A 1 87  ? -5.971  12.024  2.108   1.00 18.86 ? 93  ARG B NH2 1 
ATOM   760  N  N   . LYS A 1 88  ? -2.066  15.810  -4.887  1.00 16.07 ? 94  LYS B N   1 
ATOM   761  C  CA  . LYS A 1 88  ? -1.931  16.382  -6.249  1.00 16.23 ? 94  LYS B CA  1 
ATOM   762  C  C   . LYS A 1 88  ? -0.482  16.623  -6.605  1.00 18.60 ? 94  LYS B C   1 
ATOM   763  O  O   . LYS A 1 88  ? 0.289   17.055  -5.717  1.00 20.59 ? 94  LYS B O   1 
ATOM   764  C  CB  . LYS A 1 88  ? -2.748  17.673  -6.342  1.00 17.32 ? 94  LYS B CB  1 
ATOM   765  C  CG  . LYS A 1 88  ? -4.178  17.588  -5.875  1.00 18.87 ? 94  LYS B CG  1 
ATOM   766  C  CD  . LYS A 1 88  ? -5.049  16.572  -6.607  1.00 19.26 ? 94  LYS B CD  1 
ATOM   767  C  CE  . LYS A 1 88  ? -6.471  16.637  -6.114  1.00 19.55 ? 94  LYS B CE  1 
ATOM   768  N  NZ  . LYS A 1 88  ? -7.330  15.634  -6.788  1.00 20.42 ? 94  LYS B NZ  1 
ATOM   769  N  N   . GLY A 1 89  ? -0.140  16.437  -7.869  1.00 18.49 ? 95  GLY B N   1 
ATOM   770  C  CA  . GLY A 1 89  ? 1.219   16.687  -8.353  1.00 19.57 ? 95  GLY B CA  1 
ATOM   771  C  C   . GLY A 1 89  ? 2.174   15.551  -8.087  1.00 20.30 ? 95  GLY B C   1 
ATOM   772  O  O   . GLY A 1 89  ? 1.704   14.431  -7.650  1.00 20.40 ? 95  GLY B O   1 
ATOM   773  N  N   . GLN A 1 90  ? 3.465   15.834  -8.269  1.00 20.34 ? 96  GLN B N   1 
ATOM   774  C  CA  . GLN A 1 90  ? 4.556   14.850  -8.117  1.00 23.37 ? 96  GLN B CA  1 
ATOM   775  C  C   . GLN A 1 90  ? 5.076   14.885  -6.686  1.00 20.96 ? 96  GLN B C   1 
ATOM   776  O  O   . GLN A 1 90  ? 5.029   15.941  -6.043  1.00 21.25 ? 96  GLN B O   1 
ATOM   777  C  CB  . GLN A 1 90  ? 5.637   15.143  -9.161  1.00 27.21 ? 96  GLN B CB  1 
ATOM   778  C  CG  . GLN A 1 90  ? 5.069   15.002  -10.558 1.00 34.04 ? 96  GLN B CG  1 
ATOM   779  C  CD  . GLN A 1 90  ? 6.010   15.500  -11.616 1.00 42.89 ? 96  GLN B CD  1 
ATOM   780  O  OE1 . GLN A 1 90  ? 6.888   14.764  -12.063 1.00 53.12 ? 96  GLN B OE1 1 
ATOM   781  N  NE2 . GLN A 1 90  ? 5.812   16.752  -12.018 1.00 47.61 ? 96  GLN B NE2 1 
ATOM   782  N  N   . PHE A 1 91  ? 5.426   13.710  -6.162  1.00 18.22 ? 97  PHE B N   1 
ATOM   783  C  CA  . PHE A 1 91  ? 6.018   13.527  -4.821  1.00 18.18 ? 97  PHE B CA  1 
ATOM   784  C  C   . PHE A 1 91  ? 6.699   12.161  -4.738  1.00 18.39 ? 97  PHE B C   1 
ATOM   785  O  O   . PHE A 1 91  ? 6.372   11.235  -5.481  1.00 18.76 ? 97  PHE B O   1 
ATOM   786  C  CB  . PHE A 1 91  ? 4.954   13.680  -3.736  1.00 17.19 ? 97  PHE B CB  1 
ATOM   787  C  CG  . PHE A 1 91  ? 3.800   12.735  -3.890  1.00 17.09 ? 97  PHE B CG  1 
ATOM   788  C  CD1 . PHE A 1 91  ? 3.877   11.469  -3.333  1.00 18.10 ? 97  PHE B CD1 1 
ATOM   789  C  CD2 . PHE A 1 91  ? 2.599   13.134  -4.450  1.00 18.07 ? 97  PHE B CD2 1 
ATOM   790  C  CE1 . PHE A 1 91  ? 2.813   10.596  -3.438  1.00 17.19 ? 97  PHE B CE1 1 
ATOM   791  C  CE2 . PHE A 1 91  ? 1.518   12.274  -4.515  1.00 17.67 ? 97  PHE B CE2 1 
ATOM   792  C  CZ  . PHE A 1 91  ? 1.630   11.007  -3.979  1.00 17.34 ? 97  PHE B CZ  1 
ATOM   793  N  N   A SER A 1 92  ? 7.688   12.038  -3.859  0.25 19.32 ? 98  SER B N   1 
ATOM   794  N  N   B SER A 1 92  ? 7.654   12.057  -3.814  0.25 18.21 ? 98  SER B N   1 
ATOM   795  C  CA  A SER A 1 92  ? 8.352   10.742  -3.572  0.25 19.47 ? 98  SER B CA  1 
ATOM   796  C  CA  B SER A 1 92  ? 8.397   10.814  -3.493  0.25 17.72 ? 98  SER B CA  1 
ATOM   797  C  C   A SER A 1 92  ? 7.657   10.080  -2.385  0.25 17.78 ? 98  SER B C   1 
ATOM   798  C  C   B SER A 1 92  ? 7.699   10.088  -2.338  0.25 16.75 ? 98  SER B C   1 
ATOM   799  O  O   A SER A 1 92  ? 7.124   10.802  -1.513  0.25 17.65 ? 98  SER B O   1 
ATOM   800  O  O   B SER A 1 92  ? 7.194   10.779  -1.427  0.25 16.54 ? 98  SER B O   1 
ATOM   801  C  CB  A SER A 1 92  ? 9.806   10.913  -3.284  0.25 21.99 ? 98  SER B CB  1 
ATOM   802  C  CB  B SER A 1 92  ? 9.829   11.124  -3.143  0.25 18.60 ? 98  SER B CB  1 
ATOM   803  O  OG  A SER A 1 92  ? 9.988   12.019  -2.425  0.25 24.81 ? 98  SER B OG  1 
ATOM   804  O  OG  B SER A 1 92  ? 10.529  11.607  -4.288  0.25 18.60 ? 98  SER B OG  1 
ATOM   805  N  N   . LEU A 1 93  ? 7.678   8.753   -2.377  1.00 15.82 ? 99  LEU B N   1 
ATOM   806  C  CA  . LEU A 1 93  ? 7.221   7.960   -1.226  1.00 16.23 ? 99  LEU B CA  1 
ATOM   807  C  C   . LEU A 1 93  ? 8.351   7.900   -0.207  1.00 16.78 ? 99  LEU B C   1 
ATOM   808  O  O   . LEU A 1 93  ? 9.310   7.160   -0.382  1.00 18.68 ? 99  LEU B O   1 
ATOM   809  C  CB  . LEU A 1 93  ? 6.794   6.570   -1.682  1.00 16.61 ? 99  LEU B CB  1 
ATOM   810  C  CG  . LEU A 1 93  ? 5.605   6.505   -2.621  1.00 17.75 ? 99  LEU B CG  1 
ATOM   811  C  CD1 . LEU A 1 93  ? 5.369   5.071   -3.070  1.00 18.98 ? 99  LEU B CD1 1 
ATOM   812  C  CD2 . LEU A 1 93  ? 4.331   7.110   -2.046  1.00 18.74 ? 99  LEU B CD2 1 
ATOM   813  N  N   . SER A 1 94  ? 8.241   8.629   0.904   1.00 15.46 ? 100 SER B N   1 
ATOM   814  C  CA  . SER A 1 94  ? 9.263   8.682   1.970   1.00 14.39 ? 100 SER B CA  1 
ATOM   815  C  C   . SER A 1 94  ? 8.565   8.935   3.289   1.00 13.48 ? 100 SER B C   1 
ATOM   816  O  O   . SER A 1 94  ? 7.505   9.595   3.271   1.00 13.13 ? 100 SER B O   1 
ATOM   817  C  CB  . SER A 1 94  ? 10.288  9.762   1.755   1.00 16.23 ? 100 SER B CB  1 
ATOM   818  O  OG  . SER A 1 94  ? 9.681   11.046  1.782   1.00 20.24 ? 100 SER B OG  1 
ATOM   819  N  N   . PRO A 1 95  ? 9.179   8.592   4.410   1.00 13.76 ? 101 PRO B N   1 
ATOM   820  C  CA  . PRO A 1 95  ? 8.619   8.960   5.706   1.00 15.02 ? 101 PRO B CA  1 
ATOM   821  C  C   . PRO A 1 95  ? 8.527   10.483  5.901   1.00 14.16 ? 101 PRO B C   1 
ATOM   822  O  O   . PRO A 1 95  ? 7.512   10.946  6.508   1.00 14.82 ? 101 PRO B O   1 
ATOM   823  C  CB  . PRO A 1 95  ? 9.563   8.290   6.708   1.00 15.44 ? 101 PRO B CB  1 
ATOM   824  C  CG  . PRO A 1 95  ? 10.110  7.088   5.942   1.00 15.11 ? 101 PRO B CG  1 
ATOM   825  C  CD  . PRO A 1 95  ? 10.290  7.633   4.545   1.00 13.96 ? 101 PRO B CD  1 
ATOM   826  N  N   . GLU A 1 96  ? 9.458   11.253  5.321   1.00 16.38 ? 102 GLU B N   1 
ATOM   827  C  CA  . GLU A 1 96  ? 9.403   12.750  5.403   1.00 20.12 ? 102 GLU B CA  1 
ATOM   828  C  C   . GLU A 1 96  ? 8.107   13.253  4.758   1.00 18.69 ? 102 GLU B C   1 
ATOM   829  O  O   . GLU A 1 96  ? 7.493   14.253  5.243   1.00 19.29 ? 102 GLU B O   1 
ATOM   830  C  CB  . GLU A 1 96  ? 10.636  13.387  4.767   1.00 24.40 ? 102 GLU B CB  1 
ATOM   831  C  CG  . GLU A 1 96  ? 11.920  12.835  5.345   1.00 34.32 ? 102 GLU B CG  1 
ATOM   832  C  CD  . GLU A 1 96  ? 12.631  11.781  4.503   1.00 41.76 ? 102 GLU B CD  1 
ATOM   833  O  OE1 . GLU A 1 96  ? 12.322  10.531  4.659   1.00 28.90 ? 102 GLU B OE1 1 
ATOM   834  O  OE2 . GLU A 1 96  ? 13.535  12.215  3.708   1.00 46.32 ? 102 GLU B OE2 1 
ATOM   835  N  N   . ASN A 1 97  ? 7.587   12.578  3.728   1.00 16.30 ? 103 ASN B N   1 
ATOM   836  C  CA  . ASN A 1 97  ? 6.311   12.961  3.074   1.00 15.51 ? 103 ASN B CA  1 
ATOM   837  C  C   . ASN A 1 97  ? 5.096   12.215  3.656   1.00 14.86 ? 103 ASN B C   1 
ATOM   838  O  O   . ASN A 1 97  ? 3.989   12.435  3.177   1.00 15.78 ? 103 ASN B O   1 
ATOM   839  C  CB  . ASN A 1 97  ? 6.395   12.748  1.554   1.00 17.14 ? 103 ASN B CB  1 
ATOM   840  C  CG  . ASN A 1 97  ? 7.277   13.740  0.837   1.00 19.52 ? 103 ASN B CG  1 
ATOM   841  O  OD1 . ASN A 1 97  ? 7.560   14.833  1.372   1.00 21.11 ? 103 ASN B OD1 1 
ATOM   842  N  ND2 . ASN A 1 97  ? 7.797   13.337  -0.321  1.00 21.04 ? 103 ASN B ND2 1 
ATOM   843  N  N   . GLY A 1 98  ? 5.273   11.400  4.698   1.00 13.28 ? 104 GLY B N   1 
ATOM   844  C  CA  . GLY A 1 98  ? 4.190   10.705  5.386   1.00 12.90 ? 104 GLY B CA  1 
ATOM   845  C  C   . GLY A 1 98  ? 3.837   9.348   4.833   1.00 12.23 ? 104 GLY B C   1 
ATOM   846  O  O   . GLY A 1 98  ? 2.705   8.927   5.029   1.00 12.58 ? 104 GLY B O   1 
ATOM   847  N  N   . PHE A 1 99  ? 4.814   8.633   4.234   1.00 12.74 ? 105 PHE B N   1 
ATOM   848  C  CA  . PHE A 1 99  ? 4.546   7.285   3.666   1.00 12.26 ? 105 PHE B CA  1 
ATOM   849  C  C   . PHE A 1 99  ? 5.529   6.258   4.232   1.00 12.10 ? 105 PHE B C   1 
ATOM   850  O  O   . PHE A 1 99  ? 6.772   6.593   4.313   1.00 12.99 ? 105 PHE B O   1 
ATOM   851  C  CB  . PHE A 1 99  ? 4.740   7.274   2.130   1.00 12.58 ? 105 PHE B CB  1 
ATOM   852  C  CG  . PHE A 1 99  ? 3.782   8.180   1.391   1.00 12.16 ? 105 PHE B CG  1 
ATOM   853  C  CD1 . PHE A 1 99  ? 4.112   9.489   1.130   1.00 12.77 ? 105 PHE B CD1 1 
ATOM   854  C  CD2 . PHE A 1 99  ? 2.586   7.678   0.904   1.00 11.79 ? 105 PHE B CD2 1 
ATOM   855  C  CE1 . PHE A 1 99  ? 3.230   10.322  0.458   1.00 13.10 ? 105 PHE B CE1 1 
ATOM   856  C  CE2 . PHE A 1 99  ? 1.714   8.504   0.221   1.00 13.80 ? 105 PHE B CE2 1 
ATOM   857  C  CZ  . PHE A 1 99  ? 2.074   9.798   -0.046  1.00 12.76 ? 105 PHE B CZ  1 
ATOM   858  N  N   . TRP A 1 100 ? 5.050   5.059   4.595   1.00 11.02 ? 106 TRP B N   1 
ATOM   859  C  CA  . TRP A 1 100 ? 5.876   3.915   5.058   1.00 10.39 ? 106 TRP B CA  1 
ATOM   860  C  C   . TRP A 1 100 ? 5.514   2.738   4.157   1.00 10.16 ? 106 TRP B C   1 
ATOM   861  O  O   . TRP A 1 100 ? 4.437   2.107   4.337   1.00 11.08 ? 106 TRP B O   1 
ATOM   862  C  CB  . TRP A 1 100 ? 5.637   3.633   6.555   1.00 9.92  ? 106 TRP B CB  1 
ATOM   863  C  CG  . TRP A 1 100 ? 6.098   4.794   7.389   1.00 10.23 ? 106 TRP B CG  1 
ATOM   864  C  CD1 . TRP A 1 100 ? 7.317   4.977   7.974   1.00 12.04 ? 106 TRP B CD1 1 
ATOM   865  C  CD2 . TRP A 1 100 ? 5.315   5.962   7.733   1.00 11.33 ? 106 TRP B CD2 1 
ATOM   866  N  NE1 . TRP A 1 100 ? 7.365   6.205   8.594   1.00 12.55 ? 106 TRP B NE1 1 
ATOM   867  C  CE2 . TRP A 1 100 ? 6.162   6.824   8.471   1.00 12.76 ? 106 TRP B CE2 1 
ATOM   868  C  CE3 . TRP A 1 100 ? 4.001   6.350   7.460   1.00 12.23 ? 106 TRP B CE3 1 
ATOM   869  C  CZ2 . TRP A 1 100 ? 5.707   8.071   8.931   1.00 13.48 ? 106 TRP B CZ2 1 
ATOM   870  C  CZ3 . TRP A 1 100 ? 3.566   7.577   7.925   1.00 12.95 ? 106 TRP B CZ3 1 
ATOM   871  C  CH2 . TRP A 1 100 ? 4.425   8.429   8.607   1.00 13.09 ? 106 TRP B CH2 1 
ATOM   872  N  N   . THR A 1 101 ? 6.337   2.554   3.106   1.00 11.21 ? 107 THR B N   1 
ATOM   873  C  CA  . THR A 1 101 ? 5.933   1.695   1.961   1.00 10.82 ? 107 THR B CA  1 
ATOM   874  C  C   . THR A 1 101 ? 7.113   0.835   1.473   1.00 10.35 ? 107 THR B C   1 
ATOM   875  O  O   . THR A 1 101 ? 8.271   1.181   1.717   1.00 10.78 ? 107 THR B O   1 
ATOM   876  C  CB  . THR A 1 101 ? 5.434   2.519   0.775   1.00 11.92 ? 107 THR B CB  1 
ATOM   877  O  OG1 . THR A 1 101 ? 6.464   3.373   0.299   1.00 12.88 ? 107 THR B OG1 1 
ATOM   878  C  CG2 . THR A 1 101 ? 4.217   3.343   1.152   1.00 12.07 ? 107 THR B CG2 1 
ATOM   879  N  N   . ILE A 1 102 ? 6.759   -0.223  0.764   1.00 11.07 ? 108 ILE B N   1 
ATOM   880  C  CA  . ILE A 1 102 ? 7.740   -1.000  -0.063  1.00 11.27 ? 108 ILE B CA  1 
ATOM   881  C  C   . ILE A 1 102 ? 7.143   -1.059  -1.475  1.00 11.88 ? 108 ILE B C   1 
ATOM   882  O  O   . ILE A 1 102 ? 5.912   -0.795  -1.659  1.00 11.73 ? 108 ILE B O   1 
ATOM   883  C  CB  . ILE A 1 102 ? 8.046   -2.406  0.494   1.00 12.55 ? 108 ILE B CB  1 
ATOM   884  C  CG1 . ILE A 1 102 ? 6.846   -3.344  0.402   1.00 12.79 ? 108 ILE B CG1 1 
ATOM   885  C  CG2 . ILE A 1 102 ? 8.592   -2.288  1.897   1.00 13.25 ? 108 ILE B CG2 1 
ATOM   886  C  CD1 . ILE A 1 102 ? 7.186   -4.805  0.727   1.00 12.81 ? 108 ILE B CD1 1 
ATOM   887  N  N   . TRP A 1 103 ? 7.976   -1.434  -2.419  1.00 12.34 ? 109 TRP B N   1 
ATOM   888  C  CA  . TRP A 1 103 ? 7.508   -1.538  -3.812  1.00 12.60 ? 109 TRP B CA  1 
ATOM   889  C  C   . TRP A 1 103 ? 8.297   -2.547  -4.596  1.00 12.22 ? 109 TRP B C   1 
ATOM   890  O  O   . TRP A 1 103 ? 9.403   -2.942  -4.247  1.00 12.62 ? 109 TRP B O   1 
ATOM   891  C  CB  . TRP A 1 103 ? 7.493   -0.215  -4.517  1.00 15.56 ? 109 TRP B CB  1 
ATOM   892  C  CG  . TRP A 1 103 ? 8.817   0.429   -4.669  1.00 17.05 ? 109 TRP B CG  1 
ATOM   893  C  CD1 . TRP A 1 103 ? 9.766   0.100   -5.593  1.00 17.79 ? 109 TRP B CD1 1 
ATOM   894  C  CD2 . TRP A 1 103 ? 9.250   1.633   -4.033  1.00 18.00 ? 109 TRP B CD2 1 
ATOM   895  N  NE1 . TRP A 1 103 ? 10.771  1.005   -5.570  1.00 20.96 ? 109 TRP B NE1 1 
ATOM   896  C  CE2 . TRP A 1 103 ? 10.460  1.983   -4.670  1.00 18.69 ? 109 TRP B CE2 1 
ATOM   897  C  CE3 . TRP A 1 103 ? 8.678   2.495   -3.095  1.00 19.16 ? 109 TRP B CE3 1 
ATOM   898  C  CZ2 . TRP A 1 103 ? 11.205  3.086   -4.272  1.00 21.04 ? 109 TRP B CZ2 1 
ATOM   899  C  CZ3 . TRP A 1 103 ? 9.396   3.610   -2.752  1.00 20.05 ? 109 TRP B CZ3 1 
ATOM   900  C  CH2 . TRP A 1 103 ? 10.605  3.912   -3.353  1.00 19.29 ? 109 TRP B CH2 1 
ATOM   901  N  N   . LEU A 1 104 ? 7.644   -2.978  -5.700  1.00 13.34 ? 110 LEU B N   1 
ATOM   902  C  CA  . LEU A 1 104 ? 8.290   -3.705  -6.795  1.00 12.64 ? 110 LEU B CA  1 
ATOM   903  C  C   . LEU A 1 104 ? 8.382   -2.794  -8.018  1.00 12.03 ? 110 LEU B C   1 
ATOM   904  O  O   . LEU A 1 104 ? 7.381   -2.139  -8.354  1.00 12.78 ? 110 LEU B O   1 
ATOM   905  C  CB  . LEU A 1 104 ? 7.448   -4.924  -7.156  1.00 13.45 ? 110 LEU B CB  1 
ATOM   906  C  CG  . LEU A 1 104 ? 7.886   -5.709  -8.398  1.00 13.01 ? 110 LEU B CG  1 
ATOM   907  C  CD1 . LEU A 1 104 ? 9.287   -6.280  -8.283  1.00 13.90 ? 110 LEU B CD1 1 
ATOM   908  C  CD2 . LEU A 1 104 ? 6.885   -6.793  -8.738  1.00 15.04 ? 110 LEU B CD2 1 
ATOM   909  N  N   . TRP A 1 105 ? 9.544   -2.776  -8.666  1.00 13.09 ? 111 TRP B N   1 
ATOM   910  C  CA  . TRP A 1 105 ? 9.759   -1.961  -9.871  1.00 13.95 ? 111 TRP B CA  1 
ATOM   911  C  C   . TRP A 1 105 ? 10.918  -2.567  -10.650 1.00 16.62 ? 111 TRP B C   1 
ATOM   912  O  O   . TRP A 1 105 ? 11.999  -2.744  -10.050 1.00 16.16 ? 111 TRP B O   1 
ATOM   913  C  CB  . TRP A 1 105 ? 10.065  -0.518  -9.447  1.00 17.97 ? 111 TRP B CB  1 
ATOM   914  C  CG  . TRP A 1 105 ? 10.475  0.344   -10.575 1.00 21.13 ? 111 TRP B CG  1 
ATOM   915  C  CD1 . TRP A 1 105 ? 11.715  0.866   -10.837 1.00 22.20 ? 111 TRP B CD1 1 
ATOM   916  C  CD2 . TRP A 1 105 ? 9.590   0.807   -11.588 1.00 21.53 ? 111 TRP B CD2 1 
ATOM   917  N  NE1 . TRP A 1 105 ? 11.644  1.629   -11.968 1.00 22.72 ? 111 TRP B NE1 1 
ATOM   918  C  CE2 . TRP A 1 105 ? 10.363  1.614   -12.443 1.00 20.72 ? 111 TRP B CE2 1 
ATOM   919  C  CE3 . TRP A 1 105 ? 8.233   0.634   -11.850 1.00 22.12 ? 111 TRP B CE3 1 
ATOM   920  C  CZ2 . TRP A 1 105 ? 9.821   2.246   -13.553 1.00 27.17 ? 111 TRP B CZ2 1 
ATOM   921  C  CZ3 . TRP A 1 105 ? 7.696   1.250   -12.956 1.00 26.94 ? 111 TRP B CZ3 1 
ATOM   922  C  CH2 . TRP A 1 105 ? 8.488   2.017   -13.810 1.00 25.97 ? 111 TRP B CH2 1 
ATOM   923  N  N   . GLN A 1 106 ? 10.690  -2.923  -11.932 1.00 15.96 ? 112 GLN B N   1 
ATOM   924  C  CA  . GLN A 1 106 ? 11.807  -3.414  -12.790 1.00 16.17 ? 112 GLN B CA  1 
ATOM   925  C  C   . GLN A 1 106 ? 12.554  -4.546  -12.120 1.00 17.68 ? 112 GLN B C   1 
ATOM   926  O  O   . GLN A 1 106 ? 13.844  -4.513  -12.091 1.00 19.05 ? 112 GLN B O   1 
ATOM   927  C  CB  . GLN A 1 106 ? 12.701  -2.239  -13.200 1.00 18.71 ? 112 GLN B CB  1 
ATOM   928  C  CG  . GLN A 1 106 ? 11.910  -1.185  -13.984 1.00 19.22 ? 112 GLN B CG  1 
ATOM   929  C  CD  . GLN A 1 106 ? 12.752  -0.140  -14.676 1.00 22.21 ? 112 GLN B CD  1 
ATOM   930  O  OE1 . GLN A 1 106 ? 12.275  0.595   -15.575 1.00 25.13 ? 112 GLN B OE1 1 
ATOM   931  N  NE2 . GLN A 1 106 ? 14.003  -0.048  -14.258 1.00 18.93 ? 112 GLN B NE2 1 
ATOM   932  N  N   . ASP A 1 107 ? 11.826  -5.554  -11.654 1.00 17.98 ? 113 ASP B N   1 
ATOM   933  C  CA  . ASP A 1 107 ? 12.397  -6.821  -11.176 1.00 23.19 ? 113 ASP B CA  1 
ATOM   934  C  C   . ASP A 1 107 ? 13.237  -6.615  -9.904  1.00 22.69 ? 113 ASP B C   1 
ATOM   935  O  O   . ASP A 1 107 ? 13.960  -7.560  -9.550  1.00 28.79 ? 113 ASP B O   1 
ATOM   936  C  CB  . ASP A 1 107 ? 13.295  -7.369  -12.293 1.00 28.00 ? 113 ASP B CB  1 
ATOM   937  C  CG  . ASP A 1 107 ? 13.511  -8.850  -12.264 1.00 36.01 ? 113 ASP B CG  1 
ATOM   938  O  OD1 . ASP A 1 107 ? 12.618  -9.572  -11.778 1.00 41.17 ? 113 ASP B OD1 1 
ATOM   939  O  OD2 . ASP A 1 107 ? 14.574  -9.272  -12.786 1.00 52.55 ? 113 ASP B OD2 1 
ATOM   940  N  N   . SER A 1 108 ? 13.103  -5.493  -9.203  1.00 19.02 ? 114 SER B N   1 
ATOM   941  C  CA  . SER A 1 108 ? 13.738  -5.323  -7.867  1.00 19.56 ? 114 SER B CA  1 
ATOM   942  C  C   . SER A 1 108 ? 12.716  -4.821  -6.836  1.00 16.68 ? 114 SER B C   1 
ATOM   943  O  O   . SER A 1 108 ? 11.746  -4.048  -7.183  1.00 16.03 ? 114 SER B O   1 
ATOM   944  C  CB  . SER A 1 108 ? 14.998  -4.496  -7.993  1.00 24.25 ? 114 SER B CB  1 
ATOM   945  O  OG  . SER A 1 108 ? 14.722  -3.121  -8.022  1.00 34.64 ? 114 SER B OG  1 
ATOM   946  N  N   . TYR A 1 109 ? 12.882  -5.266  -5.597  1.00 14.85 ? 115 TYR B N   1 
ATOM   947  C  CA  . TYR A 1 109 ? 12.055  -4.814  -4.447  1.00 13.57 ? 115 TYR B CA  1 
ATOM   948  C  C   . TYR A 1 109 ? 12.850  -3.787  -3.642  1.00 13.18 ? 115 TYR B C   1 
ATOM   949  O  O   . TYR A 1 109 ? 14.043  -3.979  -3.408  1.00 14.27 ? 115 TYR B O   1 
ATOM   950  C  CB  . TYR A 1 109 ? 11.611  -5.996  -3.600  1.00 13.53 ? 115 TYR B CB  1 
ATOM   951  C  CG  . TYR A 1 109 ? 10.782  -7.018  -4.349  1.00 14.26 ? 115 TYR B CG  1 
ATOM   952  C  CD1 . TYR A 1 109 ? 11.402  -8.079  -4.985  1.00 14.92 ? 115 TYR B CD1 1 
ATOM   953  C  CD2 . TYR A 1 109 ? 9.400   -6.982  -4.301  1.00 13.09 ? 115 TYR B CD2 1 
ATOM   954  C  CE1 . TYR A 1 109 ? 10.651  -9.046  -5.640  1.00 16.11 ? 115 TYR B CE1 1 
ATOM   955  C  CE2 . TYR A 1 109 ? 8.638   -7.928  -4.971  1.00 13.63 ? 115 TYR B CE2 1 
ATOM   956  C  CZ  . TYR A 1 109 ? 9.282   -8.971  -5.617  1.00 15.28 ? 115 TYR B CZ  1 
ATOM   957  O  OH  . TYR A 1 109 ? 8.569   -9.915  -6.324  1.00 16.42 ? 115 TYR B OH  1 
ATOM   958  N  N   A GLU A 1 110 ? 12.201  -2.687  -3.236  0.25 13.79 ? 116 GLU B N   1 
ATOM   959  N  N   B GLU A 1 110 ? 12.193  -2.683  -3.260  0.25 13.49 ? 116 GLU B N   1 
ATOM   960  C  CA  A GLU A 1 110 ? 12.866  -1.599  -2.464  0.25 14.22 ? 116 GLU B CA  1 
ATOM   961  C  CA  B GLU A 1 110 ? 12.814  -1.561  -2.501  0.25 13.74 ? 116 GLU B CA  1 
ATOM   962  C  C   A GLU A 1 110 ? 11.932  -1.039  -1.383  0.25 13.35 ? 116 GLU B C   1 
ATOM   963  C  C   B GLU A 1 110 ? 11.913  -1.183  -1.317  0.25 12.93 ? 116 GLU B C   1 
ATOM   964  O  O   A GLU A 1 110 ? 10.720  -0.928  -1.618  0.25 12.98 ? 116 GLU B O   1 
ATOM   965  O  O   B GLU A 1 110 ? 10.684  -1.417  -1.396  0.25 12.47 ? 116 GLU B O   1 
ATOM   966  C  CB  A GLU A 1 110 ? 13.329  -0.474  -3.385  0.25 15.92 ? 116 GLU B CB  1 
ATOM   967  C  CB  B GLU A 1 110 ? 13.049  -0.358  -3.415  0.25 15.08 ? 116 GLU B CB  1 
ATOM   968  C  CG  A GLU A 1 110 ? 14.433  -0.899  -4.351  0.25 17.90 ? 116 GLU B CG  1 
ATOM   969  C  CG  B GLU A 1 110 ? 13.957  -0.657  -4.606  0.25 17.09 ? 116 GLU B CG  1 
ATOM   970  C  CD  A GLU A 1 110 ? 14.787  0.170   -5.365  0.25 20.51 ? 116 GLU B CD  1 
ATOM   971  C  CD  B GLU A 1 110 ? 15.444  -0.579  -4.293  0.25 18.22 ? 116 GLU B CD  1 
ATOM   972  O  OE1 A GLU A 1 110 ? 13.888  0.968   -5.713  0.25 22.33 ? 116 GLU B OE1 1 
ATOM   973  O  OE1 B GLU A 1 110 ? 15.818  0.119   -3.332  0.25 23.19 ? 116 GLU B OE1 1 
ATOM   974  O  OE2 A GLU A 1 110 ? 15.962  0.218   -5.790  0.25 20.76 ? 116 GLU B OE2 1 
ATOM   975  O  OE2 B GLU A 1 110 ? 16.223  -1.166  -5.044  0.25 23.35 ? 116 GLU B OE2 1 
ATOM   976  N  N   . ALA A 1 111 ? 12.506  -0.632  -0.246  1.00 12.87 ? 117 ALA B N   1 
ATOM   977  C  CA  . ALA A 1 111 ? 11.742  0.089   0.787   1.00 13.58 ? 117 ALA B CA  1 
ATOM   978  C  C   . ALA A 1 111 ? 11.815  1.589   0.514   1.00 14.24 ? 117 ALA B C   1 
ATOM   979  O  O   . ALA A 1 111 ? 12.901  2.123   0.127   1.00 13.76 ? 117 ALA B O   1 
ATOM   980  C  CB  . ALA A 1 111 ? 12.275  -0.237  2.174   1.00 14.02 ? 117 ALA B CB  1 
ATOM   981  N  N   . GLY A 1 112 ? 10.683  2.273   0.699   1.00 13.32 ? 118 GLY B N   1 
ATOM   982  C  CA  . GLY A 1 112 ? 10.497  3.720   0.472   1.00 14.25 ? 118 GLY B CA  1 
ATOM   983  C  C   . GLY A 1 112 ? 11.151  4.578   1.534   1.00 14.04 ? 118 GLY B C   1 
ATOM   984  O  O   . GLY A 1 112 ? 10.500  5.423   2.112   1.00 15.82 ? 118 GLY B O   1 
ATOM   985  N  N   . THR A 1 113 ? 12.409  4.372   1.813   1.00 15.82 ? 119 THR B N   1 
ATOM   986  C  CA  . THR A 1 113 ? 13.233  5.317   2.580   1.00 16.77 ? 119 THR B CA  1 
ATOM   987  C  C   . THR A 1 113 ? 13.751  6.403   1.631   1.00 16.96 ? 119 THR B C   1 
ATOM   988  O  O   . THR A 1 113 ? 13.612  6.262   0.428   1.00 20.11 ? 119 THR B O   1 
ATOM   989  C  CB  . THR A 1 113 ? 14.344  4.517   3.245   1.00 14.51 ? 119 THR B CB  1 
ATOM   990  O  OG1 . THR A 1 113 ? 15.055  3.749   2.268   1.00 15.13 ? 119 THR B OG1 1 
ATOM   991  C  CG2 . THR A 1 113 ? 13.916  3.588   4.345   1.00 17.17 ? 119 THR B CG2 1 
ATOM   992  N  N   . SER A 1 114 ? 14.424  7.427   2.165   1.00 20.20 ? 120 SER B N   1 
ATOM   993  C  CA  . SER A 1 114 ? 15.037  8.487   1.336   1.00 24.25 ? 120 SER B CA  1 
ATOM   994  C  C   . SER A 1 114 ? 16.531  8.577   1.652   1.00 25.01 ? 120 SER B C   1 
ATOM   995  O  O   . SER A 1 114 ? 16.920  8.994   2.747   1.00 27.85 ? 120 SER B O   1 
ATOM   996  C  CB  . SER A 1 114 ? 14.337  9.810   1.549   1.00 30.31 ? 120 SER B CB  1 
ATOM   997  O  OG  . SER A 1 114 ? 14.823  10.748  0.596   1.00 34.18 ? 120 SER B OG  1 
ATOM   998  N  N   . PRO A 1 115 ? 17.416  8.055   0.778   1.00 23.86 ? 121 PRO B N   1 
ATOM   999  C  CA  . PRO A 1 115 ? 17.038  7.390   -0.463  1.00 24.29 ? 121 PRO B CA  1 
ATOM   1000 C  C   . PRO A 1 115 ? 16.562  5.952   -0.220  1.00 18.75 ? 121 PRO B C   1 
ATOM   1001 O  O   . PRO A 1 115 ? 16.682  5.414   0.895   1.00 17.98 ? 121 PRO B O   1 
ATOM   1002 C  CB  . PRO A 1 115 ? 18.336  7.385   -1.271  1.00 27.15 ? 121 PRO B CB  1 
ATOM   1003 C  CG  . PRO A 1 115 ? 19.406  7.238   -0.200  1.00 25.70 ? 121 PRO B CG  1 
ATOM   1004 C  CD  . PRO A 1 115 ? 18.881  8.033   0.988   1.00 25.65 ? 121 PRO B CD  1 
ATOM   1005 N  N   . GLN A 1 116 ? 16.014  5.341   -1.250  1.00 19.85 ? 122 GLN B N   1 
ATOM   1006 C  CA  . GLN A 1 116 ? 15.386  4.004   -1.160  1.00 18.37 ? 122 GLN B CA  1 
ATOM   1007 C  C   . GLN A 1 116 ? 16.423  2.930   -0.799  1.00 16.95 ? 122 GLN B C   1 
ATOM   1008 O  O   . GLN A 1 116 ? 17.617  3.085   -1.074  1.00 17.69 ? 122 GLN B O   1 
ATOM   1009 C  CB  . GLN A 1 116 ? 14.618  3.628   -2.425  1.00 23.32 ? 122 GLN B CB  1 
ATOM   1010 C  CG  . GLN A 1 116 ? 15.483  3.285   -3.614  1.00 30.76 ? 122 GLN B CG  1 
ATOM   1011 C  CD  . GLN A 1 116 ? 15.252  4.272   -4.724  1.00 41.93 ? 122 GLN B CD  1 
ATOM   1012 O  OE1 . GLN A 1 116 ? 15.193  5.484   -4.504  1.00 52.59 ? 122 GLN B OE1 1 
ATOM   1013 N  NE2 . GLN A 1 116 ? 15.144  3.745   -5.928  1.00 51.88 ? 122 GLN B NE2 1 
ATOM   1014 N  N   . THR A 1 117 ? 15.937  1.880   -0.146  1.00 14.71 ? 123 THR B N   1 
ATOM   1015 C  CA  . THR A 1 117 ? 16.744  0.765   0.354   1.00 13.32 ? 123 THR B CA  1 
ATOM   1016 C  C   . THR A 1 117 ? 16.443  -0.497  -0.438  1.00 13.20 ? 123 THR B C   1 
ATOM   1017 O  O   . THR A 1 117 ? 15.273  -0.922  -0.496  1.00 14.69 ? 123 THR B O   1 
ATOM   1018 C  CB  . THR A 1 117 ? 16.483  0.565   1.857   1.00 13.31 ? 123 THR B CB  1 
ATOM   1019 O  OG1 . THR A 1 117 ? 16.812  1.799   2.506   1.00 15.34 ? 123 THR B OG1 1 
ATOM   1020 C  CG2 . THR A 1 117 ? 17.309  -0.574  2.400   1.00 14.72 ? 123 THR B CG2 1 
ATOM   1021 N  N   . THR A 1 118 ? 17.488  -1.169  -0.928  1.00 13.71 ? 124 THR B N   1 
ATOM   1022 C  CA  . THR A 1 118 ? 17.383  -2.487  -1.584  1.00 15.06 ? 124 THR B CA  1 
ATOM   1023 C  C   . THR A 1 118 ? 16.876  -3.563  -0.634  1.00 14.34 ? 124 THR B C   1 
ATOM   1024 O  O   . THR A 1 118 ? 17.395  -3.685  0.508   1.00 17.51 ? 124 THR B O   1 
ATOM   1025 C  CB  . THR A 1 118 ? 18.788  -2.859  -2.070  1.00 18.12 ? 124 THR B CB  1 
ATOM   1026 O  OG1 . THR A 1 118 ? 19.156  -1.908  -3.061  1.00 21.57 ? 124 THR B OG1 1 
ATOM   1027 C  CG2 . THR A 1 118 ? 18.850  -4.268  -2.600  1.00 21.50 ? 124 THR B CG2 1 
ATOM   1028 N  N   . LEU A 1 119 ? 15.892  -4.348  -1.054  1.00 12.17 ? 125 LEU B N   1 
ATOM   1029 C  CA  . LEU A 1 119 ? 15.362  -5.462  -0.246  1.00 12.79 ? 125 LEU B CA  1 
ATOM   1030 C  C   . LEU A 1 119 ? 15.984  -6.751  -0.821  1.00 14.31 ? 125 LEU B C   1 
ATOM   1031 O  O   . LEU A 1 119 ? 16.399  -6.752  -2.013  1.00 18.53 ? 125 LEU B O   1 
ATOM   1032 C  CB  . LEU A 1 119 ? 13.824  -5.535  -0.283  1.00 12.92 ? 125 LEU B CB  1 
ATOM   1033 C  CG  . LEU A 1 119 ? 13.122  -4.276  0.252   1.00 13.05 ? 125 LEU B CG  1 
ATOM   1034 C  CD1 . LEU A 1 119 ? 11.630  -4.318  0.031   1.00 14.33 ? 125 LEU B CD1 1 
ATOM   1035 C  CD2 . LEU A 1 119 ? 13.427  -4.082  1.731   1.00 14.36 ? 125 LEU B CD2 1 
ATOM   1036 N  N   . HIS A 1 120 ? 16.060  -7.781  -0.011  1.00 14.58 ? 126 HIS B N   1 
ATOM   1037 C  CA  . HIS A 1 120 ? 16.719  -9.069  -0.352  1.00 14.98 ? 126 HIS B CA  1 
ATOM   1038 C  C   . HIS A 1 120 ? 15.635  -10.128 -0.268  1.00 15.94 ? 126 HIS B C   1 
ATOM   1039 O  O   . HIS A 1 120 ? 15.334  -10.615 0.854   1.00 20.46 ? 126 HIS B O   1 
ATOM   1040 C  CB  . HIS A 1 120 ? 17.875  -9.336  0.613   1.00 17.29 ? 126 HIS B CB  1 
ATOM   1041 C  CG  . HIS A 1 120 ? 18.957  -8.292  0.587   1.00 18.74 ? 126 HIS B CG  1 
ATOM   1042 N  ND1 . HIS A 1 120 ? 19.031  -7.237  1.497   1.00 23.12 ? 126 HIS B ND1 1 
ATOM   1043 C  CD2 . HIS A 1 120 ? 19.969  -8.096  -0.276  1.00 22.02 ? 126 HIS B CD2 1 
ATOM   1044 C  CE1 . HIS A 1 120 ? 20.053  -6.457  1.175   1.00 23.68 ? 126 HIS B CE1 1 
ATOM   1045 N  NE2 . HIS A 1 120 ? 20.674  -6.990  0.143   1.00 22.73 ? 126 HIS B NE2 1 
ATOM   1046 N  N   . ILE A 1 121 ? 15.002  -10.453 -1.370  1.00 19.84 ? 127 ILE B N   1 
ATOM   1047 C  CA  . ILE A 1 121 ? 13.864  -11.412 -1.405  1.00 21.88 ? 127 ILE B CA  1 
ATOM   1048 C  C   . ILE A 1 121 ? 14.279  -12.586 -2.330  1.00 21.26 ? 127 ILE B C   1 
ATOM   1049 O  O   . ILE A 1 121 ? 14.586  -12.336 -3.507  1.00 27.22 ? 127 ILE B O   1 
ATOM   1050 C  CB  . ILE A 1 121 ? 12.590  -10.671 -1.859  1.00 24.39 ? 127 ILE B CB  1 
ATOM   1051 C  CG1 . ILE A 1 121 ? 12.247  -9.505  -0.914  1.00 22.33 ? 127 ILE B CG1 1 
ATOM   1052 C  CG2 . ILE A 1 121 ? 11.451  -11.676 -1.967  1.00 29.84 ? 127 ILE B CG2 1 
ATOM   1053 C  CD1 . ILE A 1 121 ? 10.869  -8.904  -1.132  1.00 23.50 ? 127 ILE B CD1 1 
ATOM   1054 N  N   . GLN A 1 122 ? 14.372  -13.783 -1.779  1.00 27.04 ? 128 GLN B N   1 
ATOM   1055 C  CA  . GLN A 1 122 ? 14.770  -15.001 -2.542  1.00 28.62 ? 128 GLN B CA  1 
ATOM   1056 C  C   . GLN A 1 122 ? 13.532  -15.589 -3.239  1.00 26.32 ? 128 GLN B C   1 
ATOM   1057 O  O   . GLN A 1 122 ? 13.679  -16.087 -4.384  1.00 26.58 ? 128 GLN B O   1 
ATOM   1058 C  CB  . GLN A 1 122 ? 15.429  -15.994 -1.573  1.00 32.57 ? 128 GLN B CB  1 
ATOM   1059 C  CG  . GLN A 1 122 ? 15.891  -17.302 -2.222  1.00 42.57 ? 128 GLN B CG  1 
ATOM   1060 C  CD  . GLN A 1 122 ? 16.887  -17.105 -3.346  1.00 47.12 ? 128 GLN B CD  1 
ATOM   1061 O  OE1 . GLN A 1 122 ? 17.470  -16.035 -3.517  1.00 52.65 ? 128 GLN B OE1 1 
ATOM   1062 N  NE2 . GLN A 1 122 ? 17.065  -18.138 -4.154  1.00 50.52 ? 128 GLN B NE2 1 
ATOM   1063 N  N   . VAL A 1 123 ? 12.367  -15.472 -2.604  1.00 22.47 ? 129 VAL B N   1 
ATOM   1064 C  CA  . VAL A 1 123 ? 11.078  -16.060 -3.103  1.00 20.33 ? 129 VAL B CA  1 
ATOM   1065 C  C   . VAL A 1 123 ? 10.114  -14.929 -3.463  1.00 20.93 ? 129 VAL B C   1 
ATOM   1066 O  O   . VAL A 1 123 ? 9.616   -14.268 -2.556  1.00 20.39 ? 129 VAL B O   1 
ATOM   1067 C  CB  . VAL A 1 123 ? 10.446  -16.989 -2.058  1.00 21.80 ? 129 VAL B CB  1 
ATOM   1068 C  CG1 . VAL A 1 123 ? 9.103   -17.552 -2.521  1.00 22.71 ? 129 VAL B CG1 1 
ATOM   1069 C  CG2 . VAL A 1 123 ? 11.374  -18.143 -1.687  1.00 24.98 ? 129 VAL B CG2 1 
ATOM   1070 N  N   . PRO A 1 124 ? 9.939   -14.574 -4.762  1.00 19.73 ? 130 PRO B N   1 
ATOM   1071 C  CA  . PRO A 1 124 ? 9.068   -13.457 -5.151  1.00 19.73 ? 130 PRO B CA  1 
ATOM   1072 C  C   . PRO A 1 124 ? 7.717   -13.649 -4.489  1.00 19.16 ? 130 PRO B C   1 
ATOM   1073 O  O   . PRO A 1 124 ? 7.106   -14.681 -4.650  1.00 19.63 ? 130 PRO B O   1 
ATOM   1074 C  CB  . PRO A 1 124 ? 9.063   -13.589 -6.693  1.00 23.16 ? 130 PRO B CB  1 
ATOM   1075 C  CG  . PRO A 1 124 ? 10.466  -14.141 -6.980  1.00 23.37 ? 130 PRO B CG  1 
ATOM   1076 C  CD  . PRO A 1 124 ? 10.633  -15.170 -5.919  1.00 24.39 ? 130 PRO B CD  1 
ATOM   1077 N  N   . PRO A 1 125 ? 7.214   -12.681 -3.699  1.00 17.45 ? 131 PRO B N   1 
ATOM   1078 C  CA  . PRO A 1 125 ? 5.945   -12.826 -2.993  1.00 16.81 ? 131 PRO B CA  1 
ATOM   1079 C  C   . PRO A 1 125 ? 4.715   -12.759 -3.900  1.00 15.87 ? 131 PRO B C   1 
ATOM   1080 O  O   . PRO A 1 125 ? 4.714   -11.919 -4.794  1.00 16.45 ? 131 PRO B O   1 
ATOM   1081 C  CB  . PRO A 1 125 ? 5.952   -11.688 -1.952  1.00 18.18 ? 131 PRO B CB  1 
ATOM   1082 C  CG  . PRO A 1 125 ? 7.006   -10.745 -2.403  1.00 19.11 ? 131 PRO B CG  1 
ATOM   1083 C  CD  . PRO A 1 125 ? 7.987   -11.509 -3.244  1.00 16.99 ? 131 PRO B CD  1 
ATOM   1084 N  N   . CYS A 1 126 ? 3.749   -13.648 -3.685  1.00 16.64 ? 132 CYS B N   1 
ATOM   1085 C  CA  . CYS A 1 126 ? 2.390   -13.527 -4.265  1.00 17.09 ? 132 CYS B CA  1 
ATOM   1086 C  C   . CYS A 1 126 ? 1.452   -12.810 -3.281  1.00 16.07 ? 132 CYS B C   1 
ATOM   1087 O  O   . CYS A 1 126 ? 0.447   -12.266 -3.705  1.00 14.49 ? 132 CYS B O   1 
ATOM   1088 C  CB  . CYS A 1 126 ? 1.806   -14.867 -4.655  1.00 20.61 ? 132 CYS B CB  1 
ATOM   1089 S  SG  . CYS A 1 126 ? 2.824   -15.633 -5.943  1.00 28.38 ? 132 CYS B SG  1 
ATOM   1090 N  N   A GLN A 1 127 ? 1.742   -12.847 -1.969  0.25 16.00 ? 133 GLN B N   1 
ATOM   1091 N  N   B GLN A 1 127 ? 1.814   -12.796 -1.992  0.25 16.48 ? 133 GLN B N   1 
ATOM   1092 C  CA  A GLN A 1 127 ? 0.951   -12.110 -0.940  0.25 16.29 ? 133 GLN B CA  1 
ATOM   1093 C  CA  B GLN A 1 127 ? 1.016   -12.144 -0.924  0.25 17.31 ? 133 GLN B CA  1 
ATOM   1094 C  C   A GLN A 1 127 ? 1.912   -11.504 0.091   0.25 15.47 ? 133 GLN B C   1 
ATOM   1095 C  C   B GLN A 1 127 ? 1.980   -11.468 0.052   0.25 16.08 ? 133 GLN B C   1 
ATOM   1096 O  O   A GLN A 1 127 ? 2.903   -12.175 0.463   0.25 14.83 ? 133 GLN B O   1 
ATOM   1097 O  O   B GLN A 1 127 ? 3.075   -12.024 0.306   0.25 15.25 ? 133 GLN B O   1 
ATOM   1098 C  CB  A GLN A 1 127 ? -0.080  -12.969 -0.194  0.25 17.74 ? 133 GLN B CB  1 
ATOM   1099 C  CB  B GLN A 1 127 ? 0.105   -13.143 -0.205  0.25 19.83 ? 133 GLN B CB  1 
ATOM   1100 C  CG  A GLN A 1 127 ? -1.192  -13.547 -1.060  0.25 18.90 ? 133 GLN B CG  1 
ATOM   1101 C  CG  B GLN A 1 127 ? -0.856  -13.865 -1.135  0.25 21.82 ? 133 GLN B CG  1 
ATOM   1102 C  CD  A GLN A 1 127 ? -0.799  -14.898 -1.603  0.25 20.84 ? 133 GLN B CD  1 
ATOM   1103 C  CD  B GLN A 1 127 ? -1.984  -14.545 -0.400  0.25 23.46 ? 133 GLN B CD  1 
ATOM   1104 O  OE1 A GLN A 1 127 ? -0.076  -15.655 -0.958  0.25 20.99 ? 133 GLN B OE1 1 
ATOM   1105 O  OE1 B GLN A 1 127 ? -2.088  -14.498 0.826   0.25 27.88 ? 133 GLN B OE1 1 
ATOM   1106 N  NE2 A GLN A 1 127 ? -1.257  -15.201 -2.812  0.25 20.91 ? 133 GLN B NE2 1 
ATOM   1107 N  NE2 B GLN A 1 127 ? -2.860  -15.172 -1.160  0.25 25.79 ? 133 GLN B NE2 1 
ATOM   1108 N  N   . ILE A 1 128 ? 1.604   -10.270 0.497   1.00 14.78 ? 134 ILE B N   1 
ATOM   1109 C  CA  . ILE A 1 128 ? 2.427   -9.429  1.408   1.00 13.71 ? 134 ILE B CA  1 
ATOM   1110 C  C   . ILE A 1 128 ? 1.572   -9.244  2.661   1.00 15.14 ? 134 ILE B C   1 
ATOM   1111 O  O   . ILE A 1 128 ? 0.368   -8.820  2.578   1.00 14.04 ? 134 ILE B O   1 
ATOM   1112 C  CB  . ILE A 1 128 ? 2.755   -8.097  0.740   1.00 14.72 ? 134 ILE B CB  1 
ATOM   1113 C  CG1 . ILE A 1 128 ? 3.555   -8.217  -0.565  1.00 17.05 ? 134 ILE B CG1 1 
ATOM   1114 C  CG2 . ILE A 1 128 ? 3.443   -7.168  1.735   1.00 14.49 ? 134 ILE B CG2 1 
ATOM   1115 C  CD1 . ILE A 1 128 ? 4.942   -8.619  -0.386  1.00 17.33 ? 134 ILE B CD1 1 
ATOM   1116 N  N   . GLY A 1 129 ? 2.156   -9.462  3.842   1.00 15.41 ? 135 GLY B N   1 
ATOM   1117 C  CA  . GLY A 1 129 ? 1.520   -9.070  5.104   1.00 14.61 ? 135 GLY B CA  1 
ATOM   1118 C  C   . GLY A 1 129 ? 2.090   -7.766  5.620   1.00 13.59 ? 135 GLY B C   1 
ATOM   1119 O  O   . GLY A 1 129 ? 3.291   -7.514  5.474   1.00 14.06 ? 135 GLY B O   1 
ATOM   1120 N  N   . ILE A 1 130 ? 1.201   -6.886  6.079   1.00 13.42 ? 136 ILE B N   1 
ATOM   1121 C  CA  . ILE A 1 130 ? 1.581   -5.552  6.616   1.00 13.50 ? 136 ILE B CA  1 
ATOM   1122 C  C   . ILE A 1 130 ? 1.136   -5.485  8.075   1.00 14.32 ? 136 ILE B C   1 
ATOM   1123 O  O   . ILE A 1 130 ? -0.036  -5.686  8.359   1.00 13.62 ? 136 ILE B O   1 
ATOM   1124 C  CB  . ILE A 1 130 ? 0.913   -4.437  5.783   1.00 15.05 ? 136 ILE B CB  1 
ATOM   1125 C  CG1 . ILE A 1 130 ? 1.328   -4.575  4.318   1.00 17.33 ? 136 ILE B CG1 1 
ATOM   1126 C  CG2 . ILE A 1 130 ? 1.237   -3.053  6.325   1.00 15.81 ? 136 ILE B CG2 1 
ATOM   1127 C  CD1 . ILE A 1 130 ? 0.697   -3.619  3.393   1.00 19.34 ? 136 ILE B CD1 1 
ATOM   1128 N  N   . PHE A 1 131 ? 2.062   -5.129  8.938   1.00 13.45 ? 137 PHE B N   1 
ATOM   1129 C  CA  . PHE A 1 131 ? 1.840   -5.030  10.402  1.00 13.44 ? 137 PHE B CA  1 
ATOM   1130 C  C   . PHE A 1 131 ? 2.201   -3.618  10.844  1.00 12.76 ? 137 PHE B C   1 
ATOM   1131 O  O   . PHE A 1 131 ? 3.303   -3.109  10.516  1.00 13.54 ? 137 PHE B O   1 
ATOM   1132 C  CB  . PHE A 1 131 ? 2.756   -5.991  11.153  1.00 14.86 ? 137 PHE B CB  1 
ATOM   1133 C  CG  . PHE A 1 131 ? 2.648   -5.895  12.656  1.00 15.29 ? 137 PHE B CG  1 
ATOM   1134 C  CD1 . PHE A 1 131 ? 1.462   -6.208  13.292  1.00 17.60 ? 137 PHE B CD1 1 
ATOM   1135 C  CD2 . PHE A 1 131 ? 3.703   -5.425  13.417  1.00 16.74 ? 137 PHE B CD2 1 
ATOM   1136 C  CE1 . PHE A 1 131 ? 1.370   -6.147  14.679  1.00 19.29 ? 137 PHE B CE1 1 
ATOM   1137 C  CE2 . PHE A 1 131 ? 3.604   -5.349  14.804  1.00 18.81 ? 137 PHE B CE2 1 
ATOM   1138 C  CZ  . PHE A 1 131 ? 2.435   -5.688  15.422  1.00 17.31 ? 137 PHE B CZ  1 
ATOM   1139 N  N   . VAL A 1 132 ? 1.267   -2.972  11.552  1.00 12.27 ? 138 VAL B N   1 
ATOM   1140 C  CA  . VAL A 1 132 ? 1.497   -1.634  12.150  1.00 12.51 ? 138 VAL B CA  1 
ATOM   1141 C  C   . VAL A 1 132 ? 1.312   -1.726  13.669  1.00 12.45 ? 138 VAL B C   1 
ATOM   1142 O  O   . VAL A 1 132 ? 0.290   -2.180  14.127  1.00 15.09 ? 138 VAL B O   1 
ATOM   1143 C  CB  . VAL A 1 132 ? 0.568   -0.573  11.543  1.00 12.92 ? 138 VAL B CB  1 
ATOM   1144 C  CG1 . VAL A 1 132 ? 0.829   0.810   12.174  1.00 14.74 ? 138 VAL B CG1 1 
ATOM   1145 C  CG2 . VAL A 1 132 ? 0.755   -0.529  10.024  1.00 14.50 ? 138 VAL B CG2 1 
ATOM   1146 N  N   . ASP A 1 133 ? 2.317   -1.249  14.394  1.00 12.81 ? 139 ASP B N   1 
ATOM   1147 C  CA  . ASP A 1 133 ? 2.230   -1.026  15.868  1.00 14.79 ? 139 ASP B CA  1 
ATOM   1148 C  C   . ASP A 1 133 ? 2.322   0.484   16.081  1.00 13.95 ? 139 ASP B C   1 
ATOM   1149 O  O   . ASP A 1 133 ? 3.421   1.078   15.982  1.00 14.20 ? 139 ASP B O   1 
ATOM   1150 C  CB  . ASP A 1 133 ? 3.267   -1.848  16.608  1.00 14.64 ? 139 ASP B CB  1 
ATOM   1151 C  CG  . ASP A 1 133 ? 3.118   -1.731  18.123  1.00 17.70 ? 139 ASP B CG  1 
ATOM   1152 O  OD1 . ASP A 1 133 ? 2.569   -0.698  18.603  1.00 18.59 ? 139 ASP B OD1 1 
ATOM   1153 O  OD2 . ASP A 1 133 ? 3.641   -2.663  18.790  1.00 22.76 ? 139 ASP B OD2 1 
ATOM   1154 N  N   . TYR A 1 134 ? 1.164   1.115   16.314  1.00 14.64 ? 140 TYR B N   1 
ATOM   1155 C  CA  . TYR A 1 134 ? 1.111   2.580   16.385  1.00 14.35 ? 140 TYR B CA  1 
ATOM   1156 C  C   . TYR A 1 134 ? 1.987   3.104   17.545  1.00 15.00 ? 140 TYR B C   1 
ATOM   1157 O  O   . TYR A 1 134 ? 2.820   3.971   17.365  1.00 17.58 ? 140 TYR B O   1 
ATOM   1158 C  CB  . TYR A 1 134 ? -0.327  3.084   16.490  1.00 15.55 ? 140 TYR B CB  1 
ATOM   1159 C  CG  . TYR A 1 134 ? -0.429  4.541   16.115  1.00 15.53 ? 140 TYR B CG  1 
ATOM   1160 C  CD1 . TYR A 1 134 ? 0.063   5.522   16.960  1.00 15.31 ? 140 TYR B CD1 1 
ATOM   1161 C  CD2 . TYR A 1 134 ? -0.842  4.955   14.852  1.00 15.59 ? 140 TYR B CD2 1 
ATOM   1162 C  CE1 . TYR A 1 134 ? 0.017   6.857   16.642  1.00 16.65 ? 140 TYR B CE1 1 
ATOM   1163 C  CE2 . TYR A 1 134 ? -0.873  6.298   14.505  1.00 14.52 ? 140 TYR B CE2 1 
ATOM   1164 C  CZ  . TYR A 1 134 ? -0.429  7.265   15.395  1.00 15.63 ? 140 TYR B CZ  1 
ATOM   1165 O  OH  . TYR A 1 134 ? -0.396  8.585   15.059  1.00 15.73 ? 140 TYR B OH  1 
ATOM   1166 N  N   . GLU A 1 135 ? 1.781   2.527   18.723  1.00 16.71 ? 141 GLU B N   1 
ATOM   1167 C  CA  . GLU A 1 135 ? 2.486   3.036   19.929  1.00 17.99 ? 141 GLU B CA  1 
ATOM   1168 C  C   . GLU A 1 135 ? 3.983   2.824   19.777  1.00 16.68 ? 141 GLU B C   1 
ATOM   1169 O  O   . GLU A 1 135 ? 4.768   3.729   20.142  1.00 19.47 ? 141 GLU B O   1 
ATOM   1170 C  CB  . GLU A 1 135 ? 1.911   2.378   21.174  1.00 19.53 ? 141 GLU B CB  1 
ATOM   1171 C  CG  . GLU A 1 135 ? 0.671   3.136   21.677  1.00 26.30 ? 141 GLU B CG  1 
ATOM   1172 C  CD  . GLU A 1 135 ? -0.515  2.932   20.794  1.00 29.26 ? 141 GLU B CD  1 
ATOM   1173 O  OE1 . GLU A 1 135 ? -1.354  3.816   20.719  1.00 28.63 ? 141 GLU B OE1 1 
ATOM   1174 O  OE2 . GLU A 1 135 ? -0.583  1.860   20.158  1.00 31.61 ? 141 GLU B OE2 1 
ATOM   1175 N  N   . ALA A 1 136 ? 4.427   1.691   19.263  1.00 16.31 ? 142 ALA B N   1 
ATOM   1176 C  CA  . ALA A 1 136 ? 5.856   1.383   19.125  1.00 17.43 ? 142 ALA B CA  1 
ATOM   1177 C  C   . ALA A 1 136 ? 6.511   2.157   17.975  1.00 17.04 ? 142 ALA B C   1 
ATOM   1178 O  O   . ALA A 1 136 ? 7.755   2.246   17.958  1.00 19.09 ? 142 ALA B O   1 
ATOM   1179 C  CB  . ALA A 1 136 ? 6.015   -0.093  18.913  1.00 19.02 ? 142 ALA B CB  1 
ATOM   1180 N  N   . GLY A 1 137 ? 5.742   2.732   17.053  1.00 13.80 ? 143 GLY B N   1 
ATOM   1181 C  CA  . GLY A 1 137 ? 6.283   3.369   15.855  1.00 12.63 ? 143 GLY B CA  1 
ATOM   1182 C  C   . GLY A 1 137 ? 6.939   2.360   14.912  1.00 13.67 ? 143 GLY B C   1 
ATOM   1183 O  O   . GLY A 1 137 ? 8.085   2.609   14.487  1.00 13.85 ? 143 GLY B O   1 
ATOM   1184 N  N   . VAL A 1 138 ? 6.223   1.306   14.559  1.00 13.42 ? 144 VAL B N   1 
ATOM   1185 C  CA  . VAL A 1 138 ? 6.769   0.196   13.713  1.00 12.93 ? 144 VAL B CA  1 
ATOM   1186 C  C   . VAL A 1 138 ? 5.816   -0.084  12.554  1.00 13.04 ? 144 VAL B C   1 
ATOM   1187 O  O   . VAL A 1 138 ? 4.584   -0.207  12.777  1.00 14.38 ? 144 VAL B O   1 
ATOM   1188 C  CB  . VAL A 1 138 ? 6.929   -1.055  14.586  1.00 15.04 ? 144 VAL B CB  1 
ATOM   1189 C  CG1 . VAL A 1 138 ? 7.166   -2.295  13.739  1.00 15.90 ? 144 VAL B CG1 1 
ATOM   1190 C  CG2 . VAL A 1 138 ? 8.050   -0.795  15.581  1.00 16.51 ? 144 VAL B CG2 1 
ATOM   1191 N  N   . VAL A 1 139 ? 6.375   -0.220  11.347  1.00 12.09 ? 145 VAL B N   1 
ATOM   1192 C  CA  . VAL A 1 139 ? 5.641   -0.811  10.203  1.00 10.98 ? 145 VAL B CA  1 
ATOM   1193 C  C   . VAL A 1 139 ? 6.527   -1.953  9.683   1.00 11.13 ? 145 VAL B C   1 
ATOM   1194 O  O   . VAL A 1 139 ? 7.674   -1.658  9.257   1.00 12.49 ? 145 VAL B O   1 
ATOM   1195 C  CB  . VAL A 1 139 ? 5.393   0.235   9.102   1.00 11.58 ? 145 VAL B CB  1 
ATOM   1196 C  CG1 . VAL A 1 139 ? 4.571   -0.401  7.979   1.00 12.52 ? 145 VAL B CG1 1 
ATOM   1197 C  CG2 . VAL A 1 139 ? 4.719   1.466   9.676   1.00 12.35 ? 145 VAL B CG2 1 
ATOM   1198 N  N   . SER A 1 140 ? 5.991   -3.153  9.595   1.00 11.25 ? 146 SER B N   1 
ATOM   1199 C  CA  . SER A 1 140 ? 6.741   -4.318  9.106   1.00 11.75 ? 146 SER B CA  1 
ATOM   1200 C  C   . SER A 1 140 ? 5.999   -5.018  7.971   1.00 12.32 ? 146 SER B C   1 
ATOM   1201 O  O   . SER A 1 140 ? 4.766   -5.024  7.950   1.00 13.41 ? 146 SER B O   1 
ATOM   1202 C  CB  . SER A 1 140 ? 6.937   -5.290  10.275  1.00 12.77 ? 146 SER B CB  1 
ATOM   1203 O  OG  . SER A 1 140 ? 7.857   -4.747  11.226  1.00 13.32 ? 146 SER B OG  1 
ATOM   1204 N  N   . PHE A 1 141 ? 6.791   -5.601  7.083   1.00 11.29 ? 147 PHE B N   1 
ATOM   1205 C  CA  . PHE A 1 141 ? 6.308   -6.293  5.878   1.00 11.58 ? 147 PHE B CA  1 
ATOM   1206 C  C   . PHE A 1 141 ? 6.828   -7.728  5.902   1.00 11.95 ? 147 PHE B C   1 
ATOM   1207 O  O   . PHE A 1 141 ? 8.023   -7.956  6.145   1.00 12.96 ? 147 PHE B O   1 
ATOM   1208 C  CB  . PHE A 1 141 ? 6.761   -5.546  4.607   1.00 11.42 ? 147 PHE B CB  1 
ATOM   1209 C  CG  . PHE A 1 141 ? 6.240   -4.137  4.517   1.00 11.67 ? 147 PHE B CG  1 
ATOM   1210 C  CD1 . PHE A 1 141 ? 6.924   -3.088  5.151   1.00 11.35 ? 147 PHE B CD1 1 
ATOM   1211 C  CD2 . PHE A 1 141 ? 5.134   -3.850  3.732   1.00 12.55 ? 147 PHE B CD2 1 
ATOM   1212 C  CE1 . PHE A 1 141 ? 6.388   -1.802  5.094   1.00 11.31 ? 147 PHE B CE1 1 
ATOM   1213 C  CE2 . PHE A 1 141 ? 4.632   -2.548  3.659   1.00 10.65 ? 147 PHE B CE2 1 
ATOM   1214 C  CZ  . PHE A 1 141 ? 5.290   -1.522  4.304   1.00 11.09 ? 147 PHE B CZ  1 
ATOM   1215 N  N   . TYR A 1 142 ? 5.929   -8.640  5.533   1.00 12.84 ? 148 TYR B N   1 
ATOM   1216 C  CA  . TYR A 1 142 ? 6.162   -10.103 5.600   1.00 13.72 ? 148 TYR B CA  1 
ATOM   1217 C  C   . TYR A 1 142 ? 5.833   -10.755 4.258   1.00 14.86 ? 148 TYR B C   1 
ATOM   1218 O  O   . TYR A 1 142 ? 4.880   -10.423 3.592   1.00 15.27 ? 148 TYR B O   1 
ATOM   1219 C  CB  . TYR A 1 142 ? 5.381   -10.730 6.758   1.00 14.06 ? 148 TYR B CB  1 
ATOM   1220 C  CG  . TYR A 1 142 ? 5.788   -10.176 8.107   1.00 15.16 ? 148 TYR B CG  1 
ATOM   1221 C  CD1 . TYR A 1 142 ? 6.880   -10.681 8.775   1.00 16.10 ? 148 TYR B CD1 1 
ATOM   1222 C  CD2 . TYR A 1 142 ? 5.114   -9.118  8.688   1.00 15.28 ? 148 TYR B CD2 1 
ATOM   1223 C  CE1 . TYR A 1 142 ? 7.302   -10.140 9.980   1.00 16.29 ? 148 TYR B CE1 1 
ATOM   1224 C  CE2 . TYR A 1 142 ? 5.520   -8.567  9.891   1.00 15.80 ? 148 TYR B CE2 1 
ATOM   1225 C  CZ  . TYR A 1 142 ? 6.587   -9.119  10.583  1.00 15.98 ? 148 TYR B CZ  1 
ATOM   1226 O  OH  . TYR A 1 142 ? 7.052   -8.559  11.763  1.00 17.47 ? 148 TYR B OH  1 
ATOM   1227 N  N   . ASN A 1 143 ? 6.619   -11.766 3.918   1.00 16.10 ? 149 ASN B N   1 
ATOM   1228 C  CA  . ASN A 1 143 ? 6.465   -12.536 2.648   1.00 15.81 ? 149 ASN B CA  1 
ATOM   1229 C  C   . ASN A 1 143 ? 5.593   -13.764 2.952   1.00 17.22 ? 149 ASN B C   1 
ATOM   1230 O  O   . ASN A 1 143 ? 6.103   -14.783 3.493   1.00 17.51 ? 149 ASN B O   1 
ATOM   1231 C  CB  . ASN A 1 143 ? 7.848   -12.922 2.138   1.00 16.85 ? 149 ASN B CB  1 
ATOM   1232 C  CG  . ASN A 1 143 ? 7.807   -13.649 0.810   1.00 17.18 ? 149 ASN B CG  1 
ATOM   1233 O  OD1 . ASN A 1 143 ? 6.744   -14.160 0.436   1.00 17.43 ? 149 ASN B OD1 1 
ATOM   1234 N  ND2 . ASN A 1 143 ? 8.915   -13.645 0.105   1.00 16.95 ? 149 ASN B ND2 1 
ATOM   1235 N  N   . ILE A 1 144 ? 4.304   -13.727 2.644   1.00 16.97 ? 150 ILE B N   1 
ATOM   1236 C  CA  . ILE A 1 144 ? 3.368   -14.811 3.040   1.00 18.20 ? 150 ILE B CA  1 
ATOM   1237 C  C   . ILE A 1 144 ? 3.738   -16.064 2.212   1.00 19.52 ? 150 ILE B C   1 
ATOM   1238 O  O   . ILE A 1 144 ? 3.609   -17.176 2.752   1.00 21.67 ? 150 ILE B O   1 
ATOM   1239 C  CB  . ILE A 1 144 ? 1.924   -14.352 2.843   1.00 19.64 ? 150 ILE B CB  1 
ATOM   1240 C  CG1 . ILE A 1 144 ? 1.578   -13.077 3.619   1.00 19.86 ? 150 ILE B CG1 1 
ATOM   1241 C  CG2 . ILE A 1 144 ? 0.923   -15.476 3.110   1.00 21.55 ? 150 ILE B CG2 1 
ATOM   1242 C  CD1 . ILE A 1 144 ? 2.007   -13.056 5.057   1.00 23.37 ? 150 ILE B CD1 1 
ATOM   1243 N  N   . THR A 1 145 ? 4.204   -15.884 0.984   1.00 18.46 ? 151 THR B N   1 
ATOM   1244 C  CA  . THR A 1 145 ? 4.598   -17.012 0.072   1.00 18.27 ? 151 THR B CA  1 
ATOM   1245 C  C   . THR A 1 145 ? 5.749   -17.798 0.693   1.00 22.66 ? 151 THR B C   1 
ATOM   1246 O  O   . THR A 1 145 ? 5.744   -19.039 0.552   1.00 25.84 ? 151 THR B O   1 
ATOM   1247 C  CB  . THR A 1 145 ? 4.958   -16.480 -1.327  1.00 17.70 ? 151 THR B CB  1 
ATOM   1248 O  OG1 . THR A 1 145 ? 3.865   -15.647 -1.697  1.00 18.53 ? 151 THR B OG1 1 
ATOM   1249 C  CG2 . THR A 1 145 ? 5.134   -17.604 -2.321  1.00 21.02 ? 151 THR B CG2 1 
ATOM   1250 N  N   . ASP A 1 146 ? 6.658   -17.126 1.401   1.00 21.56 ? 152 ASP B N   1 
ATOM   1251 C  CA  . ASP A 1 146 ? 7.862   -17.739 2.035   1.00 22.98 ? 152 ASP B CA  1 
ATOM   1252 C  C   . ASP A 1 146 ? 7.662   -17.891 3.553   1.00 22.06 ? 152 ASP B C   1 
ATOM   1253 O  O   . ASP A 1 146 ? 8.506   -17.390 4.293   1.00 21.98 ? 152 ASP B O   1 
ATOM   1254 C  CB  . ASP A 1 146 ? 9.085   -16.956 1.619   1.00 22.43 ? 152 ASP B CB  1 
ATOM   1255 C  CG  . ASP A 1 146 ? 10.369  -17.547 2.152   1.00 26.90 ? 152 ASP B CG  1 
ATOM   1256 O  OD1 . ASP A 1 146 ? 10.505  -18.789 2.065   1.00 26.15 ? 152 ASP B OD1 1 
ATOM   1257 O  OD2 . ASP A 1 146 ? 11.191  -16.752 2.678   1.00 25.52 ? 152 ASP B OD2 1 
ATOM   1258 N  N   . HIS A 1 147 ? 6.578   -18.521 3.997   1.00 23.12 ? 153 HIS B N   1 
ATOM   1259 C  CA  . HIS A 1 147 ? 6.317   -18.881 5.417   1.00 27.50 ? 153 HIS B CA  1 
ATOM   1260 C  C   . HIS A 1 147 ? 6.374   -17.622 6.305   1.00 27.17 ? 153 HIS B C   1 
ATOM   1261 O  O   . HIS A 1 147 ? 6.767   -17.710 7.468   1.00 27.33 ? 153 HIS B O   1 
ATOM   1262 C  CB  . HIS A 1 147 ? 7.349   -19.895 5.930   1.00 32.86 ? 153 HIS B CB  1 
ATOM   1263 C  CG  . HIS A 1 147 ? 7.629   -21.081 5.058   1.00 40.75 ? 153 HIS B CG  1 
ATOM   1264 N  ND1 . HIS A 1 147 ? 6.722   -22.116 4.890   1.00 49.40 ? 153 HIS B ND1 1 
ATOM   1265 C  CD2 . HIS A 1 147 ? 8.736   -21.429 4.364   1.00 46.06 ? 153 HIS B CD2 1 
ATOM   1266 C  CE1 . HIS A 1 147 ? 7.247   -23.038 4.100   1.00 52.14 ? 153 HIS B CE1 1 
ATOM   1267 N  NE2 . HIS A 1 147 ? 8.487   -22.640 3.761   1.00 49.49 ? 153 HIS B NE2 1 
ATOM   1268 N  N   . GLY A 1 148 ? 5.990   -16.457 5.791   1.00 21.65 ? 154 GLY B N   1 
ATOM   1269 C  CA  . GLY A 1 148 ? 5.878   -15.254 6.644   1.00 18.92 ? 154 GLY B CA  1 
ATOM   1270 C  C   . GLY A 1 148 ? 7.212   -14.578 6.910   1.00 17.96 ? 154 GLY B C   1 
ATOM   1271 O  O   . GLY A 1 148 ? 7.268   -13.905 7.903   1.00 18.55 ? 154 GLY B O   1 
ATOM   1272 N  N   . SER A 1 149 ? 8.253   -14.839 6.123   1.00 16.96 ? 155 SER B N   1 
ATOM   1273 C  CA  . SER A 1 149 ? 9.619   -14.309 6.383   1.00 15.57 ? 155 SER B CA  1 
ATOM   1274 C  C   . SER A 1 149 ? 9.612   -12.772 6.378   1.00 16.21 ? 155 SER B C   1 
ATOM   1275 O  O   . SER A 1 149 ? 8.885   -12.147 5.573   1.00 15.95 ? 155 SER B O   1 
ATOM   1276 C  CB  . SER A 1 149 ? 10.617  -14.877 5.420   1.00 17.29 ? 155 SER B CB  1 
ATOM   1277 O  OG  . SER A 1 149 ? 10.351  -14.607 4.045   1.00 18.28 ? 155 SER B OG  1 
ATOM   1278 N  N   . LEU A 1 150 ? 10.426  -12.147 7.204   1.00 15.56 ? 156 LEU B N   1 
ATOM   1279 C  CA  . LEU A 1 150 ? 10.476  -10.662 7.231   1.00 14.48 ? 156 LEU B CA  1 
ATOM   1280 C  C   . LEU A 1 150 ? 11.054  -10.135 5.924   1.00 13.96 ? 156 LEU B C   1 
ATOM   1281 O  O   . LEU A 1 150 ? 12.138  -10.576 5.484   1.00 14.83 ? 156 LEU B O   1 
ATOM   1282 C  CB  . LEU A 1 150 ? 11.343  -10.205 8.408   1.00 14.34 ? 156 LEU B CB  1 
ATOM   1283 C  CG  . LEU A 1 150 ? 11.496  -8.693  8.617   1.00 14.55 ? 156 LEU B CG  1 
ATOM   1284 C  CD1 . LEU A 1 150 ? 10.196  -7.996  9.000   1.00 14.62 ? 156 LEU B CD1 1 
ATOM   1285 C  CD2 . LEU A 1 150 ? 12.562  -8.440  9.725   1.00 15.35 ? 156 LEU B CD2 1 
ATOM   1286 N  N   . ILE A 1 151 ? 10.422  -9.097  5.390   1.00 12.28 ? 157 ILE B N   1 
ATOM   1287 C  CA  . ILE A 1 151 ? 10.933  -8.317  4.246   1.00 13.12 ? 157 ILE B CA  1 
ATOM   1288 C  C   . ILE A 1 151 ? 11.636  -7.058  4.767   1.00 12.30 ? 157 ILE B C   1 
ATOM   1289 O  O   . ILE A 1 151 ? 12.719  -6.710  4.301   1.00 13.30 ? 157 ILE B O   1 
ATOM   1290 C  CB  . ILE A 1 151 ? 9.789   -8.017  3.258   1.00 13.29 ? 157 ILE B CB  1 
ATOM   1291 C  CG1 . ILE A 1 151 ? 9.225   -9.277  2.619   1.00 13.77 ? 157 ILE B CG1 1 
ATOM   1292 C  CG2 . ILE A 1 151 ? 10.218  -7.011  2.181   1.00 13.13 ? 157 ILE B CG2 1 
ATOM   1293 C  CD1 . ILE A 1 151 ? 7.934   -9.052  1.849   1.00 15.32 ? 157 ILE B CD1 1 
ATOM   1294 N  N   . TYR A 1 152 ? 10.936  -6.278  5.587   1.00 11.84 ? 158 TYR B N   1 
ATOM   1295 C  CA  . TYR A 1 152 ? 11.481  -4.962  6.001   1.00 11.11 ? 158 TYR B CA  1 
ATOM   1296 C  C   . TYR A 1 152 ? 10.712  -4.471  7.235   1.00 11.54 ? 158 TYR B C   1 
ATOM   1297 O  O   . TYR A 1 152 ? 9.495   -4.653  7.298   1.00 12.00 ? 158 TYR B O   1 
ATOM   1298 C  CB  . TYR A 1 152 ? 11.320  -3.883  4.890   1.00 12.14 ? 158 TYR B CB  1 
ATOM   1299 C  CG  . TYR A 1 152 ? 12.096  -2.628  5.173   1.00 11.69 ? 158 TYR B CG  1 
ATOM   1300 C  CD1 . TYR A 1 152 ? 13.452  -2.557  4.886   1.00 13.05 ? 158 TYR B CD1 1 
ATOM   1301 C  CD2 . TYR A 1 152 ? 11.478  -1.508  5.715   1.00 11.16 ? 158 TYR B CD2 1 
ATOM   1302 C  CE1 . TYR A 1 152 ? 14.200  -1.443  5.232   1.00 13.13 ? 158 TYR B CE1 1 
ATOM   1303 C  CE2 . TYR A 1 152 ? 12.215  -0.381  6.047   1.00 12.18 ? 158 TYR B CE2 1 
ATOM   1304 C  CZ  . TYR A 1 152 ? 13.566  -0.346  5.780   1.00 12.23 ? 158 TYR B CZ  1 
ATOM   1305 O  OH  . TYR A 1 152 ? 14.367  0.720   6.113   1.00 14.40 ? 158 TYR B OH  1 
ATOM   1306 N  N   . THR A 1 153 ? 11.434  -3.781  8.132   1.00 12.29 ? 159 THR B N   1 
ATOM   1307 C  CA  . THR A 1 153 ? 10.863  -3.089  9.312   1.00 13.33 ? 159 THR B CA  1 
ATOM   1308 C  C   . THR A 1 153 ? 11.299  -1.633  9.280   1.00 12.14 ? 159 THR B C   1 
ATOM   1309 O  O   . THR A 1 153 ? 12.508  -1.319  9.368   1.00 13.65 ? 159 THR B O   1 
ATOM   1310 C  CB  . THR A 1 153 ? 11.249  -3.756  10.651  1.00 14.13 ? 159 THR B CB  1 
ATOM   1311 O  OG1 . THR A 1 153 ? 10.583  -5.015  10.699  1.00 13.68 ? 159 THR B OG1 1 
ATOM   1312 C  CG2 . THR A 1 153 ? 10.858  -2.929  11.858  1.00 15.12 ? 159 THR B CG2 1 
ATOM   1313 N  N   . PHE A 1 154 ? 10.321  -0.720  9.213   1.00 11.59 ? 160 PHE B N   1 
ATOM   1314 C  CA  . PHE A 1 154 ? 10.521  0.709   9.571   1.00 11.92 ? 160 PHE B CA  1 
ATOM   1315 C  C   . PHE A 1 154 ? 10.321  0.824   11.084  1.00 12.22 ? 160 PHE B C   1 
ATOM   1316 O  O   . PHE A 1 154 ? 9.279   0.467   11.581  1.00 12.81 ? 160 PHE B O   1 
ATOM   1317 C  CB  . PHE A 1 154 ? 9.469   1.604   8.930   1.00 12.27 ? 160 PHE B CB  1 
ATOM   1318 C  CG  . PHE A 1 154 ? 9.558   1.765   7.437   1.00 10.73 ? 160 PHE B CG  1 
ATOM   1319 C  CD1 . PHE A 1 154 ? 8.876   0.879   6.592   1.00 10.45 ? 160 PHE B CD1 1 
ATOM   1320 C  CD2 . PHE A 1 154 ? 10.194  2.841   6.848   1.00 11.19 ? 160 PHE B CD2 1 
ATOM   1321 C  CE1 . PHE A 1 154 ? 8.930   1.070   5.215   1.00 11.72 ? 160 PHE B CE1 1 
ATOM   1322 C  CE2 . PHE A 1 154 ? 10.244  3.015   5.461   1.00 11.33 ? 160 PHE B CE2 1 
ATOM   1323 C  CZ  . PHE A 1 154 ? 9.562   2.131   4.651   1.00 10.50 ? 160 PHE B CZ  1 
ATOM   1324 N  N   . SER A 1 155 ? 11.349  1.319   11.772  1.00 13.69 ? 161 SER B N   1 
ATOM   1325 C  CA  . SER A 1 155 ? 11.218  1.569   13.209  1.00 15.01 ? 161 SER B CA  1 
ATOM   1326 C  C   . SER A 1 155 ? 11.505  3.049   13.498  1.00 14.95 ? 161 SER B C   1 
ATOM   1327 O  O   . SER A 1 155 ? 11.937  3.801   12.606  1.00 16.53 ? 161 SER B O   1 
ATOM   1328 C  CB  . SER A 1 155 ? 12.119  0.597   13.943  1.00 17.20 ? 161 SER B CB  1 
ATOM   1329 O  OG  . SER A 1 155 ? 13.467  0.907   13.773  1.00 20.25 ? 161 SER B OG  1 
ATOM   1330 N  N   . GLU A 1 156 ? 11.188  3.466   14.725  1.00 17.13 ? 162 GLU B N   1 
ATOM   1331 C  CA  . GLU A 1 156 ? 11.299  4.891   15.136  1.00 18.70 ? 162 GLU B CA  1 
ATOM   1332 C  C   . GLU A 1 156 ? 10.438  5.758   14.212  1.00 17.61 ? 162 GLU B C   1 
ATOM   1333 O  O   . GLU A 1 156 ? 10.864  6.873   13.851  1.00 19.93 ? 162 GLU B O   1 
ATOM   1334 C  CB  . GLU A 1 156 ? 12.730  5.414   15.070  1.00 22.95 ? 162 GLU B CB  1 
ATOM   1335 C  CG  . GLU A 1 156 ? 13.772  4.474   15.622  1.00 28.81 ? 162 GLU B CG  1 
ATOM   1336 C  CD  . GLU A 1 156 ? 15.105  5.192   15.712  1.00 40.21 ? 162 GLU B CD  1 
ATOM   1337 O  OE1 . GLU A 1 156 ? 15.837  5.250   14.685  1.00 42.86 ? 162 GLU B OE1 1 
ATOM   1338 O  OE2 . GLU A 1 156 ? 15.355  5.782   16.778  1.00 45.55 ? 162 GLU B OE2 1 
ATOM   1339 N  N   . CYS A 1 157 ? 9.295   5.223   13.767  1.00 16.31 ? 163 CYS B N   1 
ATOM   1340 C  CA  . CYS A 1 157 ? 8.414   5.977   12.844  1.00 14.93 ? 163 CYS B CA  1 
ATOM   1341 C  C   . CYS A 1 157 ? 7.794   7.173   13.571  1.00 15.67 ? 163 CYS B C   1 
ATOM   1342 O  O   . CYS A 1 157 ? 7.345   6.991   14.740  1.00 17.19 ? 163 CYS B O   1 
ATOM   1343 C  CB  . CYS A 1 157 ? 7.279   5.129   12.270  1.00 14.37 ? 163 CYS B CB  1 
ATOM   1344 S  SG  . CYS A 1 157 ? 7.850   3.734   11.254  1.00 15.29 ? 163 CYS B SG  1 
ATOM   1345 N  N   . VAL A 1 158 ? 7.716   8.297   12.890  1.00 15.78 ? 164 VAL B N   1 
ATOM   1346 C  CA  . VAL A 1 158 ? 7.035   9.491   13.447  1.00 16.82 ? 164 VAL B CA  1 
ATOM   1347 C  C   . VAL A 1 158 ? 5.753   9.687   12.636  1.00 15.82 ? 164 VAL B C   1 
ATOM   1348 O  O   . VAL A 1 158 ? 5.742   10.399  11.609  1.00 17.80 ? 164 VAL B O   1 
ATOM   1349 C  CB  . VAL A 1 158 ? 8.012   10.686  13.492  1.00 19.69 ? 164 VAL B CB  1 
ATOM   1350 C  CG1 . VAL A 1 158 ? 7.298   11.913  14.038  1.00 21.20 ? 164 VAL B CG1 1 
ATOM   1351 C  CG2 . VAL A 1 158 ? 9.245   10.370  14.324  1.00 22.11 ? 164 VAL B CG2 1 
ATOM   1352 N  N   . PHE A 1 159 ? 4.693   8.977   12.999  1.00 14.31 ? 165 PHE B N   1 
ATOM   1353 C  CA  . PHE A 1 159 ? 3.448   8.944   12.196  1.00 14.61 ? 165 PHE B CA  1 
ATOM   1354 C  C   . PHE A 1 159 ? 2.864   10.359  12.096  1.00 17.04 ? 165 PHE B C   1 
ATOM   1355 O  O   . PHE A 1 159 ? 2.482   10.790  10.994  1.00 15.64 ? 165 PHE B O   1 
ATOM   1356 C  CB  . PHE A 1 159 ? 2.495   7.889   12.735  1.00 14.76 ? 165 PHE B CB  1 
ATOM   1357 C  CG  . PHE A 1 159 ? 3.008   6.466   12.663  1.00 12.85 ? 165 PHE B CG  1 
ATOM   1358 C  CD1 . PHE A 1 159 ? 3.566   5.977   11.488  1.00 13.37 ? 165 PHE B CD1 1 
ATOM   1359 C  CD2 . PHE A 1 159 ? 2.909   5.632   13.766  1.00 14.53 ? 165 PHE B CD2 1 
ATOM   1360 C  CE1 . PHE A 1 159 ? 4.029   4.664   11.422  1.00 13.26 ? 165 PHE B CE1 1 
ATOM   1361 C  CE2 . PHE A 1 159 ? 3.355   4.329   13.698  1.00 15.49 ? 165 PHE B CE2 1 
ATOM   1362 C  CZ  . PHE A 1 159 ? 3.881   3.853   12.521  1.00 13.80 ? 165 PHE B CZ  1 
ATOM   1363 N  N   . ALA A 1 160 ? 2.797   11.055  13.224  1.00 15.62 ? 166 ALA B N   1 
ATOM   1364 C  CA  . ALA A 1 160 ? 2.361   12.469  13.295  1.00 16.01 ? 166 ALA B CA  1 
ATOM   1365 C  C   . ALA A 1 160 ? 0.917   12.663  12.805  1.00 15.85 ? 166 ALA B C   1 
ATOM   1366 O  O   . ALA A 1 160 ? 0.573   13.803  12.352  1.00 17.17 ? 166 ALA B O   1 
ATOM   1367 C  CB  . ALA A 1 160 ? 3.311   13.346  12.541  1.00 16.67 ? 166 ALA B CB  1 
ATOM   1368 N  N   . GLY A 1 161 ? 0.079   11.651  12.900  1.00 16.27 ? 167 GLY B N   1 
ATOM   1369 C  CA  . GLY A 1 161 ? -1.348  11.732  12.571  1.00 16.80 ? 167 GLY B CA  1 
ATOM   1370 C  C   . GLY A 1 161 ? -1.976  10.372  12.413  1.00 15.51 ? 167 GLY B C   1 
ATOM   1371 O  O   . GLY A 1 161 ? -1.275  9.344   12.561  1.00 14.56 ? 167 GLY B O   1 
ATOM   1372 N  N   . PRO A 1 162 ? -3.272  10.319  12.107  1.00 14.22 ? 168 PRO B N   1 
ATOM   1373 C  CA  . PRO A 1 162 ? -3.957  9.071   11.802  1.00 13.91 ? 168 PRO B CA  1 
ATOM   1374 C  C   . PRO A 1 162 ? -3.297  8.440   10.576  1.00 14.80 ? 168 PRO B C   1 
ATOM   1375 O  O   . PRO A 1 162 ? -2.855  9.165   9.665   1.00 14.50 ? 168 PRO B O   1 
ATOM   1376 C  CB  . PRO A 1 162 ? -5.421  9.427   11.532  1.00 14.38 ? 168 PRO B CB  1 
ATOM   1377 C  CG  . PRO A 1 162 ? -5.534  10.841  12.075  1.00 14.87 ? 168 PRO B CG  1 
ATOM   1378 C  CD  . PRO A 1 162 ? -4.179  11.469  11.973  1.00 13.84 ? 168 PRO B CD  1 
ATOM   1379 N  N   . LEU A 1 163 ? -3.280  7.121   10.560  1.00 14.36 ? 169 LEU B N   1 
ATOM   1380 C  CA  . LEU A 1 163 ? -2.730  6.347   9.415   1.00 12.67 ? 169 LEU B CA  1 
ATOM   1381 C  C   . LEU A 1 163 ? -3.855  5.719   8.605   1.00 13.72 ? 169 LEU B C   1 
ATOM   1382 O  O   . LEU A 1 163 ? -4.845  5.273   9.166   1.00 14.82 ? 169 LEU B O   1 
ATOM   1383 C  CB  . LEU A 1 163 ? -1.811  5.238   9.934   1.00 13.06 ? 169 LEU B CB  1 
ATOM   1384 C  CG  . LEU A 1 163 ? -0.486  5.685   10.549  1.00 13.11 ? 169 LEU B CG  1 
ATOM   1385 C  CD1 . LEU A 1 163 ? 0.254   4.473   11.068  1.00 13.66 ? 169 LEU B CD1 1 
ATOM   1386 C  CD2 . LEU A 1 163 ? 0.346   6.449   9.523   1.00 13.95 ? 169 LEU B CD2 1 
ATOM   1387 N  N   . ARG A 1 164 ? -3.638  5.643   7.289   1.00 12.45 ? 170 ARG B N   1 
ATOM   1388 C  CA  . ARG A 1 164 ? -4.536  4.899   6.377   1.00 12.28 ? 170 ARG B CA  1 
ATOM   1389 C  C   . ARG A 1 164 ? -3.743  3.860   5.582   1.00 11.37 ? 170 ARG B C   1 
ATOM   1390 O  O   . ARG A 1 164 ? -2.610  4.111   5.177   1.00 12.13 ? 170 ARG B O   1 
ATOM   1391 C  CB  . ARG A 1 164 ? -5.203  5.889   5.428   1.00 14.17 ? 170 ARG B CB  1 
ATOM   1392 C  CG  . ARG A 1 164 ? -6.086  6.850   6.232   1.00 16.45 ? 170 ARG B CG  1 
ATOM   1393 C  CD  . ARG A 1 164 ? -6.871  7.832   5.430   1.00 18.94 ? 170 ARG B CD  1 
ATOM   1394 N  NE  . ARG A 1 164 ? -7.881  7.116   4.662   1.00 17.81 ? 170 ARG B NE  1 
ATOM   1395 C  CZ  . ARG A 1 164 ? -8.753  7.721   3.868   1.00 18.26 ? 170 ARG B CZ  1 
ATOM   1396 N  NH1 . ARG A 1 164 ? -8.798  9.034   3.837   1.00 18.23 ? 170 ARG B NH1 1 
ATOM   1397 N  NH2 . ARG A 1 164 ? -9.625  6.998   3.176   1.00 17.02 ? 170 ARG B NH2 1 
ATOM   1398 N  N   . PRO A 1 165 ? -4.354  2.705   5.277   1.00 11.83 ? 171 PRO B N   1 
ATOM   1399 C  CA  . PRO A 1 165 ? -3.711  1.734   4.378   1.00 11.20 ? 171 PRO B CA  1 
ATOM   1400 C  C   . PRO A 1 165 ? -3.534  2.417   3.014   1.00 10.88 ? 171 PRO B C   1 
ATOM   1401 O  O   . PRO A 1 165 ? -4.392  3.202   2.569   1.00 12.29 ? 171 PRO B O   1 
ATOM   1402 C  CB  . PRO A 1 165 ? -4.723  0.592   4.242   1.00 11.57 ? 171 PRO B CB  1 
ATOM   1403 C  CG  . PRO A 1 165 ? -5.536  0.685   5.554   1.00 12.84 ? 171 PRO B CG  1 
ATOM   1404 C  CD  . PRO A 1 165 ? -5.628  2.185   5.805   1.00 13.69 ? 171 PRO B CD  1 
ATOM   1405 N  N   . PHE A 1 166 ? -2.408  2.147   2.368   1.00 10.23 ? 172 PHE B N   1 
ATOM   1406 C  CA  . PHE A 1 166 ? -1.977  2.814   1.118   1.00 10.31 ? 172 PHE B CA  1 
ATOM   1407 C  C   . PHE A 1 166 ? -1.702  1.755   0.042   1.00 10.01 ? 172 PHE B C   1 
ATOM   1408 O  O   . PHE A 1 166 ? -1.009  0.745   0.291   1.00 10.87 ? 172 PHE B O   1 
ATOM   1409 C  CB  . PHE A 1 166 ? -0.712  3.638   1.386   1.00 10.82 ? 172 PHE B CB  1 
ATOM   1410 C  CG  . PHE A 1 166 ? -0.121  4.227   0.125   1.00 11.43 ? 172 PHE B CG  1 
ATOM   1411 C  CD1 . PHE A 1 166 ? -0.678  5.347   -0.459  1.00 12.41 ? 172 PHE B CD1 1 
ATOM   1412 C  CD2 . PHE A 1 166 ? 0.936   3.608   -0.528  1.00 11.87 ? 172 PHE B CD2 1 
ATOM   1413 C  CE1 . PHE A 1 166 ? -0.134  5.877   -1.635  1.00 12.54 ? 172 PHE B CE1 1 
ATOM   1414 C  CE2 . PHE A 1 166 ? 1.460   4.128   -1.705  1.00 12.25 ? 172 PHE B CE2 1 
ATOM   1415 C  CZ  . PHE A 1 166 ? 0.926   5.261   -2.244  1.00 13.03 ? 172 PHE B CZ  1 
ATOM   1416 N  N   . PHE A 1 167 ? -2.115  2.057   -1.210  1.00 11.16 ? 173 PHE B N   1 
ATOM   1417 C  CA  . PHE A 1 167 ? -2.032  1.124   -2.352  1.00 10.34 ? 173 PHE B CA  1 
ATOM   1418 C  C   . PHE A 1 167 ? -1.637  1.913   -3.607  1.00 10.77 ? 173 PHE B C   1 
ATOM   1419 O  O   . PHE A 1 167 ? -2.241  2.968   -3.839  1.00 12.79 ? 173 PHE B O   1 
ATOM   1420 C  CB  . PHE A 1 167 ? -3.360  0.388   -2.623  1.00 10.95 ? 173 PHE B CB  1 
ATOM   1421 C  CG  . PHE A 1 167 ? -3.926  -0.281  -1.390  1.00 11.04 ? 173 PHE B CG  1 
ATOM   1422 C  CD1 . PHE A 1 167 ? -4.732  0.436   -0.511  1.00 11.03 ? 173 PHE B CD1 1 
ATOM   1423 C  CD2 . PHE A 1 167 ? -3.664  -1.617  -1.106  1.00 13.08 ? 173 PHE B CD2 1 
ATOM   1424 C  CE1 . PHE A 1 167 ? -5.212  -0.149  0.656   1.00 11.55 ? 173 PHE B CE1 1 
ATOM   1425 C  CE2 . PHE A 1 167 ? -4.194  -2.214  0.027   1.00 12.98 ? 173 PHE B CE2 1 
ATOM   1426 C  CZ  . PHE A 1 167 ? -4.961  -1.472  0.904   1.00 13.27 ? 173 PHE B CZ  1 
ATOM   1427 N  N   . ASN A 1 168 ? -0.790  1.323   -4.431  1.00 11.25 ? 174 ASN B N   1 
ATOM   1428 C  CA  . ASN A 1 168 ? -0.514  1.817   -5.803  1.00 11.50 ? 174 ASN B CA  1 
ATOM   1429 C  C   . ASN A 1 168 ? -0.507  0.593   -6.720  1.00 11.79 ? 174 ASN B C   1 
ATOM   1430 O  O   . ASN A 1 168 ? 0.325   -0.306  -6.523  1.00 12.72 ? 174 ASN B O   1 
ATOM   1431 C  CB  . ASN A 1 168 ? 0.808   2.567   -5.899  1.00 11.63 ? 174 ASN B CB  1 
ATOM   1432 C  CG  . ASN A 1 168 ? 1.025   3.190   -7.263  1.00 14.25 ? 174 ASN B CG  1 
ATOM   1433 O  OD1 . ASN A 1 168 ? 0.236   3.022   -8.178  1.00 14.46 ? 174 ASN B OD1 1 
ATOM   1434 N  ND2 . ASN A 1 168 ? 2.087   3.953   -7.369  1.00 15.98 ? 174 ASN B ND2 1 
ATOM   1435 N  N   . VAL A 1 169 ? -1.461  0.504   -7.663  1.00 11.96 ? 175 VAL B N   1 
ATOM   1436 C  CA  . VAL A 1 169 ? -1.516  -0.672  -8.582  1.00 11.91 ? 175 VAL B CA  1 
ATOM   1437 C  C   . VAL A 1 169 ? -0.431  -0.573  -9.667  1.00 13.13 ? 175 VAL B C   1 
ATOM   1438 O  O   . VAL A 1 169 ? -0.223  -1.580  -10.390 1.00 13.86 ? 175 VAL B O   1 
ATOM   1439 C  CB  . VAL A 1 169 ? -2.902  -0.880  -9.229  1.00 13.27 ? 175 VAL B CB  1 
ATOM   1440 C  CG1 . VAL A 1 169 ? -3.962  -1.096  -8.189  1.00 14.33 ? 175 VAL B CG1 1 
ATOM   1441 C  CG2 . VAL A 1 169 ? -3.286  0.302   -10.119 1.00 13.69 ? 175 VAL B CG2 1 
ATOM   1442 N  N   . GLY A 1 170 ? 0.215   0.595   -9.768  1.00 13.83 ? 176 GLY B N   1 
ATOM   1443 C  CA  . GLY A 1 170 ? 1.223   0.860   -10.813 1.00 15.87 ? 176 GLY B CA  1 
ATOM   1444 C  C   . GLY A 1 170 ? 0.652   1.130   -12.181 1.00 15.51 ? 176 GLY B C   1 
ATOM   1445 O  O   . GLY A 1 170 ? -0.514  0.816   -12.469 1.00 14.17 ? 176 GLY B O   1 
ATOM   1446 N  N   . PHE A 1 171 ? 1.516   1.695   -13.030 0.22 15.62 ? 177 PHE B N   1 
ATOM   1447 C  CA  . PHE A 1 171 ? 1.283   1.973   -14.469 0.22 15.37 ? 177 PHE B CA  1 
ATOM   1448 C  C   . PHE A 1 171 ? 1.153   0.640   -15.217 0.22 14.99 ? 177 PHE B C   1 
ATOM   1449 O  O   . PHE A 1 171 ? 1.626   -0.382  -14.680 0.22 14.64 ? 177 PHE B O   1 
ATOM   1450 C  CB  . PHE A 1 171 ? 2.436   2.803   -15.050 0.22 15.56 ? 177 PHE B CB  1 
ATOM   1451 C  CG  . PHE A 1 171 ? 2.838   4.041   -14.280 0.22 15.65 ? 177 PHE B CG  1 
ATOM   1452 C  CD1 . PHE A 1 171 ? 1.903   5.007   -13.939 0.22 15.61 ? 177 PHE B CD1 1 
ATOM   1453 C  CD2 . PHE A 1 171 ? 4.167   4.270   -13.947 0.22 16.09 ? 177 PHE B CD2 1 
ATOM   1454 C  CE1 . PHE A 1 171 ? 2.282   6.149   -13.247 0.22 16.00 ? 177 PHE B CE1 1 
ATOM   1455 C  CE2 . PHE A 1 171 ? 4.546   5.415   -13.259 0.22 16.47 ? 177 PHE B CE2 1 
ATOM   1456 C  CZ  . PHE A 1 171 ? 3.603   6.353   -12.910 0.22 15.79 ? 177 PHE B CZ  1 
ATOM   1457 N  N   . ASN A 1 172 ? 0.553   0.638   -16.412 1.00 15.27 ? 178 ASN B N   1 
ATOM   1458 C  CA  . ASN A 1 172 ? 0.529   -0.583  -17.248 1.00 13.19 ? 178 ASN B CA  1 
ATOM   1459 C  C   . ASN A 1 172 ? 0.966   -0.152  -18.657 1.00 13.43 ? 178 ASN B C   1 
ATOM   1460 O  O   . ASN A 1 172 ? 0.314   -0.521  -19.615 1.00 15.46 ? 178 ASN B O   1 
ATOM   1461 C  CB  . ASN A 1 172 ? -0.823  -1.261  -17.207 1.00 14.08 ? 178 ASN B CB  1 
ATOM   1462 C  CG  . ASN A 1 172 ? -0.828  -2.557  -17.963 1.00 14.08 ? 178 ASN B CG  1 
ATOM   1463 O  OD1 . ASN A 1 172 ? 0.174   -3.274  -18.015 1.00 14.31 ? 178 ASN B OD1 1 
ATOM   1464 N  ND2 . ASN A 1 172 ? -1.975  -2.909  -18.502 1.00 16.14 ? 178 ASN B ND2 1 
ATOM   1465 N  N   . TYR A 1 173 ? 2.102   0.493   -18.749 1.00 14.20 ? 179 TYR B N   1 
ATOM   1466 C  CA  . TYR A 1 173 ? 2.690   0.867   -20.070 1.00 12.86 ? 179 TYR B CA  1 
ATOM   1467 C  C   . TYR A 1 173 ? 3.076   -0.414  -20.827 1.00 15.07 ? 179 TYR B C   1 
ATOM   1468 O  O   . TYR A 1 173 ? 3.069   -0.408  -22.092 1.00 16.70 ? 179 TYR B O   1 
ATOM   1469 C  CB  . TYR A 1 173 ? 3.910   1.769   -19.861 1.00 14.31 ? 179 TYR B CB  1 
ATOM   1470 C  CG  . TYR A 1 173 ? 3.607   3.136   -19.323 1.00 16.45 ? 179 TYR B CG  1 
ATOM   1471 C  CD1 . TYR A 1 173 ? 2.951   4.076   -20.092 1.00 22.51 ? 179 TYR B CD1 1 
ATOM   1472 C  CD2 . TYR A 1 173 ? 4.033   3.496   -18.056 1.00 19.32 ? 179 TYR B CD2 1 
ATOM   1473 C  CE1 . TYR A 1 173 ? 2.623   5.326   -19.581 1.00 24.27 ? 179 TYR B CE1 1 
ATOM   1474 C  CE2 . TYR A 1 173 ? 3.728   4.749   -17.541 1.00 20.13 ? 179 TYR B CE2 1 
ATOM   1475 C  CZ  . TYR A 1 173 ? 3.019   5.655   -18.297 1.00 23.23 ? 179 TYR B CZ  1 
ATOM   1476 O  OH  . TYR A 1 173 ? 2.774   6.913   -17.780 1.00 28.13 ? 179 TYR B OH  1 
ATOM   1477 N  N   . SER A 1 174 ? 3.484   -1.458  -20.140 1.00 13.74 ? 180 SER B N   1 
ATOM   1478 C  CA  . SER A 1 174 ? 4.079   -2.695  -20.718 1.00 14.88 ? 180 SER B CA  1 
ATOM   1479 C  C   . SER A 1 174 ? 2.990   -3.640  -21.208 1.00 15.17 ? 180 SER B C   1 
ATOM   1480 O  O   . SER A 1 174 ? 3.338   -4.609  -21.933 1.00 15.40 ? 180 SER B O   1 
ATOM   1481 C  CB  . SER A 1 174 ? 4.913   -3.449  -19.728 1.00 15.13 ? 180 SER B CB  1 
ATOM   1482 O  OG  . SER A 1 174 ? 4.114   -3.904  -18.639 1.00 15.99 ? 180 SER B OG  1 
ATOM   1483 N  N   . GLY A 1 175 ? 1.758   -3.475  -20.722 1.00 14.31 ? 181 GLY B N   1 
ATOM   1484 C  CA  . GLY A 1 175 ? 0.734   -4.506  -20.960 1.00 14.96 ? 181 GLY B CA  1 
ATOM   1485 C  C   . GLY A 1 175 ? 0.893   -5.726  -20.084 1.00 16.28 ? 181 GLY B C   1 
ATOM   1486 O  O   . GLY A 1 175 ? 0.085   -6.662  -20.259 1.00 18.54 ? 181 GLY B O   1 
ATOM   1487 N  N   . GLY A 1 176 ? 1.883   -5.758  -19.180 1.00 14.79 ? 182 GLY B N   1 
ATOM   1488 C  CA  . GLY A 1 176 ? 2.101   -6.901  -18.288 1.00 14.64 ? 182 GLY B CA  1 
ATOM   1489 C  C   . GLY A 1 176 ? 1.721   -6.614  -16.837 1.00 15.16 ? 182 GLY B C   1 
ATOM   1490 O  O   . GLY A 1 176 ? 1.949   -7.533  -16.000 1.00 16.80 ? 182 GLY B O   1 
ATOM   1491 N  N   . ASN A 1 177 ? 1.124   -5.451  -16.563 1.00 12.48 ? 183 ASN B N   1 
ATOM   1492 C  CA  . ASN A 1 177 ? 0.789   -5.075  -15.177 1.00 12.92 ? 183 ASN B CA  1 
ATOM   1493 C  C   . ASN A 1 177 ? -0.692  -4.766  -14.958 1.00 12.80 ? 183 ASN B C   1 
ATOM   1494 O  O   . ASN A 1 177 ? -1.013  -4.042  -14.015 1.00 14.46 ? 183 ASN B O   1 
ATOM   1495 C  CB  . ASN A 1 177 ? 1.633   -3.892  -14.717 1.00 13.16 ? 183 ASN B CB  1 
ATOM   1496 C  CG  . ASN A 1 177 ? 1.635   -3.767  -13.207 1.00 13.28 ? 183 ASN B CG  1 
ATOM   1497 O  OD1 . ASN A 1 177 ? 1.686   -4.761  -12.510 1.00 14.09 ? 183 ASN B OD1 1 
ATOM   1498 N  ND2 . ASN A 1 177 ? 1.629   -2.524  -12.729 1.00 13.45 ? 183 ASN B ND2 1 
ATOM   1499 N  N   . ALA A 1 178 ? -1.602  -5.440  -15.665 1.00 13.40 ? 184 ALA B N   1 
ATOM   1500 C  CA  . ALA A 1 178 ? -3.055  -5.167  -15.527 1.00 14.69 ? 184 ALA B CA  1 
ATOM   1501 C  C   . ALA A 1 178 ? -3.648  -5.814  -14.277 1.00 14.71 ? 184 ALA B C   1 
ATOM   1502 O  O   . ALA A 1 178 ? -4.759  -5.391  -13.896 1.00 15.91 ? 184 ALA B O   1 
ATOM   1503 C  CB  . ALA A 1 178 ? -3.802  -5.674  -16.761 1.00 14.92 ? 184 ALA B CB  1 
ATOM   1504 N  N   . ALA A 1 179 ? -2.986  -6.825  -13.713 1.00 14.40 ? 185 ALA B N   1 
ATOM   1505 C  CA  . ALA A 1 179 ? -3.588  -7.612  -12.610 1.00 14.83 ? 185 ALA B CA  1 
ATOM   1506 C  C   . ALA A 1 179 ? -3.941  -6.704  -11.429 1.00 15.03 ? 185 ALA B C   1 
ATOM   1507 O  O   . ALA A 1 179 ? -3.250  -5.715  -11.150 1.00 13.75 ? 185 ALA B O   1 
ATOM   1508 C  CB  . ALA A 1 179 ? -2.713  -8.759  -12.200 1.00 14.62 ? 185 ALA B CB  1 
ATOM   1509 N  N   . PRO A 1 180 ? -4.994  -7.064  -10.661 1.00 14.04 ? 186 PRO B N   1 
ATOM   1510 C  CA  . PRO A 1 180 ? -5.427  -6.265  -9.511  1.00 14.62 ? 186 PRO B CA  1 
ATOM   1511 C  C   . PRO A 1 180 ? -4.534  -6.462  -8.256  1.00 12.95 ? 186 PRO B C   1 
ATOM   1512 O  O   . PRO A 1 180 ? -3.782  -7.459  -8.185  1.00 13.78 ? 186 PRO B O   1 
ATOM   1513 C  CB  . PRO A 1 180 ? -6.822  -6.856  -9.214  1.00 15.57 ? 186 PRO B CB  1 
ATOM   1514 C  CG  . PRO A 1 180 ? -6.741  -8.278  -9.669  1.00 17.00 ? 186 PRO B CG  1 
ATOM   1515 C  CD  . PRO A 1 180 ? -5.891  -8.209  -10.928 1.00 16.48 ? 186 PRO B CD  1 
ATOM   1516 N  N   . LEU A 1 181 ? -4.581  -5.496  -7.337  1.00 13.12 ? 187 LEU B N   1 
ATOM   1517 C  CA  . LEU A 1 181 ? -4.289  -5.743  -5.911  1.00 12.74 ? 187 LEU B CA  1 
ATOM   1518 C  C   . LEU A 1 181 ? -5.579  -6.269  -5.271  1.00 13.19 ? 187 LEU B C   1 
ATOM   1519 O  O   . LEU A 1 181 ? -6.661  -5.668  -5.486  1.00 15.12 ? 187 LEU B O   1 
ATOM   1520 C  CB  . LEU A 1 181 ? -3.803  -4.451  -5.271  1.00 13.61 ? 187 LEU B CB  1 
ATOM   1521 C  CG  . LEU A 1 181 ? -2.472  -3.890  -5.775  1.00 15.20 ? 187 LEU B CG  1 
ATOM   1522 C  CD1 . LEU A 1 181 ? -2.173  -2.551  -5.149  1.00 16.54 ? 187 LEU B CD1 1 
ATOM   1523 C  CD2 . LEU A 1 181 ? -1.324  -4.873  -5.520  1.00 16.10 ? 187 LEU B CD2 1 
ATOM   1524 N  N   . LYS A 1 182 ? -5.479  -7.269  -4.411  1.00 13.33 ? 188 LYS B N   1 
ATOM   1525 C  CA  . LYS A 1 182 ? -6.650  -7.834  -3.699  1.00 14.45 ? 188 LYS B CA  1 
ATOM   1526 C  C   . LYS A 1 182 ? -6.369  -7.922  -2.215  1.00 14.79 ? 188 LYS B C   1 
ATOM   1527 O  O   . LYS A 1 182 ? -5.328  -8.531  -1.842  1.00 15.04 ? 188 LYS B O   1 
ATOM   1528 C  CB  . LYS A 1 182 ? -7.031  -9.225  -4.227  1.00 16.85 ? 188 LYS B CB  1 
ATOM   1529 C  CG  . LYS A 1 182 ? -7.147  -9.362  -5.736  1.00 20.63 ? 188 LYS B CG  1 
ATOM   1530 C  CD  . LYS A 1 182 ? -7.768  -10.697 -6.127  1.00 26.49 ? 188 LYS B CD  1 
ATOM   1531 C  CE  . LYS A 1 182 ? -7.612  -11.024 -7.589  1.00 32.39 ? 188 LYS B CE  1 
ATOM   1532 N  NZ  . LYS A 1 182 ? -7.994  -12.434 -7.847  1.00 37.44 ? 188 LYS B NZ  1 
ATOM   1533 N  N   . LEU A 1 183 ? -7.291  -7.447  -1.406  1.00 15.37 ? 189 LEU B N   1 
ATOM   1534 C  CA  . LEU A 1 183 ? -7.233  -7.681  0.056   1.00 15.17 ? 189 LEU B CA  1 
ATOM   1535 C  C   . LEU A 1 183 ? -7.675  -9.103  0.347   1.00 17.17 ? 189 LEU B C   1 
ATOM   1536 O  O   . LEU A 1 183 ? -8.807  -9.475  -0.030  1.00 19.72 ? 189 LEU B O   1 
ATOM   1537 C  CB  . LEU A 1 183 ? -8.071  -6.621  0.765   1.00 15.50 ? 189 LEU B CB  1 
ATOM   1538 C  CG  . LEU A 1 183 ? -7.382  -5.259  0.823   1.00 16.84 ? 189 LEU B CG  1 
ATOM   1539 C  CD1 . LEU A 1 183 ? -8.344  -4.098  0.938   1.00 21.16 ? 189 LEU B CD1 1 
ATOM   1540 C  CD2 . LEU A 1 183 ? -6.331  -5.212  1.930   1.00 15.63 ? 189 LEU B CD2 1 
ATOM   1541 N  N   . CYS A 1 184 ? -6.779  -9.894  0.939   1.00 17.89 ? 190 CYS B N   1 
ATOM   1542 C  CA  . CYS A 1 184 ? -6.975  -11.355 1.185   1.00 19.87 ? 190 CYS B CA  1 
ATOM   1543 C  C   . CYS A 1 184 ? -7.839  -11.569 2.404   1.00 22.19 ? 190 CYS B C   1 
ATOM   1544 O  O   . CYS A 1 184 ? -7.755  -10.837 3.367   1.00 21.56 ? 190 CYS B O   1 
ATOM   1545 C  CB  . CYS A 1 184 ? -5.696  -12.078 1.565   1.00 22.64 ? 190 CYS B CB  1 
ATOM   1546 S  SG  . CYS A 1 184 ? -4.302  -11.760 0.486   1.00 23.95 ? 190 CYS B SG  1 
ATOM   1547 N  N   . PRO A 1 185 ? -8.671  -12.625 2.397   1.00 26.28 ? 191 PRO B N   1 
ATOM   1548 C  CA  . PRO A 1 185 ? -9.525  -12.904 3.533   1.00 31.38 ? 191 PRO B CA  1 
ATOM   1549 C  C   . PRO A 1 185 ? -8.678  -13.311 4.740   1.00 29.42 ? 191 PRO B C   1 
ATOM   1550 O  O   . PRO A 1 185 ? -7.591  -13.878 4.569   1.00 30.52 ? 191 PRO B O   1 
ATOM   1551 C  CB  . PRO A 1 185 ? -10.450 -14.008 2.981   1.00 31.44 ? 191 PRO B CB  1 
ATOM   1552 C  CG  . PRO A 1 185 ? -9.646  -14.676 1.919   1.00 32.30 ? 191 PRO B CG  1 
ATOM   1553 C  CD  . PRO A 1 185 ? -8.855  -13.564 1.276   1.00 29.57 ? 191 PRO B CD  1 
ATOM   1554 N  N   . LEU A 1 186 ? -9.229  -12.981 5.902   1.00 34.35 ? 192 LEU B N   1 
ATOM   1555 C  CA  . LEU A 1 186 ? -8.840  -13.366 7.285   1.00 40.45 ? 192 LEU B CA  1 
ATOM   1556 C  C   . LEU A 1 186 ? -8.996  -14.875 7.476   1.00 45.67 ? 192 LEU B C   1 
ATOM   1557 O  O   . LEU A 1 186 ? -8.219  -15.441 8.254   1.00 51.31 ? 192 LEU B O   1 
ATOM   1558 C  CB  . LEU A 1 186 ? -9.775  -12.612 8.240   1.00 38.81 ? 192 LEU B CB  1 
HETATM 1559 N  N1  . B1J B 2 .   ? -1.469  4.716   -16.696 0.22 22.57 ? 201 B1J B N1  1 
HETATM 1560 N  N3  . B1J B 2 .   ? -0.430  3.900   -16.407 0.22 22.48 ? 201 B1J B N3  1 
HETATM 1561 C  C4  . B1J B 2 .   ? -1.050  7.821   -14.728 0.22 24.68 ? 201 B1J B C4  1 
HETATM 1562 C  C5  . B1J B 2 .   ? -0.763  6.729   -15.528 0.22 23.62 ? 201 B1J B C5  1 
HETATM 1563 C  C6  . B1J B 2 .   ? -1.768  5.836   -15.856 0.22 23.42 ? 201 B1J B C6  1 
HETATM 1564 C  C7  . B1J B 2 .   ? -2.076  4.315   -17.838 0.22 22.61 ? 201 B1J B C7  1 
HETATM 1565 C  C8  . B1J B 2 .   ? -1.387  3.212   -18.245 0.22 22.61 ? 201 B1J B C8  1 
HETATM 1566 C  C1  . B1J B 2 .   ? -3.060  6.035   -15.398 0.22 23.72 ? 201 B1J B C1  1 
HETATM 1567 C  C2  . B1J B 2 .   ? -3.346  7.132   -14.599 0.22 24.37 ? 201 B1J B C2  1 
HETATM 1568 C  C3  . B1J B 2 .   ? -2.335  8.009   -14.271 0.22 25.11 ? 201 B1J B C3  1 
HETATM 1569 N  N2  . B1J B 2 .   ? -0.391  2.984   -17.345 0.22 22.17 ? 201 B1J B N2  1 
HETATM 1570 C  C9  . B1J B 2 .   ? -1.594  2.337   -19.442 0.22 22.69 ? 201 B1J B C9  1 
HETATM 1571 O  O1  . B1J B 2 .   ? -2.529  1.298   -19.195 0.22 22.52 ? 201 B1J B O1  1 
HETATM 1572 CL CL1 . B1J B 2 .   ? -2.689  9.391   -13.270 0.22 25.47 ? 201 B1J B CL1 1 
HETATM 1573 C  C1  . EDO C 3 .   ? 2.562   20.115  -14.499 1.00 40.80 ? 202 EDO B C1  1 
HETATM 1574 O  O1  . EDO C 3 .   ? 1.899   19.219  -13.634 1.00 36.09 ? 202 EDO B O1  1 
HETATM 1575 C  C2  . EDO C 3 .   ? 3.734   19.485  -15.112 1.00 40.58 ? 202 EDO B C2  1 
HETATM 1576 O  O2  . EDO C 3 .   ? 3.358   18.409  -15.936 1.00 46.91 ? 202 EDO B O2  1 
HETATM 1577 S  S   . SO4 D 4 .   ? 9.723   15.135  -3.105  1.00 41.95 ? 203 SO4 B S   1 
HETATM 1578 O  O1  . SO4 D 4 .   ? 8.346   14.831  -2.878  1.00 27.74 ? 203 SO4 B O1  1 
HETATM 1579 O  O2  . SO4 D 4 .   ? 9.863   16.532  -3.361  1.00 45.45 ? 203 SO4 B O2  1 
HETATM 1580 O  O3  . SO4 D 4 .   ? 10.491  14.778  -1.931  1.00 46.91 ? 203 SO4 B O3  1 
HETATM 1581 O  O4  . SO4 D 4 .   ? 10.236  14.393  -4.234  1.00 43.95 ? 203 SO4 B O4  1 
HETATM 1582 O  O   . HOH E 5 .   ? 13.482  -1.075  -8.345  1.00 32.48 ? 301 HOH B O   1 
HETATM 1583 O  O   . HOH E 5 .   ? -14.298 2.395   -8.521  1.00 22.98 ? 302 HOH B O   1 
HETATM 1584 O  O   . HOH E 5 .   ? 2.695   17.577  -11.852 1.00 23.98 ? 303 HOH B O   1 
HETATM 1585 O  O   . HOH E 5 .   ? -16.467 -0.339  -9.887  1.00 25.27 ? 304 HOH B O   1 
HETATM 1586 O  O   . HOH E 5 .   ? 9.014   -6.093  -12.174 1.00 17.19 ? 305 HOH B O   1 
HETATM 1587 O  O   . HOH E 5 .   ? -4.997  3.010   -21.835 1.00 35.61 ? 306 HOH B O   1 
HETATM 1588 O  O   . HOH E 5 .   ? -1.781  -1.494  -13.381 1.00 16.72 ? 307 HOH B O   1 
HETATM 1589 O  O   . HOH E 5 .   ? 15.699  -2.867  -10.913 1.00 29.86 ? 308 HOH B O   1 
HETATM 1590 O  O   . HOH E 5 .   ? -11.692 5.688   -9.875  1.00 20.68 ? 309 HOH B O   1 
HETATM 1591 O  O   . HOH E 5 .   ? -0.585  12.835  -7.387  1.00 15.83 ? 310 HOH B O   1 
HETATM 1592 O  O   . HOH E 5 .   ? -3.927  -2.858  -12.146 1.00 14.95 ? 311 HOH B O   1 
HETATM 1593 O  O   . HOH E 5 .   ? -0.350  -8.192  -14.438 1.00 18.15 ? 312 HOH B O   1 
HETATM 1594 O  O   . HOH E 5 .   ? 4.159   18.410  -9.339  1.00 29.61 ? 313 HOH B O   1 
HETATM 1595 O  O   . HOH E 5 .   ? 8.473   -2.544  -13.722 1.00 22.61 ? 314 HOH B O   1 
HETATM 1596 O  O   . HOH E 5 .   ? 4.063   -8.849  -7.849  1.00 15.02 ? 315 HOH B O   1 
HETATM 1597 O  O   . HOH E 5 .   ? -1.190  -7.585  -17.757 1.00 18.25 ? 316 HOH B O   1 
HETATM 1598 O  O   . HOH E 5 .   ? 3.513   5.069   -9.740  1.00 31.52 ? 317 HOH B O   1 
HETATM 1599 O  O   . HOH E 5 .   ? -11.389 0.085   -18.552 1.00 29.53 ? 318 HOH B O   1 
HETATM 1600 O  O   . HOH E 5 .   ? 9.574   -10.245 -9.137  1.00 31.86 ? 319 HOH B O   1 
# 
